data_7JX4
# 
_entry.id   7JX4 
# 
_audit_conform.dict_name       mmcif_pdbx.dic 
_audit_conform.dict_version    5.381 
_audit_conform.dict_location   http://mmcif.pdb.org/dictionaries/ascii/mmcif_pdbx.dic 
# 
loop_
_database_2.database_id 
_database_2.database_code 
_database_2.pdbx_database_accession 
_database_2.pdbx_DOI 
PDB   7JX4         pdb_00007jx4 10.2210/pdb7jx4/pdb 
WWPDB D_1000251518 ?            ?                   
# 
_pdbx_database_related.db_name        PDB 
_pdbx_database_related.details        . 
_pdbx_database_related.db_id          6w47 
_pdbx_database_related.content_type   unspecified 
# 
_pdbx_database_status.status_code                     REL 
_pdbx_database_status.status_code_sf                  REL 
_pdbx_database_status.status_code_mr                  ? 
_pdbx_database_status.entry_id                        7JX4 
_pdbx_database_status.recvd_initial_deposition_date   2020-08-26 
_pdbx_database_status.SG_entry                        N 
_pdbx_database_status.deposit_site                    RCSB 
_pdbx_database_status.process_site                    RCSB 
_pdbx_database_status.status_code_cs                  ? 
_pdbx_database_status.status_code_nmr_data            ? 
_pdbx_database_status.methods_development_category    ? 
_pdbx_database_status.pdb_format_compatible           Y 
# 
loop_
_audit_author.name 
_audit_author.pdbx_ordinal 
_audit_author.identifier_ORCID 
'Yu, M.S.'      1 ? 
'Whitby, F.G.'  2 ? 
'Hill, C.P.'    3 ? 
'Kessler, J.L.' 4 ? 
'Yang, L.D.'    5 ? 
# 
_citation.abstract                  ? 
_citation.abstract_id_CAS           ? 
_citation.book_id_ISBN              ? 
_citation.book_publisher            ? 
_citation.book_publisher_city       ? 
_citation.book_title                ? 
_citation.coordinate_linkage        ? 
_citation.country                   US 
_citation.database_id_Medline       ? 
_citation.details                   ? 
_citation.id                        primary 
_citation.journal_abbrev            J.Am.Chem.Soc. 
_citation.journal_id_ASTM           JACSAT 
_citation.journal_id_CSD            ? 
_citation.journal_id_ISSN           1520-5126 
_citation.journal_full              ? 
_citation.journal_issue             ? 
_citation.journal_volume            143 
_citation.language                  ? 
_citation.page_first                10910 
_citation.page_last                 10919 
_citation.title                     'Peptoid Residues Make Diverse, Hyperstable Collagen Triple-Helices.' 
_citation.year                      2021 
_citation.database_id_CSD           ? 
_citation.pdbx_database_id_DOI      10.1021/jacs.1c00708 
_citation.pdbx_database_id_PubMed   34255504 
_citation.unpublished_flag          ? 
# 
loop_
_citation_author.citation_id 
_citation_author.name 
_citation_author.ordinal 
_citation_author.identifier_ORCID 
primary 'Kessler, J.L.'  1 ? 
primary 'Kang, G.'       2 ? 
primary 'Qin, Z.'        3 ? 
primary 'Kang, H.'       4 ? 
primary 'Whitby, F.G.'   5 ? 
primary 'Cheatham, T.E.' 6 ? 
primary 'Hill, C.P.'     7 ? 
primary 'Li, Y.'         8 ? 
primary 'Yu, S.M.'       9 ? 
# 
_cell.angle_alpha                  90.000 
_cell.angle_alpha_esd              ? 
_cell.angle_beta                   98.720 
_cell.angle_beta_esd               ? 
_cell.angle_gamma                  90.000 
_cell.angle_gamma_esd              ? 
_cell.entry_id                     7JX4 
_cell.details                      ? 
_cell.formula_units_Z              ? 
_cell.length_a                     72.365 
_cell.length_a_esd                 ? 
_cell.length_b                     24.756 
_cell.length_b_esd                 ? 
_cell.length_c                     25.357 
_cell.length_c_esd                 ? 
_cell.volume                       ? 
_cell.volume_esd                   ? 
_cell.Z_PDB                        12 
_cell.reciprocal_angle_alpha       ? 
_cell.reciprocal_angle_beta        ? 
_cell.reciprocal_angle_gamma       ? 
_cell.reciprocal_angle_alpha_esd   ? 
_cell.reciprocal_angle_beta_esd    ? 
_cell.reciprocal_angle_gamma_esd   ? 
_cell.reciprocal_length_a          ? 
_cell.reciprocal_length_b          ? 
_cell.reciprocal_length_c          ? 
_cell.reciprocal_length_a_esd      ? 
_cell.reciprocal_length_b_esd      ? 
_cell.reciprocal_length_c_esd      ? 
_cell.pdbx_unique_axis             ? 
# 
_symmetry.entry_id                         7JX4 
_symmetry.cell_setting                     ? 
_symmetry.Int_Tables_number                5 
_symmetry.space_group_name_Hall            ? 
_symmetry.space_group_name_H-M             'C 1 2 1' 
_symmetry.pdbx_full_space_group_name_H-M   ? 
# 
loop_
_entity.id 
_entity.type 
_entity.src_method 
_entity.pdbx_description 
_entity.formula_weight 
_entity.pdbx_number_of_molecules 
_entity.pdbx_ec 
_entity.pdbx_mutation 
_entity.pdbx_fragment 
_entity.details 
1 polymer syn 'Collagen mimetic peptide with N-Lysine guest' 1944.088 3   ? 'P11(NLY)' ? ? 
2 water   nat water                                          18.015   115 ? ?          ? ? 
# 
_entity_poly.entity_id                      1 
_entity_poly.type                           'polypeptide(L)' 
_entity_poly.nstd_linkage                   no 
_entity_poly.nstd_monomer                   yes 
_entity_poly.pdbx_seq_one_letter_code       '(ACE)GP(HYP)GP(HYP)GP(HYP)G(NLY)(HYP)GP(HYP)GP(HYP)GP(HYP)(NH2)' 
_entity_poly.pdbx_seq_one_letter_code_can   XGPPGPPGPPGXPGPPGPPGPPX 
_entity_poly.pdbx_strand_id                 A,B,C 
_entity_poly.pdbx_target_identifier         ? 
# 
loop_
_entity_poly_seq.entity_id 
_entity_poly_seq.num 
_entity_poly_seq.mon_id 
_entity_poly_seq.hetero 
1 1  ACE n 
1 2  GLY n 
1 3  PRO n 
1 4  HYP n 
1 5  GLY n 
1 6  PRO n 
1 7  HYP n 
1 8  GLY n 
1 9  PRO n 
1 10 HYP n 
1 11 GLY n 
1 12 NLY n 
1 13 HYP n 
1 14 GLY n 
1 15 PRO n 
1 16 HYP n 
1 17 GLY n 
1 18 PRO n 
1 19 HYP n 
1 20 GLY n 
1 21 PRO n 
1 22 HYP n 
1 23 NH2 n 
# 
_pdbx_entity_src_syn.entity_id              1 
_pdbx_entity_src_syn.pdbx_src_id            1 
_pdbx_entity_src_syn.pdbx_alt_source_flag   sample 
_pdbx_entity_src_syn.pdbx_beg_seq_num       1 
_pdbx_entity_src_syn.pdbx_end_seq_num       23 
_pdbx_entity_src_syn.organism_scientific    'Homo sapiens' 
_pdbx_entity_src_syn.organism_common_name   Human 
_pdbx_entity_src_syn.ncbi_taxonomy_id       9606 
_pdbx_entity_src_syn.details                ? 
# 
_struct_ref.id                         1 
_struct_ref.db_name                    PDB 
_struct_ref.db_code                    7JX4 
_struct_ref.pdbx_db_accession          7JX4 
_struct_ref.pdbx_db_isoform            ? 
_struct_ref.entity_id                  1 
_struct_ref.pdbx_seq_one_letter_code   ? 
_struct_ref.pdbx_align_begin           1 
# 
loop_
_struct_ref_seq.align_id 
_struct_ref_seq.ref_id 
_struct_ref_seq.pdbx_PDB_id_code 
_struct_ref_seq.pdbx_strand_id 
_struct_ref_seq.seq_align_beg 
_struct_ref_seq.pdbx_seq_align_beg_ins_code 
_struct_ref_seq.seq_align_end 
_struct_ref_seq.pdbx_seq_align_end_ins_code 
_struct_ref_seq.pdbx_db_accession 
_struct_ref_seq.db_align_beg 
_struct_ref_seq.pdbx_db_align_beg_ins_code 
_struct_ref_seq.db_align_end 
_struct_ref_seq.pdbx_db_align_end_ins_code 
_struct_ref_seq.pdbx_auth_seq_align_beg 
_struct_ref_seq.pdbx_auth_seq_align_end 
1 1 7JX4 A 1 ? 23 ? 7JX4 0 ? 22 ? 0 22 
2 1 7JX4 B 1 ? 23 ? 7JX4 0 ? 22 ? 0 22 
3 1 7JX4 C 1 ? 23 ? 7JX4 0 ? 22 ? 0 22 
# 
loop_
_chem_comp.id 
_chem_comp.type 
_chem_comp.mon_nstd_flag 
_chem_comp.name 
_chem_comp.pdbx_synonyms 
_chem_comp.formula 
_chem_comp.formula_weight 
ACE non-polymer         . 'ACETYL GROUP'            ?              'C2 H4 O'      44.053  
GLY 'peptide linking'   y GLYCINE                   ?              'C2 H5 N O2'   75.067  
HOH non-polymer         . WATER                     ?              'H2 O'         18.015  
HYP 'L-peptide linking' n 4-HYDROXYPROLINE          HYDROXYPROLINE 'C5 H9 N O3'   131.130 
NH2 non-polymer         . 'AMINO GROUP'             ?              'H2 N'         16.023  
NLY 'peptide linking'   n 'N-(4-aminobutyl)glycine' ?              'C6 H14 N2 O2' 146.188 
PRO 'L-peptide linking' y PROLINE                   ?              'C5 H9 N O2'   115.130 
# 
_exptl.absorpt_coefficient_mu     ? 
_exptl.absorpt_correction_T_max   ? 
_exptl.absorpt_correction_T_min   ? 
_exptl.absorpt_correction_type    ? 
_exptl.absorpt_process_details    ? 
_exptl.entry_id                   7JX4 
_exptl.crystals_number            1 
_exptl.details                    ? 
_exptl.method                     'X-RAY DIFFRACTION' 
_exptl.method_details             ? 
# 
_exptl_crystal.colour                      ? 
_exptl_crystal.density_diffrn              ? 
_exptl_crystal.density_Matthews            1.92 
_exptl_crystal.density_method              ? 
_exptl_crystal.density_percent_sol         36.09 
_exptl_crystal.description                 ? 
_exptl_crystal.F_000                       ? 
_exptl_crystal.id                          1 
_exptl_crystal.preparation                 ? 
_exptl_crystal.size_max                    ? 
_exptl_crystal.size_mid                    ? 
_exptl_crystal.size_min                    ? 
_exptl_crystal.size_rad                    ? 
_exptl_crystal.colour_lustre               ? 
_exptl_crystal.colour_modifier             ? 
_exptl_crystal.colour_primary              ? 
_exptl_crystal.density_meas                ? 
_exptl_crystal.density_meas_esd            ? 
_exptl_crystal.density_meas_gt             ? 
_exptl_crystal.density_meas_lt             ? 
_exptl_crystal.density_meas_temp           ? 
_exptl_crystal.density_meas_temp_esd       ? 
_exptl_crystal.density_meas_temp_gt        ? 
_exptl_crystal.density_meas_temp_lt        ? 
_exptl_crystal.pdbx_crystal_image_url      ? 
_exptl_crystal.pdbx_crystal_image_format   ? 
_exptl_crystal.pdbx_mosaicity              ? 
_exptl_crystal.pdbx_mosaicity_esd          ? 
# 
_exptl_crystal_grow.apparatus       ? 
_exptl_crystal_grow.atmosphere      ? 
_exptl_crystal_grow.crystal_id      1 
_exptl_crystal_grow.details         ? 
_exptl_crystal_grow.method          'VAPOR DIFFUSION, SITTING DROP' 
_exptl_crystal_grow.method_ref      ? 
_exptl_crystal_grow.pH              7.0 
_exptl_crystal_grow.pressure        ? 
_exptl_crystal_grow.pressure_esd    ? 
_exptl_crystal_grow.seeding         ? 
_exptl_crystal_grow.seeding_ref     ? 
_exptl_crystal_grow.temp            294 
_exptl_crystal_grow.temp_details    ? 
_exptl_crystal_grow.temp_esd        ? 
_exptl_crystal_grow.time            ? 
_exptl_crystal_grow.pdbx_details    
;0.3 micor-l protein (NlysX-CMP7 [Ac-(GlyProHyp)3-GlyNlysHyp-(GlyProHyp)3]) in water at 5 mg/ml, mixed with 0.3 micro-l crystallization buffer containing 2.1 M DL-malic acid.
;
_exptl_crystal_grow.pdbx_pH_range   ? 
# 
_diffrn.ambient_environment              ? 
_diffrn.ambient_temp                     100 
_diffrn.ambient_temp_details             ? 
_diffrn.ambient_temp_esd                 ? 
_diffrn.crystal_id                       1 
_diffrn.crystal_support                  ? 
_diffrn.crystal_treatment                ? 
_diffrn.details                          ? 
_diffrn.id                               1 
_diffrn.ambient_pressure                 ? 
_diffrn.ambient_pressure_esd             ? 
_diffrn.ambient_pressure_gt              ? 
_diffrn.ambient_pressure_lt              ? 
_diffrn.ambient_temp_gt                  ? 
_diffrn.ambient_temp_lt                  ? 
_diffrn.pdbx_serial_crystal_experiment   N 
# 
_diffrn_detector.details                      ? 
_diffrn_detector.detector                     PIXEL 
_diffrn_detector.diffrn_id                    1 
_diffrn_detector.type                         'DECTRIS PILATUS3 6M' 
_diffrn_detector.area_resol_mean              ? 
_diffrn_detector.dtime                        ? 
_diffrn_detector.pdbx_frames_total            ? 
_diffrn_detector.pdbx_collection_time_total   ? 
_diffrn_detector.pdbx_collection_date         2018-06-05 
_diffrn_detector.pdbx_frequency               ? 
# 
_diffrn_radiation.collimation                      ? 
_diffrn_radiation.diffrn_id                        1 
_diffrn_radiation.filter_edge                      ? 
_diffrn_radiation.inhomogeneity                    ? 
_diffrn_radiation.monochromator                    ? 
_diffrn_radiation.polarisn_norm                    ? 
_diffrn_radiation.polarisn_ratio                   ? 
_diffrn_radiation.probe                            ? 
_diffrn_radiation.type                             ? 
_diffrn_radiation.xray_symbol                      ? 
_diffrn_radiation.wavelength_id                    1 
_diffrn_radiation.pdbx_monochromatic_or_laue_m_l   M 
_diffrn_radiation.pdbx_wavelength_list             ? 
_diffrn_radiation.pdbx_wavelength                  ? 
_diffrn_radiation.pdbx_diffrn_protocol             'SINGLE WAVELENGTH' 
_diffrn_radiation.pdbx_analyzer                    ? 
_diffrn_radiation.pdbx_scattering_type             x-ray 
# 
_diffrn_radiation_wavelength.id           1 
_diffrn_radiation_wavelength.wavelength   0.7500 
_diffrn_radiation_wavelength.wt           1.0 
# 
_diffrn_source.current                     ? 
_diffrn_source.details                     ? 
_diffrn_source.diffrn_id                   1 
_diffrn_source.power                       ? 
_diffrn_source.size                        ? 
_diffrn_source.source                      SYNCHROTRON 
_diffrn_source.target                      ? 
_diffrn_source.type                        'SSRL BEAMLINE BL12-2' 
_diffrn_source.voltage                     ? 
_diffrn_source.take-off_angle              ? 
_diffrn_source.pdbx_wavelength_list        0.7500 
_diffrn_source.pdbx_wavelength             ? 
_diffrn_source.pdbx_synchrotron_beamline   BL12-2 
_diffrn_source.pdbx_synchrotron_site       SSRL 
# 
_reflns.B_iso_Wilson_estimate            ? 
_reflns.entry_id                         7JX4 
_reflns.data_reduction_details           ? 
_reflns.data_reduction_method            ? 
_reflns.d_resolution_high                0.950 
_reflns.d_resolution_low                 40.000 
_reflns.details                          ? 
_reflns.limit_h_max                      ? 
_reflns.limit_h_min                      ? 
_reflns.limit_k_max                      ? 
_reflns.limit_k_min                      ? 
_reflns.limit_l_max                      ? 
_reflns.limit_l_min                      ? 
_reflns.number_all                       ? 
_reflns.number_obs                       24848 
_reflns.observed_criterion               ? 
_reflns.observed_criterion_F_max         ? 
_reflns.observed_criterion_F_min         ? 
_reflns.observed_criterion_I_max         ? 
_reflns.observed_criterion_I_min         ? 
_reflns.observed_criterion_sigma_F       ? 
_reflns.observed_criterion_sigma_I       ? 
_reflns.percent_possible_obs             88.900 
_reflns.R_free_details                   ? 
_reflns.Rmerge_F_all                     ? 
_reflns.Rmerge_F_obs                     ? 
_reflns.Friedel_coverage                 ? 
_reflns.number_gt                        ? 
_reflns.threshold_expression             ? 
_reflns.pdbx_redundancy                  23.300 
_reflns.pdbx_Rmerge_I_obs                0.096 
_reflns.pdbx_Rmerge_I_all                ? 
_reflns.pdbx_Rsym_value                  ? 
_reflns.pdbx_netI_over_av_sigmaI         ? 
_reflns.pdbx_netI_over_sigmaI            5.300 
_reflns.pdbx_res_netI_over_av_sigmaI_2   ? 
_reflns.pdbx_res_netI_over_sigmaI_2      ? 
_reflns.pdbx_chi_squared                 0.839 
_reflns.pdbx_scaling_rejects             ? 
_reflns.pdbx_d_res_high_opt              ? 
_reflns.pdbx_d_res_low_opt               ? 
_reflns.pdbx_d_res_opt_method            ? 
_reflns.phase_calculation_details        ? 
_reflns.pdbx_Rrim_I_all                  0.098 
_reflns.pdbx_Rpim_I_all                  0.019 
_reflns.pdbx_d_opt                       ? 
_reflns.pdbx_number_measured_all         580055 
_reflns.pdbx_diffrn_id                   1 
_reflns.pdbx_ordinal                     1 
_reflns.pdbx_CC_half                     ? 
_reflns.pdbx_CC_star                     ? 
_reflns.pdbx_R_split                     ? 
# 
loop_
_reflns_shell.d_res_high 
_reflns_shell.d_res_low 
_reflns_shell.meanI_over_sigI_all 
_reflns_shell.meanI_over_sigI_obs 
_reflns_shell.number_measured_all 
_reflns_shell.number_measured_obs 
_reflns_shell.number_possible 
_reflns_shell.number_unique_all 
_reflns_shell.number_unique_obs 
_reflns_shell.percent_possible_all 
_reflns_shell.percent_possible_obs 
_reflns_shell.Rmerge_F_all 
_reflns_shell.Rmerge_F_obs 
_reflns_shell.Rmerge_I_all 
_reflns_shell.Rmerge_I_obs 
_reflns_shell.meanI_over_sigI_gt 
_reflns_shell.meanI_over_uI_all 
_reflns_shell.meanI_over_uI_gt 
_reflns_shell.number_measured_gt 
_reflns_shell.number_unique_gt 
_reflns_shell.percent_possible_gt 
_reflns_shell.Rmerge_F_gt 
_reflns_shell.Rmerge_I_gt 
_reflns_shell.pdbx_redundancy 
_reflns_shell.pdbx_Rsym_value 
_reflns_shell.pdbx_chi_squared 
_reflns_shell.pdbx_netI_over_sigmaI_all 
_reflns_shell.pdbx_netI_over_sigmaI_obs 
_reflns_shell.pdbx_Rrim_I_all 
_reflns_shell.pdbx_Rpim_I_all 
_reflns_shell.pdbx_rejects 
_reflns_shell.pdbx_ordinal 
_reflns_shell.pdbx_diffrn_id 
_reflns_shell.pdbx_CC_half 
_reflns_shell.pdbx_CC_star 
_reflns_shell.pdbx_R_split 
0.950 0.980  ? ? ? ? ? ? 1988 72.300 ? ? ? ? 1.147 ? ? ? ? ? ? ? ? 8.200  ? 0.751 ? ? 1.205 0.344 ? 1  1 0.734 ? ? 
0.980 1.020  ? ? ? ? ? ? 2331 84.700 ? ? ? ? 1.116 ? ? ? ? ? ? ? ? 13.100 ? 0.751 ? ? 1.155 0.285 ? 2  1 0.832 ? ? 
1.020 1.070  ? ? ? ? ? ? 2575 92.400 ? ? ? ? 0.849 ? ? ? ? ? ? ? ? 18.800 ? 0.789 ? ? 0.871 0.189 ? 3  1 0.937 ? ? 
1.070 1.130  ? ? ? ? ? ? 2539 91.000 ? ? ? ? 0.660 ? ? ? ? ? ? ? ? 22.800 ? 0.802 ? ? 0.675 0.137 ? 4  1 0.962 ? ? 
1.130 1.200  ? ? ? ? ? ? 2435 88.100 ? ? ? ? 0.433 ? ? ? ? ? ? ? ? 25.700 ? 0.865 ? ? 0.442 0.085 ? 5  1 0.984 ? ? 
1.200 1.290  ? ? ? ? ? ? 2604 93.200 ? ? ? ? 0.354 ? ? ? ? ? ? ? ? 28.000 ? 0.857 ? ? 0.361 0.067 ? 6  1 0.993 ? ? 
1.290 1.420  ? ? ? ? ? ? 2569 91.700 ? ? ? ? 0.232 ? ? ? ? ? ? ? ? 27.700 ? 0.885 ? ? 0.237 0.044 ? 7  1 0.997 ? ? 
1.420 1.620  ? ? ? ? ? ? 2572 91.900 ? ? ? ? 0.139 ? ? ? ? ? ? ? ? 28.400 ? 0.856 ? ? 0.142 0.026 ? 8  1 0.999 ? ? 
1.620 2.050  ? ? ? ? ? ? 2549 90.300 ? ? ? ? 0.075 ? ? ? ? ? ? ? ? 28.000 ? 0.862 ? ? 0.076 0.014 ? 9  1 1.000 ? ? 
2.050 40.000 ? ? ? ? ? ? 2686 93.100 ? ? ? ? 0.045 ? ? ? ? ? ? ? ? 28.200 ? 0.832 ? ? 0.046 0.009 ? 10 1 1.000 ? ? 
# 
_refine.aniso_B[1][1]                            0.8200 
_refine.aniso_B[1][2]                            0.0000 
_refine.aniso_B[1][3]                            0.0300 
_refine.aniso_B[2][2]                            -0.3100 
_refine.aniso_B[2][3]                            0.0000 
_refine.aniso_B[3][3]                            -0.4900 
_refine.B_iso_max                                38.230 
_refine.B_iso_mean                               10.4060 
_refine.B_iso_min                                4.980 
_refine.correlation_coeff_Fo_to_Fc               0.9800 
_refine.correlation_coeff_Fo_to_Fc_free          0.9720 
_refine.details                                  'HYDROGENS HAVE BEEN USED IF PRESENT IN THE INPUT U VALUES      : WITH TLS ADDED' 
_refine.diff_density_max                         ? 
_refine.diff_density_max_esd                     ? 
_refine.diff_density_min                         ? 
_refine.diff_density_min_esd                     ? 
_refine.diff_density_rms                         ? 
_refine.diff_density_rms_esd                     ? 
_refine.entry_id                                 7JX4 
_refine.pdbx_refine_id                           'X-RAY DIFFRACTION' 
_refine.ls_abs_structure_details                 ? 
_refine.ls_abs_structure_Flack                   ? 
_refine.ls_abs_structure_Flack_esd               ? 
_refine.ls_abs_structure_Rogers                  ? 
_refine.ls_abs_structure_Rogers_esd              ? 
_refine.ls_d_res_high                            0.9500 
_refine.ls_d_res_low                             13.6200 
_refine.ls_extinction_coef                       ? 
_refine.ls_extinction_coef_esd                   ? 
_refine.ls_extinction_expression                 ? 
_refine.ls_extinction_method                     ? 
_refine.ls_goodness_of_fit_all                   ? 
_refine.ls_goodness_of_fit_all_esd               ? 
_refine.ls_goodness_of_fit_obs                   ? 
_refine.ls_goodness_of_fit_obs_esd               ? 
_refine.ls_hydrogen_treatment                    ? 
_refine.ls_matrix_type                           ? 
_refine.ls_number_constraints                    ? 
_refine.ls_number_parameters                     ? 
_refine.ls_number_reflns_all                     ? 
_refine.ls_number_reflns_obs                     23613 
_refine.ls_number_reflns_R_free                  1221 
_refine.ls_number_reflns_R_work                  ? 
_refine.ls_number_restraints                     ? 
_refine.ls_percent_reflns_obs                    88.5700 
_refine.ls_percent_reflns_R_free                 4.9000 
_refine.ls_R_factor_all                          ? 
_refine.ls_R_factor_obs                          0.1407 
_refine.ls_R_factor_R_free                       0.1579 
_refine.ls_R_factor_R_free_error                 ? 
_refine.ls_R_factor_R_free_error_details         ? 
_refine.ls_R_factor_R_work                       0.1398 
_refine.ls_R_Fsqd_factor_obs                     ? 
_refine.ls_R_I_factor_obs                        ? 
_refine.ls_redundancy_reflns_all                 ? 
_refine.ls_redundancy_reflns_obs                 ? 
_refine.ls_restrained_S_all                      ? 
_refine.ls_restrained_S_obs                      ? 
_refine.ls_shift_over_esd_max                    ? 
_refine.ls_shift_over_esd_mean                   ? 
_refine.ls_structure_factor_coef                 ? 
_refine.ls_weighting_details                     ? 
_refine.ls_weighting_scheme                      ? 
_refine.ls_wR_factor_all                         ? 
_refine.ls_wR_factor_obs                         ? 
_refine.ls_wR_factor_R_free                      ? 
_refine.ls_wR_factor_R_work                      ? 
_refine.occupancy_max                            ? 
_refine.occupancy_min                            ? 
_refine.solvent_model_details                    MASK 
_refine.solvent_model_param_bsol                 ? 
_refine.solvent_model_param_ksol                 ? 
_refine.pdbx_R_complete                          ? 
_refine.ls_R_factor_gt                           ? 
_refine.ls_goodness_of_fit_gt                    ? 
_refine.ls_goodness_of_fit_ref                   ? 
_refine.ls_shift_over_su_max                     ? 
_refine.ls_shift_over_su_max_lt                  ? 
_refine.ls_shift_over_su_mean                    ? 
_refine.ls_shift_over_su_mean_lt                 ? 
_refine.pdbx_ls_sigma_I                          ? 
_refine.pdbx_ls_sigma_F                          0.000 
_refine.pdbx_ls_sigma_Fsqd                       ? 
_refine.pdbx_data_cutoff_high_absF               ? 
_refine.pdbx_data_cutoff_high_rms_absF           ? 
_refine.pdbx_data_cutoff_low_absF                ? 
_refine.pdbx_isotropic_thermal_model             ? 
_refine.pdbx_ls_cross_valid_method               THROUGHOUT 
_refine.pdbx_method_to_determine_struct          'MOLECULAR REPLACEMENT' 
_refine.pdbx_starting_model                      1v4f 
_refine.pdbx_stereochemistry_target_values       'MAXIMUM LIKELIHOOD' 
_refine.pdbx_R_Free_selection_details            RANDOM 
_refine.pdbx_stereochem_target_val_spec_case     ? 
_refine.pdbx_overall_ESU_R                       0.0240 
_refine.pdbx_overall_ESU_R_Free                  0.0240 
_refine.pdbx_solvent_vdw_probe_radii             1.2000 
_refine.pdbx_solvent_ion_probe_radii             0.8000 
_refine.pdbx_solvent_shrinkage_radii             0.8000 
_refine.pdbx_real_space_R                        ? 
_refine.pdbx_density_correlation                 ? 
_refine.pdbx_pd_number_of_powder_patterns        ? 
_refine.pdbx_pd_number_of_points                 ? 
_refine.pdbx_pd_meas_number_of_points            ? 
_refine.pdbx_pd_proc_ls_prof_R_factor            ? 
_refine.pdbx_pd_proc_ls_prof_wR_factor           ? 
_refine.pdbx_pd_Marquardt_correlation_coeff      ? 
_refine.pdbx_pd_Fsqrd_R_factor                   ? 
_refine.pdbx_pd_ls_matrix_band_width             ? 
_refine.pdbx_overall_phase_error                 ? 
_refine.pdbx_overall_SU_R_free_Cruickshank_DPI   ? 
_refine.pdbx_overall_SU_R_free_Blow_DPI          ? 
_refine.pdbx_overall_SU_R_Blow_DPI               ? 
_refine.pdbx_TLS_residual_ADP_flag               ? 
_refine.pdbx_diffrn_id                           1 
_refine.overall_SU_B                             0.7020 
_refine.overall_SU_ML                            0.0170 
_refine.overall_SU_R_Cruickshank_DPI             0.0237 
_refine.overall_SU_R_free                        ? 
_refine.overall_FOM_free_R_set                   ? 
_refine.overall_FOM_work_R_set                   ? 
_refine.pdbx_average_fsc_overall                 ? 
_refine.pdbx_average_fsc_work                    ? 
_refine.pdbx_average_fsc_free                    ? 
# 
_refine_hist.pdbx_refine_id                   'X-RAY DIFFRACTION' 
_refine_hist.cycle_id                         final 
_refine_hist.details                          ? 
_refine_hist.d_res_high                       0.9500 
_refine_hist.d_res_low                        13.6200 
_refine_hist.number_atoms_solvent             115 
_refine_hist.number_atoms_total               904 
_refine_hist.number_reflns_all                ? 
_refine_hist.number_reflns_obs                ? 
_refine_hist.number_reflns_R_free             ? 
_refine_hist.number_reflns_R_work             ? 
_refine_hist.R_factor_all                     ? 
_refine_hist.R_factor_obs                     ? 
_refine_hist.R_factor_R_free                  ? 
_refine_hist.R_factor_R_work                  ? 
_refine_hist.pdbx_number_residues_total       33 
_refine_hist.pdbx_B_iso_mean_ligand           10.53 
_refine_hist.pdbx_B_iso_mean_solvent          16.52 
_refine_hist.pdbx_number_atoms_protein        417 
_refine_hist.pdbx_number_atoms_nucleic_acid   0 
_refine_hist.pdbx_number_atoms_ligand         372 
_refine_hist.pdbx_number_atoms_lipid          ? 
_refine_hist.pdbx_number_atoms_carb           ? 
_refine_hist.pdbx_pseudo_atom_details         ? 
# 
loop_
_refine_ls_restr.pdbx_refine_id 
_refine_ls_restr.criterion 
_refine_ls_restr.dev_ideal 
_refine_ls_restr.dev_ideal_target 
_refine_ls_restr.number 
_refine_ls_restr.rejects 
_refine_ls_restr.type 
_refine_ls_restr.weight 
_refine_ls_restr.pdbx_restraint_function 
'X-RAY DIFFRACTION' ? 0.017 0.013 453 ? r_bond_refined_d       ? ? 
'X-RAY DIFFRACTION' ? 0.001 0.017 387 ? r_bond_other_d         ? ? 
'X-RAY DIFFRACTION' ? 1.916 1.848 627 ? r_angle_refined_deg    ? ? 
'X-RAY DIFFRACTION' ? 0.649 1.671 933 ? r_angle_other_deg      ? ? 
'X-RAY DIFFRACTION' ? 6.327 5.000 54  ? r_dihedral_angle_1_deg ? ? 
'X-RAY DIFFRACTION' ? 5.990 5.000 3   ? r_dihedral_angle_2_deg ? ? 
'X-RAY DIFFRACTION' ? 0.070 0.200 60  ? r_chiral_restr         ? ? 
'X-RAY DIFFRACTION' ? 0.010 0.020 453 ? r_gen_planes_refined   ? ? 
'X-RAY DIFFRACTION' ? 0.000 0.020 27  ? r_gen_planes_other     ? ? 
'X-RAY DIFFRACTION' ? 5.141 3.000 840 ? r_rigid_bond_restr     ? ? 
# 
_refine_ls_shell.pdbx_refine_id                   'X-RAY DIFFRACTION' 
_refine_ls_shell.d_res_high                       0.9520 
_refine_ls_shell.d_res_low                        0.9770 
_refine_ls_shell.number_reflns_all                1378 
_refine_ls_shell.number_reflns_obs                ? 
_refine_ls_shell.number_reflns_R_free             68 
_refine_ls_shell.number_reflns_R_work             1310 
_refine_ls_shell.percent_reflns_obs               66.6700 
_refine_ls_shell.percent_reflns_R_free            ? 
_refine_ls_shell.R_factor_all                     ? 
_refine_ls_shell.R_factor_obs                     ? 
_refine_ls_shell.R_factor_R_free                  0.3290 
_refine_ls_shell.R_factor_R_free_error            0.0000 
_refine_ls_shell.R_factor_R_work                  0.3190 
_refine_ls_shell.redundancy_reflns_all            ? 
_refine_ls_shell.redundancy_reflns_obs            ? 
_refine_ls_shell.wR_factor_all                    ? 
_refine_ls_shell.wR_factor_obs                    ? 
_refine_ls_shell.wR_factor_R_free                 ? 
_refine_ls_shell.wR_factor_R_work                 ? 
_refine_ls_shell.pdbx_R_complete                  ? 
_refine_ls_shell.pdbx_total_number_of_bins_used   20 
_refine_ls_shell.pdbx_phase_error                 ? 
_refine_ls_shell.pdbx_fsc_work                    ? 
_refine_ls_shell.pdbx_fsc_free                    ? 
# 
_struct.entry_id                     7JX4 
_struct.title                        'Crystal Structure of N-Lysine Peptoid-modified Collagen Triple Helix' 
_struct.pdbx_model_details           'Synthetic Collagen triple helix containing one N-Lysine peptoid non-natural residue' 
_struct.pdbx_formula_weight          ? 
_struct.pdbx_formula_weight_method   ? 
_struct.pdbx_model_type_details      ? 
_struct.pdbx_CASP_flag               N 
# 
_struct_keywords.entry_id        7JX4 
_struct_keywords.text            'Collagen, peptoid, triple helix, hyper-stable, PROTEIN FIBRIL' 
_struct_keywords.pdbx_keywords   'PROTEIN FIBRIL' 
# 
loop_
_struct_asym.id 
_struct_asym.pdbx_blank_PDB_chainid_flag 
_struct_asym.pdbx_modified 
_struct_asym.entity_id 
_struct_asym.details 
A N N 1 ? 
B N N 1 ? 
C N N 1 ? 
D N N 2 ? 
E N N 2 ? 
F N N 2 ? 
# 
loop_
_struct_conn.id 
_struct_conn.conn_type_id 
_struct_conn.pdbx_leaving_atom_flag 
_struct_conn.pdbx_PDB_id 
_struct_conn.ptnr1_label_asym_id 
_struct_conn.ptnr1_label_comp_id 
_struct_conn.ptnr1_label_seq_id 
_struct_conn.ptnr1_label_atom_id 
_struct_conn.pdbx_ptnr1_label_alt_id 
_struct_conn.pdbx_ptnr1_PDB_ins_code 
_struct_conn.pdbx_ptnr1_standard_comp_id 
_struct_conn.ptnr1_symmetry 
_struct_conn.ptnr2_label_asym_id 
_struct_conn.ptnr2_label_comp_id 
_struct_conn.ptnr2_label_seq_id 
_struct_conn.ptnr2_label_atom_id 
_struct_conn.pdbx_ptnr2_label_alt_id 
_struct_conn.pdbx_ptnr2_PDB_ins_code 
_struct_conn.ptnr1_auth_asym_id 
_struct_conn.ptnr1_auth_comp_id 
_struct_conn.ptnr1_auth_seq_id 
_struct_conn.ptnr2_auth_asym_id 
_struct_conn.ptnr2_auth_comp_id 
_struct_conn.ptnr2_auth_seq_id 
_struct_conn.ptnr2_symmetry 
_struct_conn.pdbx_ptnr3_label_atom_id 
_struct_conn.pdbx_ptnr3_label_seq_id 
_struct_conn.pdbx_ptnr3_label_comp_id 
_struct_conn.pdbx_ptnr3_label_asym_id 
_struct_conn.pdbx_ptnr3_label_alt_id 
_struct_conn.pdbx_ptnr3_PDB_ins_code 
_struct_conn.details 
_struct_conn.pdbx_dist_value 
_struct_conn.pdbx_value_order 
_struct_conn.pdbx_role 
covale1  covale both ? A ACE 1  C ? ? ? 1_555 A GLY 2  N ? ? A ACE 0  A GLY 1  1_555 ? ? ? ? ? ? ? 1.325 ? ? 
covale2  covale both ? A PRO 3  C ? ? ? 1_555 A HYP 4  N ? ? A PRO 2  A HYP 3  1_555 ? ? ? ? ? ? ? 1.341 ? ? 
covale3  covale both ? A HYP 4  C ? ? ? 1_555 A GLY 5  N ? ? A HYP 3  A GLY 4  1_555 ? ? ? ? ? ? ? 1.313 ? ? 
covale4  covale both ? A PRO 6  C ? ? ? 1_555 A HYP 7  N ? ? A PRO 5  A HYP 6  1_555 ? ? ? ? ? ? ? 1.337 ? ? 
covale5  covale both ? A HYP 7  C ? ? ? 1_555 A GLY 8  N ? ? A HYP 6  A GLY 7  1_555 ? ? ? ? ? ? ? 1.329 ? ? 
covale6  covale both ? A PRO 9  C ? ? ? 1_555 A HYP 10 N ? ? A PRO 8  A HYP 9  1_555 ? ? ? ? ? ? ? 1.319 ? ? 
covale7  covale both ? A HYP 10 C ? ? ? 1_555 A GLY 11 N ? ? A HYP 9  A GLY 10 1_555 ? ? ? ? ? ? ? 1.315 ? ? 
covale8  covale both ? A GLY 11 C ? ? ? 1_555 A NLY 12 N ? ? A GLY 10 A NLY 11 1_555 ? ? ? ? ? ? ? 1.296 ? ? 
covale9  covale both ? A NLY 12 C ? ? ? 1_555 A HYP 13 N ? ? A NLY 11 A HYP 12 1_555 ? ? ? ? ? ? ? 1.347 ? ? 
covale10 covale both ? A HYP 13 C ? ? ? 1_555 A GLY 14 N ? ? A HYP 12 A GLY 13 1_555 ? ? ? ? ? ? ? 1.333 ? ? 
covale11 covale both ? A PRO 15 C ? ? ? 1_555 A HYP 16 N ? ? A PRO 14 A HYP 15 1_555 ? ? ? ? ? ? ? 1.336 ? ? 
covale12 covale both ? A HYP 16 C ? ? ? 1_555 A GLY 17 N ? ? A HYP 15 A GLY 16 1_555 ? ? ? ? ? ? ? 1.344 ? ? 
covale13 covale both ? A PRO 18 C ? ? ? 1_555 A HYP 19 N ? ? A PRO 17 A HYP 18 1_555 ? ? ? ? ? ? ? 1.351 ? ? 
covale14 covale both ? A HYP 19 C ? ? ? 1_555 A GLY 20 N ? ? A HYP 18 A GLY 19 1_555 ? ? ? ? ? ? ? 1.334 ? ? 
covale15 covale both ? A PRO 21 C ? ? ? 1_555 A HYP 22 N ? ? A PRO 20 A HYP 21 1_555 ? ? ? ? ? ? ? 1.339 ? ? 
covale16 covale both ? A HYP 22 C ? ? ? 1_555 A NH2 23 N ? ? A HYP 21 A NH2 22 1_555 ? ? ? ? ? ? ? 1.294 ? ? 
covale17 covale both ? B ACE 1  C ? ? ? 1_555 B GLY 2  N ? ? B ACE 0  B GLY 1  1_555 ? ? ? ? ? ? ? 1.273 ? ? 
covale18 covale both ? B PRO 3  C ? ? ? 1_555 B HYP 4  N ? ? B PRO 2  B HYP 3  1_555 ? ? ? ? ? ? ? 1.353 ? ? 
covale19 covale both ? B HYP 4  C ? ? ? 1_555 B GLY 5  N ? ? B HYP 3  B GLY 4  1_555 ? ? ? ? ? ? ? 1.331 ? ? 
covale20 covale both ? B PRO 6  C ? ? ? 1_555 B HYP 7  N ? ? B PRO 5  B HYP 6  1_555 ? ? ? ? ? ? ? 1.341 ? ? 
covale21 covale both ? B HYP 7  C ? ? ? 1_555 B GLY 8  N ? ? B HYP 6  B GLY 7  1_555 ? ? ? ? ? ? ? 1.343 ? ? 
covale22 covale both ? B PRO 9  C ? ? ? 1_555 B HYP 10 N ? ? B PRO 8  B HYP 9  1_555 ? ? ? ? ? ? ? 1.328 ? ? 
covale23 covale both ? B HYP 10 C ? ? ? 1_555 B GLY 11 N ? ? B HYP 9  B GLY 10 1_555 ? ? ? ? ? ? ? 1.328 ? ? 
covale24 covale both ? B GLY 11 C ? ? ? 1_555 B NLY 12 N ? ? B GLY 10 B NLY 11 1_555 ? ? ? ? ? ? ? 1.259 ? ? 
covale25 covale both ? B NLY 12 C ? ? ? 1_555 B HYP 13 N ? ? B NLY 11 B HYP 12 1_555 ? ? ? ? ? ? ? 1.330 ? ? 
covale26 covale both ? B HYP 13 C ? ? ? 1_555 B GLY 14 N ? ? B HYP 12 B GLY 13 1_555 ? ? ? ? ? ? ? 1.344 ? ? 
covale27 covale both ? B PRO 15 C ? ? ? 1_555 B HYP 16 N ? ? B PRO 14 B HYP 15 1_555 ? ? ? ? ? ? ? 1.335 ? ? 
covale28 covale both ? B HYP 16 C ? ? ? 1_555 B GLY 17 N ? ? B HYP 15 B GLY 16 1_555 ? ? ? ? ? ? ? 1.337 ? ? 
covale29 covale both ? B PRO 18 C ? ? ? 1_555 B HYP 19 N ? ? B PRO 17 B HYP 18 1_555 ? ? ? ? ? ? ? 1.348 ? ? 
covale30 covale both ? B HYP 19 C ? ? ? 1_555 B GLY 20 N ? ? B HYP 18 B GLY 19 1_555 ? ? ? ? ? ? ? 1.333 ? ? 
covale31 covale both ? B PRO 21 C ? ? ? 1_555 B HYP 22 N ? ? B PRO 20 B HYP 21 1_555 ? ? ? ? ? ? ? 1.341 ? ? 
covale32 covale both ? B HYP 22 C ? ? ? 1_555 B NH2 23 N ? ? B HYP 21 B NH2 22 1_555 ? ? ? ? ? ? ? 1.284 ? ? 
covale33 covale both ? C ACE 1  C ? ? ? 1_555 C GLY 2  N ? ? C ACE 0  C GLY 1  1_555 ? ? ? ? ? ? ? 1.335 ? ? 
covale34 covale both ? C PRO 3  C ? ? ? 1_555 C HYP 4  N ? ? C PRO 2  C HYP 3  1_555 ? ? ? ? ? ? ? 1.351 ? ? 
covale35 covale both ? C HYP 4  C ? ? ? 1_555 C GLY 5  N ? ? C HYP 3  C GLY 4  1_555 ? ? ? ? ? ? ? 1.329 ? ? 
covale36 covale both ? C PRO 6  C ? ? ? 1_555 C HYP 7  N ? ? C PRO 5  C HYP 6  1_555 ? ? ? ? ? ? ? 1.358 ? ? 
covale37 covale both ? C HYP 7  C ? ? ? 1_555 C GLY 8  N ? ? C HYP 6  C GLY 7  1_555 ? ? ? ? ? ? ? 1.329 ? ? 
covale38 covale both ? C PRO 9  C ? ? ? 1_555 C HYP 10 N ? ? C PRO 8  C HYP 9  1_555 ? ? ? ? ? ? ? 1.354 ? ? 
covale39 covale both ? C HYP 10 C ? ? ? 1_555 C GLY 11 N ? ? C HYP 9  C GLY 10 1_555 ? ? ? ? ? ? ? 1.329 ? ? 
covale40 covale both ? C GLY 11 C ? ? ? 1_555 C NLY 12 N ? ? C GLY 10 C NLY 11 1_555 ? ? ? ? ? ? ? 1.306 ? ? 
covale41 covale both ? C NLY 12 C ? ? ? 1_555 C HYP 13 N ? ? C NLY 11 C HYP 12 1_555 ? ? ? ? ? ? ? 1.339 ? ? 
covale42 covale both ? C HYP 13 C ? ? ? 1_555 C GLY 14 N ? ? C HYP 12 C GLY 13 1_555 ? ? ? ? ? ? ? 1.346 ? ? 
covale43 covale both ? C PRO 15 C ? ? ? 1_555 C HYP 16 N ? ? C PRO 14 C HYP 15 1_555 ? ? ? ? ? ? ? 1.345 ? ? 
covale44 covale both ? C HYP 16 C ? ? ? 1_555 C GLY 17 N ? ? C HYP 15 C GLY 16 1_555 ? ? ? ? ? ? ? 1.321 ? ? 
covale45 covale both ? C PRO 18 C ? ? ? 1_555 C HYP 19 N ? ? C PRO 17 C HYP 18 1_555 ? ? ? ? ? ? ? 1.337 ? ? 
covale46 covale both ? C HYP 19 C ? ? ? 1_555 C GLY 20 N ? ? C HYP 18 C GLY 19 1_555 ? ? ? ? ? ? ? 1.330 ? ? 
covale47 covale both ? C PRO 21 C ? ? ? 1_555 C HYP 22 N ? ? C PRO 20 C HYP 21 1_555 ? ? ? ? ? ? ? 1.326 ? ? 
covale48 covale both ? C HYP 22 C ? ? ? 1_555 C NH2 23 N ? ? C HYP 21 C NH2 22 1_555 ? ? ? ? ? ? ? 1.300 ? ? 
# 
_struct_conn_type.id          covale 
_struct_conn_type.criteria    ? 
_struct_conn_type.reference   ? 
# 
_atom_sites.entry_id                    7JX4 
_atom_sites.Cartn_transf_matrix[1][1]   ? 
_atom_sites.Cartn_transf_matrix[1][2]   ? 
_atom_sites.Cartn_transf_matrix[1][3]   ? 
_atom_sites.Cartn_transf_matrix[2][1]   ? 
_atom_sites.Cartn_transf_matrix[2][2]   ? 
_atom_sites.Cartn_transf_matrix[2][3]   ? 
_atom_sites.Cartn_transf_matrix[3][1]   ? 
_atom_sites.Cartn_transf_matrix[3][2]   ? 
_atom_sites.Cartn_transf_matrix[3][3]   ? 
_atom_sites.Cartn_transf_vector[1]      ? 
_atom_sites.Cartn_transf_vector[2]      ? 
_atom_sites.Cartn_transf_vector[3]      ? 
_atom_sites.fract_transf_matrix[1][1]   0.00537998 
_atom_sites.fract_transf_matrix[1][2]   -0.00978222 
_atom_sites.fract_transf_matrix[1][3]   -0.00841565 
_atom_sites.fract_transf_matrix[2][1]   0.01779807 
_atom_sites.fract_transf_matrix[2][2]   -0.01752311 
_atom_sites.fract_transf_matrix[2][3]   0.03174657 
_atom_sites.fract_transf_matrix[3][1]   -0.02965634 
_atom_sites.fract_transf_matrix[3][2]   -0.02661984 
_atom_sites.fract_transf_matrix[3][3]   0.00193291 
_atom_sites.fract_transf_vector[1]      -0.020021 
_atom_sites.fract_transf_vector[2]      -0.065139 
_atom_sites.fract_transf_vector[3]      0.260359 
_atom_sites.solution_primary            ? 
_atom_sites.solution_secondary          ? 
_atom_sites.solution_hydrogens          ? 
_atom_sites.special_details             ? 
# 
loop_
_atom_type.symbol 
C 
H 
N 
O 
# 
loop_
_atom_site.group_PDB 
_atom_site.id 
_atom_site.type_symbol 
_atom_site.label_atom_id 
_atom_site.label_alt_id 
_atom_site.label_comp_id 
_atom_site.label_asym_id 
_atom_site.label_entity_id 
_atom_site.label_seq_id 
_atom_site.pdbx_PDB_ins_code 
_atom_site.Cartn_x 
_atom_site.Cartn_y 
_atom_site.Cartn_z 
_atom_site.occupancy 
_atom_site.B_iso_or_equiv 
_atom_site.pdbx_formal_charge 
_atom_site.auth_seq_id 
_atom_site.auth_comp_id 
_atom_site.auth_asym_id 
_atom_site.auth_atom_id 
_atom_site.pdbx_PDB_model_num 
HETATM 1   C C    . ACE A 1 1  ? -17.600 14.992  21.501  1.00 35.12 ? 0   ACE A C    1 
HETATM 2   O O    . ACE A 1 1  ? -16.854 14.048  21.316  1.00 31.48 ? 0   ACE A O    1 
HETATM 3   C CH3  . ACE A 1 1  ? -17.173 16.208  22.305  1.00 37.70 ? 0   ACE A CH3  1 
HETATM 4   H H1   . ACE A 1 1  ? -17.110 16.980  21.719  1.00 37.92 ? 0   ACE A H1   1 
HETATM 5   H H2   . ACE A 1 1  ? -16.307 16.041  22.711  1.00 38.23 ? 0   ACE A H2   1 
HETATM 6   H H3   . ACE A 1 1  ? -17.828 16.384  23.000  1.00 37.96 ? 0   ACE A H3   1 
ATOM   7   N N    . GLY A 1 2  ? -18.815 15.112  20.984  1.00 26.83 ? 1   GLY A N    1 
ATOM   8   C CA   . GLY A 1 2  ? -19.583 14.047  20.222  1.00 24.95 ? 1   GLY A CA   1 
ATOM   9   C C    . GLY A 1 2  ? -18.789 12.753  20.091  1.00 20.49 ? 1   GLY A C    1 
ATOM   10  O O    . GLY A 1 2  ? -17.633 12.680  20.489  1.00 21.71 ? 1   GLY A O    1 
ATOM   11  H H    . GLY A 1 2  ? -19.285 15.944  21.084  1.00 27.12 ? 1   GLY A H    1 
ATOM   12  H HA2  . GLY A 1 2  ? -20.432 13.862  20.696  1.00 24.53 ? 1   GLY A HA2  1 
ATOM   13  H HA3  . GLY A 1 2  ? -19.805 14.388  19.322  1.00 24.21 ? 1   GLY A HA3  1 
ATOM   14  N N    . PRO A 1 3  ? -19.337 11.664  19.491  1.00 20.41 ? 2   PRO A N    1 
ATOM   15  C CA   . PRO A 1 3  ? -18.542 10.470  19.294  1.00 19.15 ? 2   PRO A CA   1 
ATOM   16  C C    . PRO A 1 3  ? -17.388 10.758  18.347  1.00 15.63 ? 2   PRO A C    1 
ATOM   17  O O    . PRO A 1 3  ? -17.337 11.727  17.566  1.00 14.90 ? 2   PRO A O    1 
ATOM   18  C CB   . PRO A 1 3  ? -19.497 9.438   18.661  1.00 23.56 ? 2   PRO A CB   1 
ATOM   19  C CG   . PRO A 1 3  ? -20.579 10.305  18.035  1.00 27.80 ? 2   PRO A CG   1 
ATOM   20  C CD   . PRO A 1 3  ? -20.702 11.517  18.951  1.00 24.02 ? 2   PRO A CD   1 
ATOM   21  H HA   . PRO A 1 3  ? -18.214 10.141  20.167  1.00 19.88 ? 2   PRO A HA   1 
ATOM   22  H HB2  . PRO A 1 3  ? -19.039 8.900   17.981  1.00 22.77 ? 2   PRO A HB2  1 
ATOM   23  H HB3  . PRO A 1 3  ? -19.875 8.841   19.343  1.00 23.55 ? 2   PRO A HB3  1 
ATOM   24  H HG2  . PRO A 1 3  ? -20.323 10.580  17.131  1.00 26.32 ? 2   PRO A HG2  1 
ATOM   25  H HG3  . PRO A 1 3  ? -21.428 9.822   17.990  1.00 26.99 ? 2   PRO A HG3  1 
ATOM   26  H HD2  . PRO A 1 3  ? -20.969 12.311  18.451  1.00 23.65 ? 2   PRO A HD2  1 
ATOM   27  H HD3  . PRO A 1 3  ? -21.346 11.358  19.665  1.00 23.74 ? 2   PRO A HD3  1 
HETATM 28  N N    . HYP A 1 4  ? -16.413 9.837   18.358  1.00 14.81 ? 3   HYP A N    1 
HETATM 29  C CA   . HYP A 1 4  ? -15.353 9.820   17.370  1.00 13.65 ? 3   HYP A CA   1 
HETATM 30  C C    . HYP A 1 4  ? -15.952 9.815   15.980  1.00 11.91 ? 3   HYP A C    1 
HETATM 31  O O    . HYP A 1 4  ? -17.040 9.252   15.674  1.00 13.30 ? 3   HYP A O    1 
HETATM 32  C CB   . HYP A 1 4  ? -14.639 8.489   17.669  1.00 15.75 ? 3   HYP A CB   1 
HETATM 33  C CG   . HYP A 1 4  ? -14.896 8.238   19.142  1.00 18.11 ? 3   HYP A CG   1 
HETATM 34  C CD   . HYP A 1 4  ? -16.318 8.707   19.302  1.00 18.00 ? 3   HYP A CD   1 
HETATM 35  O OD1  . HYP A 1 4  ? -14.082 9.064   19.974  1.00 18.21 ? 3   HYP A OD1  1 
HETATM 36  H HA   . HYP A 1 4  ? -14.748 10.593  17.501  1.00 14.21 ? 3   HYP A HA   1 
HETATM 37  H HB2  . HYP A 1 4  ? -13.667 8.564   17.490  1.00 15.79 ? 3   HYP A HB2  1 
HETATM 38  H HB3  . HYP A 1 4  ? -15.015 7.757   17.118  1.00 15.12 ? 3   HYP A HB3  1 
HETATM 39  H HG   . HYP A 1 4  ? -14.803 7.275   19.379  1.00 18.20 ? 3   HYP A HG   1 
HETATM 40  H HD22 . HYP A 1 4  ? -16.956 8.003   19.063  1.00 17.71 ? 3   HYP A HD22 1 
HETATM 41  H HD23 . HYP A 1 4  ? -16.490 9.003   20.220  1.00 18.36 ? 3   HYP A HD23 1 
HETATM 42  H HD1  . HYP A 1 4  ? -14.336 9.869   19.898  1.00 18.11 ? 3   HYP A HD1  1 
ATOM   43  N N    . GLY A 1 5  ? -15.153 10.404  15.121  1.00 10.55 ? 4   GLY A N    1 
ATOM   44  C CA   . GLY A 1 5  ? -15.451 10.261  13.731  1.00 10.25 ? 4   GLY A CA   1 
ATOM   45  C C    . GLY A 1 5  ? -15.221 8.841   13.256  1.00 9.86  ? 4   GLY A C    1 
ATOM   46  O O    . GLY A 1 5  ? -14.724 7.974   14.016  1.00 11.39 ? 4   GLY A O    1 
ATOM   47  H H    . GLY A 1 5  ? -14.352 10.943  15.419  1.00 11.03 ? 4   GLY A H    1 
ATOM   48  H HA2  . GLY A 1 5  ? -16.395 10.515  13.578  1.00 10.58 ? 4   GLY A HA2  1 
ATOM   49  H HA3  . GLY A 1 5  ? -14.878 10.878  13.217  1.00 10.54 ? 4   GLY A HA3  1 
ATOM   50  N N    . PRO A 1 6  ? -15.562 8.644   11.981  1.00 10.75 ? 5   PRO A N    1 
ATOM   51  C CA   . PRO A 1 6  ? -15.367 7.347   11.352  1.00 11.67 ? 5   PRO A CA   1 
ATOM   52  C C    . PRO A 1 6  ? -13.869 7.086   11.245  1.00 9.09  ? 5   PRO A C    1 
ATOM   53  O O    . PRO A 1 6  ? -13.009 7.986   11.251  1.00 8.35  ? 5   PRO A O    1 
ATOM   54  C CB   . PRO A 1 6  ? -16.035 7.493   9.973   1.00 15.05 ? 5   PRO A CB   1 
ATOM   55  C CG   . PRO A 1 6  ? -16.427 8.968   9.829   1.00 15.40 ? 5   PRO A CG   1 
ATOM   56  C CD   . PRO A 1 6  ? -16.140 9.686   11.123  1.00 11.96 ? 5   PRO A CD   1 
ATOM   57  H HA   . PRO A 1 6  ? -15.818 6.644   11.881  1.00 11.46 ? 5   PRO A HA   1 
ATOM   58  H HB2  . PRO A 1 6  ? -15.414 7.233   9.261   1.00 14.73 ? 5   PRO A HB2  1 
ATOM   59  H HB3  . PRO A 1 6  ? -16.829 6.921   9.916   1.00 15.02 ? 5   PRO A HB3  1 
ATOM   60  H HG2  . PRO A 1 6  ? -15.920 9.378   9.101   1.00 14.92 ? 5   PRO A HG2  1 
ATOM   61  H HG3  . PRO A 1 6  ? -17.379 9.041   9.613   1.00 16.15 ? 5   PRO A HG3  1 
ATOM   62  H HD2  . PRO A 1 6  ? -15.508 10.415  10.985  1.00 12.00 ? 5   PRO A HD2  1 
ATOM   63  H HD3  . PRO A 1 6  ? -16.960 10.045  11.510  1.00 12.37 ? 5   PRO A HD3  1 
HETATM 64  N N    . HYP A 1 7  ? -13.517 5.814   11.027  1.00 9.45  ? 6   HYP A N    1 
HETATM 65  C CA   . HYP A 1 7  ? -12.151 5.472   10.628  1.00 8.59  ? 6   HYP A CA   1 
HETATM 66  C C    . HYP A 1 7  ? -11.769 6.279   9.394   1.00 7.96  ? 6   HYP A C    1 
HETATM 67  O O    . HYP A 1 7  ? -12.596 6.591   8.520   1.00 8.23  ? 6   HYP A O    1 
HETATM 68  C CB   . HYP A 1 7  ? -12.242 3.972   10.322  1.00 9.93  ? 6   HYP A CB   1 
HETATM 69  C CG   . HYP A 1 7  ? -13.452 3.495   11.103  1.00 11.16 ? 6   HYP A CG   1 
HETATM 70  C CD   . HYP A 1 7  ? -14.414 4.638   10.985  1.00 11.36 ? 6   HYP A CD   1 
HETATM 71  O OD1  . HYP A 1 7  ? -13.064 3.261   12.436  1.00 11.60 ? 6   HYP A OD1  1 
HETATM 72  H HA   . HYP A 1 7  ? -11.526 5.647   11.375  1.00 8.50  ? 6   HYP A HA   1 
HETATM 73  H HB2  . HYP A 1 7  ? -11.423 3.502   10.622  1.00 9.63  ? 6   HYP A HB2  1 
HETATM 74  H HB3  . HYP A 1 7  ? -12.366 3.817   9.351   1.00 9.65  ? 6   HYP A HB3  1 
HETATM 75  H HG   . HYP A 1 7  ? -13.838 2.671   10.701  1.00 11.64 ? 6   HYP A HG   1 
HETATM 76  H HD22 . HYP A 1 7  ? -14.909 4.607   10.140  1.00 11.34 ? 6   HYP A HD22 1 
HETATM 77  H HD23 . HYP A 1 7  ? -15.045 4.650   11.735  1.00 11.58 ? 6   HYP A HD23 1 
HETATM 78  H HD1  . HYP A 1 7  ? -13.028 4.003   12.846  1.00 11.25 ? 6   HYP A HD1  1 
ATOM   79  N N    . GLY A 1 8  ? -10.472 6.550   9.285   1.00 7.47  ? 7   GLY A N    1 
ATOM   80  C CA   . GLY A 1 8  ? -9.983  7.189   8.096   1.00 7.24  ? 7   GLY A CA   1 
ATOM   81  C C    . GLY A 1 8  ? -10.124 6.270   6.883   1.00 7.69  ? 7   GLY A C    1 
ATOM   82  O O    . GLY A 1 8  ? -10.404 5.073   6.947   1.00 8.50  ? 7   GLY A O    1 
ATOM   83  H H    . GLY A 1 8  ? -9.828  6.312   10.027  1.00 7.39  ? 7   GLY A H    1 
ATOM   84  H HA2  . GLY A 1 8  ? -10.494 8.023   7.944   1.00 7.80  ? 7   GLY A HA2  1 
ATOM   85  H HA3  . GLY A 1 8  ? -9.034  7.425   8.223   1.00 7.37  ? 7   GLY A HA3  1 
ATOM   86  N N    . PRO A 1 9  ? -9.910  6.856   5.706   1.00 8.73  ? 8   PRO A N    1 
ATOM   87  C CA   . PRO A 1 9  ? -9.998  6.093   4.498   1.00 9.87  ? 8   PRO A CA   1 
ATOM   88  C C    . PRO A 1 9  ? -8.877  5.094   4.366   1.00 8.08  ? 8   PRO A C    1 
ATOM   89  O O    . PRO A 1 9  ? -7.789  5.195   4.980   1.00 7.46  ? 8   PRO A O    1 
ATOM   90  C CB   . PRO A 1 9  ? -9.854  7.118   3.390   1.00 12.13 ? 8   PRO A CB   1 
ATOM   91  C CG   . PRO A 1 9  ? -9.043  8.143   4.022   1.00 12.05 ? 8   PRO A CG   1 
ATOM   92  C CD   . PRO A 1 9  ? -9.553  8.237   5.472   1.00 10.07 ? 8   PRO A CD   1 
ATOM   93  H HA   . PRO A 1 9  ? -10.882 5.652   4.444   1.00 9.99  ? 8   PRO A HA   1 
ATOM   94  H HB2  . PRO A 1 9  ? -9.402  6.740   2.607   1.00 11.88 ? 8   PRO A HB2  1 
ATOM   95  H HB3  . PRO A 1 9  ? -10.726 7.475   3.119   1.00 12.97 ? 8   PRO A HB3  1 
ATOM   96  H HG2  . PRO A 1 9  ? -8.096  7.896   4.003   1.00 11.43 ? 8   PRO A HG2  1 
ATOM   97  H HG3  . PRO A 1 9  ? -9.152  9.001   3.562   1.00 12.54 ? 8   PRO A HG3  1 
ATOM   98  H HD2  . PRO A 1 9  ? -8.852  8.535   6.080   1.00 9.72  ? 8   PRO A HD2  1 
ATOM   99  H HD3  . PRO A 1 9  ? -10.326 8.825   5.546   1.00 10.75 ? 8   PRO A HD3  1 
HETATM 100 N N    . HYP A 1 10 ? -9.119  4.108   3.524   1.00 8.35  ? 9   HYP A N    1 
HETATM 101 C CA   . HYP A 1 10 ? -8.099  3.149   3.262   1.00 7.70  ? 9   HYP A CA   1 
HETATM 102 C C    . HYP A 1 10 ? -6.746  3.744   2.803   1.00 7.80  ? 9   HYP A C    1 
HETATM 103 O O    . HYP A 1 10 ? -6.669  4.698   2.039   1.00 8.48  ? 9   HYP A O    1 
HETATM 104 C CB   . HYP A 1 10 ? -8.728  2.298   2.125   1.00 9.04  ? 9   HYP A CB   1 
HETATM 105 C CG   . HYP A 1 10 ? -10.227 2.415   2.346   1.00 10.36 ? 9   HYP A CG   1 
HETATM 106 C CD   . HYP A 1 10 ? -10.360 3.863   2.769   1.00 10.26 ? 9   HYP A CD   1 
HETATM 107 O OD1  . HYP A 1 10 ? -10.612 1.501   3.402   1.00 10.97 ? 9   HYP A OD1  1 
HETATM 108 H HA   . HYP A 1 10 ? -7.963  2.593   4.068   1.00 7.18  ? 9   HYP A HA   1 
HETATM 109 H HB2  . HYP A 1 10 ? -8.440  1.355   2.194   1.00 9.04  ? 9   HYP A HB2  1 
HETATM 110 H HB3  . HYP A 1 10 ? -8.474  2.652   1.235   1.00 9.39  ? 9   HYP A HB3  1 
HETATM 111 H HG   . HYP A 1 10 ? -10.741 2.237   1.509   1.00 11.59 ? 9   HYP A HG   1 
HETATM 112 H HD22 . HYP A 1 10 ? -10.418 4.459   1.993   1.00 10.64 ? 9   HYP A HD22 1 
HETATM 113 H HD23 . HYP A 1 10 ? -11.149 3.991   3.338   1.00 10.60 ? 9   HYP A HD23 1 
HETATM 114 H HD1  . HYP A 1 10 ? -10.447 1.865   4.152   1.00 10.23 ? 9   HYP A HD1  1 
ATOM   115 N N    . GLY A 1 11 ? -5.670  3.116   3.221   1.00 7.04  ? 10  GLY A N    1 
ATOM   116 C CA   . GLY A 1 11 ? -4.367  3.551   2.784   1.00 7.77  ? 10  GLY A CA   1 
ATOM   117 C C    . GLY A 1 11 ? -4.081  3.272   1.282   1.00 7.54  ? 10  GLY A C    1 
ATOM   118 O O    . GLY A 1 11 ? -4.801  2.463   0.675   1.00 9.52  ? 10  GLY A O    1 
ATOM   119 H H    . GLY A 1 11 ? -5.747  2.327   3.847   1.00 6.90  ? 10  GLY A H    1 
ATOM   120 H HA2  . GLY A 1 11 ? -4.288  4.519   2.958   1.00 7.78  ? 10  GLY A HA2  1 
ATOM   121 H HA3  . GLY A 1 11 ? -3.683  3.092   3.332   1.00 7.16  ? 10  GLY A HA3  1 
HETATM 122 N N    . NLY A 1 12 ? -3.125  3.951   0.730   1.00 8.01  ? 11  NLY A N    1 
HETATM 123 C CB   . NLY A 1 12 ? -2.173  4.822   1.435   1.00 7.80  ? 11  NLY A CB   1 
HETATM 124 C CG   . NLY A 1 12 ? -2.364  6.262   1.121   1.00 10.83 ? 11  NLY A CG   1 
HETATM 125 C CD   . NLY A 1 12 ? -3.645  6.788   1.560   1.00 12.36 ? 11  NLY A CD   1 
HETATM 126 C CE   . NLY A 1 12 ? -3.768  8.286   1.335   1.00 16.32 ? 11  NLY A CE   1 
HETATM 127 N NZ   . NLY A 1 12 ? -3.818  8.625   -0.068  1.00 21.29 ? 11  NLY A NZ   1 
HETATM 128 C CA   . NLY A 1 12 ? -2.811  3.674   -0.687  1.00 8.83  ? 11  NLY A CA   1 
HETATM 129 C C    . NLY A 1 12 ? -1.840  2.561   -0.878  1.00 8.04  ? 11  NLY A C    1 
HETATM 130 O O    . NLY A 1 12 ? -1.363  1.936   0.048   1.00 7.42  ? 11  NLY A O    1 
HETATM 131 H H3   . NLY A 1 12 ? -1.278  4.578   1.155   1.00 7.95  ? 11  NLY A H3   1 
HETATM 132 H H4   . NLY A 1 12 ? -2.228  4.696   2.391   1.00 7.73  ? 11  NLY A H4   1 
HETATM 133 H H5   . NLY A 1 12 ? -1.659  6.767   1.555   1.00 10.76 ? 11  NLY A H5   1 
HETATM 134 H H6   . NLY A 1 12 ? -2.289  6.387   0.163   1.00 11.09 ? 11  NLY A H6   1 
HETATM 135 H H7   . NLY A 1 12 ? -4.357  6.339   1.078   1.00 11.97 ? 11  NLY A H7   1 
HETATM 136 H H8   . NLY A 1 12 ? -3.746  6.614   2.509   1.00 11.41 ? 11  NLY A H8   1 
HETATM 137 H H9   . NLY A 1 12 ? -4.578  8.603   1.762   1.00 16.20 ? 11  NLY A H9   1 
HETATM 138 H H10  . NLY A 1 12 ? -3.006  8.729   1.739   1.00 16.74 ? 11  NLY A H10  1 
HETATM 139 H H11  . NLY A 1 12 ? -3.227  9.150   -0.406  1.00 21.53 ? 11  NLY A H11  1 
HETATM 140 H H12  . NLY A 1 12 ? -4.439  8.300   -0.568  1.00 20.54 ? 11  NLY A H12  1 
HETATM 141 H HA2  . NLY A 1 12 ? -2.440  4.475   -1.085  1.00 9.46  ? 11  NLY A HA2  1 
HETATM 142 H HA3  . NLY A 1 12 ? -3.629  3.452   -1.154  1.00 9.14  ? 11  NLY A HA3  1 
HETATM 143 N N    . HYP A 1 13 ? -1.540  2.245   -2.152  1.00 8.32  ? 12  HYP A N    1 
HETATM 144 C CA   . HYP A 1 13 ? -0.672  1.109   -2.439  1.00 8.54  ? 12  HYP A CA   1 
HETATM 145 C C    . HYP A 1 13 ? 0.731   1.286   -1.907  1.00 7.79  ? 12  HYP A C    1 
HETATM 146 O O    . HYP A 1 13 ? 1.281   2.381   -1.809  1.00 7.26  ? 12  HYP A O    1 
HETATM 147 C CB   . HYP A 1 13 ? -0.662  1.011   -3.975  1.00 9.76  ? 12  HYP A CB   1 
HETATM 148 C CG   . HYP A 1 13 ? -1.911  1.778   -4.390  1.00 10.78 ? 12  HYP A CG   1 
HETATM 149 C CD   . HYP A 1 13 ? -2.036  2.877   -3.375  1.00 9.44  ? 12  HYP A CD   1 
HETATM 150 O OD1  . HYP A 1 13 ? -3.058  0.953   -4.308  1.00 13.94 ? 12  HYP A OD1  1 
HETATM 151 H HA   . HYP A 1 13 ? -1.075  0.293   -2.051  1.00 7.92  ? 12  HYP A HA   1 
HETATM 152 H HB2  . HYP A 1 13 ? -0.712  0.066   -4.271  1.00 9.41  ? 12  HYP A HB2  1 
HETATM 153 H HB3  . HYP A 1 13 ? 0.152   1.429   -4.355  1.00 9.75  ? 12  HYP A HB3  1 
HETATM 154 H HG   . HYP A 1 13 ? -1.815  2.158   -5.308  1.00 11.44 ? 12  HYP A HG   1 
HETATM 155 H HD22 . HYP A 1 13 ? -1.483  3.650   -3.616  1.00 10.10 ? 12  HYP A HD22 1 
HETATM 156 H HD23 . HYP A 1 13 ? -2.968  3.161   -3.272  1.00 10.00 ? 12  HYP A HD23 1 
HETATM 157 H HD1  . HYP A 1 13 ? -3.053  0.551   -3.562  1.00 11.80 ? 12  HYP A HD1  1 
ATOM   158 N N    . GLY A 1 14 ? 1.383   0.148   -1.669  1.00 7.58  ? 13  GLY A N    1 
ATOM   159 C CA   . GLY A 1 14 ? 2.784   0.145   -1.350  1.00 7.50  ? 13  GLY A CA   1 
ATOM   160 C C    . GLY A 1 14 ? 3.609   0.462   -2.609  1.00 7.37  ? 13  GLY A C    1 
ATOM   161 O O    . GLY A 1 14 ? 3.072   0.681   -3.694  1.00 7.29  ? 13  GLY A O    1 
ATOM   162 H H    . GLY A 1 14 ? 0.890   -0.732  -1.714  1.00 7.35  ? 13  GLY A H    1 
ATOM   163 H HA2  . GLY A 1 14 ? 2.965   0.822   -0.651  1.00 7.71  ? 13  GLY A HA2  1 
ATOM   164 H HA3  . GLY A 1 14 ? 3.037   -0.743  -1.004  1.00 7.15  ? 13  GLY A HA3  1 
ATOM   165 N N    . PRO A 1 15 ? 4.941   0.550   -2.437  1.00 8.07  ? 14  PRO A N    1 
ATOM   166 C CA   . PRO A 1 15 ? 5.826   0.779   -3.569  1.00 7.55  ? 14  PRO A CA   1 
ATOM   167 C C    . PRO A 1 15 ? 5.913   -0.450  -4.441  1.00 6.84  ? 14  PRO A C    1 
ATOM   168 O O    . PRO A 1 15 ? 5.562   -1.565  -4.056  1.00 6.64  ? 14  PRO A O    1 
ATOM   169 C CB   . PRO A 1 15 ? 7.178   1.131   -2.913  1.00 9.02  ? 14  PRO A CB   1 
ATOM   170 C CG   . PRO A 1 15 ? 7.168   0.253   -1.712  1.00 9.70  ? 14  PRO A CG   1 
ATOM   171 C CD   . PRO A 1 15 ? 5.718   0.297   -1.220  1.00 8.84  ? 14  PRO A CD   1 
ATOM   172 H HA   . PRO A 1 15 ? 5.497   1.553   -4.090  1.00 8.22  ? 14  PRO A HA   1 
ATOM   173 H HB2  . PRO A 1 15 ? 7.930   0.917   -3.505  1.00 9.10  ? 14  PRO A HB2  1 
ATOM   174 H HB3  . PRO A 1 15 ? 7.218   2.078   -2.661  1.00 9.99  ? 14  PRO A HB3  1 
ATOM   175 H HG2  . PRO A 1 15 ? 7.428   -0.661  -1.946  1.00 8.94  ? 14  PRO A HG2  1 
ATOM   176 H HG3  . PRO A 1 15 ? 7.779   0.593   -1.028  1.00 10.34 ? 14  PRO A HG3  1 
ATOM   177 H HD2  . PRO A 1 15 ? 5.462   -0.551  -0.812  1.00 8.28  ? 14  PRO A HD2  1 
ATOM   178 H HD3  . PRO A 1 15 ? 5.591   1.012   -0.569  1.00 9.08  ? 14  PRO A HD3  1 
HETATM 179 N N    . HYP A 1 16 ? 6.395   -0.272  -5.674  1.00 6.19  ? 15  HYP A N    1 
HETATM 180 C CA   . HYP A 1 16 ? 6.589   -1.395  -6.558  1.00 5.86  ? 15  HYP A CA   1 
HETATM 181 C C    . HYP A 1 16 ? 7.511   -2.442  -5.955  1.00 6.04  ? 15  HYP A C    1 
HETATM 182 O O    . HYP A 1 16 ? 8.443   -2.128  -5.210  1.00 6.71  ? 15  HYP A O    1 
HETATM 183 C CB   . HYP A 1 16 ? 7.247   -0.750  -7.780  1.00 7.14  ? 15  HYP A CB   1 
HETATM 184 C CG   . HYP A 1 16 ? 6.812   0.704   -7.731  1.00 8.18  ? 15  HYP A CG   1 
HETATM 185 C CD   . HYP A 1 16 ? 6.832   0.992   -6.278  1.00 7.29  ? 15  HYP A CD   1 
HETATM 186 O OD1  . HYP A 1 16 ? 5.503   0.823   -8.274  1.00 9.59  ? 15  HYP A OD1  1 
HETATM 187 H HA   . HYP A 1 16 ? 5.714   -1.792  -6.794  1.00 5.75  ? 15  HYP A HA   1 
HETATM 188 H HB2  . HYP A 1 16 ? 6.935   -1.181  -8.616  1.00 7.03  ? 15  HYP A HB2  1 
HETATM 189 H HB3  . HYP A 1 16 ? 8.234   -0.821  -7.729  1.00 7.04  ? 15  HYP A HB3  1 
HETATM 190 H HG   . HYP A 1 16 ? 7.453   1.294   -8.218  1.00 9.06  ? 15  HYP A HG   1 
HETATM 191 H HD22 . HYP A 1 16 ? 7.735   1.227   -5.974  1.00 7.69  ? 15  HYP A HD22 1 
HETATM 192 H HD23 . HYP A 1 16 ? 6.215   1.720   -6.053  1.00 7.98  ? 15  HYP A HD23 1 
HETATM 193 H HD1  . HYP A 1 16 ? 4.990   1.155   -7.685  1.00 9.43  ? 15  HYP A HD1  1 
ATOM   194 N N    . GLY A 1 17 ? 7.284   -3.698  -6.374  1.00 5.82  ? 16  GLY A N    1 
ATOM   195 C CA   . GLY A 1 17 ? 8.132   -4.793  -5.947  1.00 5.49  ? 16  GLY A CA   1 
ATOM   196 C C    . GLY A 1 17 ? 9.512   -4.746  -6.581  1.00 5.57  ? 16  GLY A C    1 
ATOM   197 O O    . GLY A 1 17 ? 9.837   -3.946  -7.457  1.00 5.70  ? 16  GLY A O    1 
ATOM   198 H H    . GLY A 1 17 ? 6.514   -3.889  -6.999  1.00 5.82  ? 16  GLY A H    1 
ATOM   199 H HA2  . GLY A 1 17 ? 8.223   -4.759  -4.961  1.00 5.64  ? 16  GLY A HA2  1 
ATOM   200 H HA3  . GLY A 1 17 ? 7.695   -5.645  -6.182  1.00 5.45  ? 16  GLY A HA3  1 
ATOM   201 N N    . PRO A 1 18 ? 10.372  -5.673  -6.126  1.00 5.37  ? 17  PRO A N    1 
ATOM   202 C CA   . PRO A 1 18 ? 11.740  -5.763  -6.637  1.00 5.78  ? 17  PRO A CA   1 
ATOM   203 C C    . PRO A 1 18 ? 11.751  -6.368  -8.022  1.00 5.84  ? 17  PRO A C    1 
ATOM   204 O O    . PRO A 1 18 ? 10.783  -7.007  -8.465  1.00 5.39  ? 17  PRO A O    1 
ATOM   205 C CB   . PRO A 1 18 ? 12.417  -6.635  -5.598  1.00 6.31  ? 17  PRO A CB   1 
ATOM   206 C CG   . PRO A 1 18 ? 11.318  -7.585  -5.153  1.00 6.35  ? 17  PRO A CG   1 
ATOM   207 C CD   . PRO A 1 18 ? 10.098  -6.677  -5.080  1.00 5.78  ? 17  PRO A CD   1 
ATOM   208 H HA   . PRO A 1 18 ? 12.152  -4.864  -6.643  1.00 6.21  ? 17  PRO A HA   1 
ATOM   209 H HB2  . PRO A 1 18 ? 13.169  -7.129  -5.987  1.00 6.64  ? 17  PRO A HB2  1 
ATOM   210 H HB3  . PRO A 1 18 ? 12.743  -6.098  -4.845  1.00 6.93  ? 17  PRO A HB3  1 
ATOM   211 H HG2  . PRO A 1 18 ? 11.186  -8.304  -5.804  1.00 6.14  ? 17  PRO A HG2  1 
ATOM   212 H HG3  . PRO A 1 18 ? 11.520  -7.974  -4.277  1.00 7.03  ? 17  PRO A HG3  1 
ATOM   213 H HD2  . PRO A 1 18 ? 9.280   -7.171  -5.272  1.00 5.66  ? 17  PRO A HD2  1 
ATOM   214 H HD3  . PRO A 1 18 ? 10.020  -6.258  -4.203  1.00 6.03  ? 17  PRO A HD3  1 
HETATM 215 N N    . HYP A 1 19 ? 12.893  -6.253  -8.736  1.00 6.15  ? 18  HYP A N    1 
HETATM 216 C CA   . HYP A 1 19 ? 13.006  -6.842  -10.052 1.00 6.05  ? 18  HYP A CA   1 
HETATM 217 C C    . HYP A 1 19 ? 12.916  -8.361  -9.963  1.00 6.26  ? 18  HYP A C    1 
HETATM 218 O O    . HYP A 1 19 ? 13.275  -8.969  -8.969  1.00 6.50  ? 18  HYP A O    1 
HETATM 219 C CB   . HYP A 1 19 ? 14.405  -6.413  -10.538 1.00 6.44  ? 18  HYP A CB   1 
HETATM 220 C CG   . HYP A 1 19 ? 14.684  -5.206  -9.661  1.00 7.47  ? 18  HYP A CG   1 
HETATM 221 C CD   . HYP A 1 19 ? 14.143  -5.623  -8.314  1.00 6.92  ? 18  HYP A CD   1 
HETATM 222 O OD1  . HYP A 1 19 ? 13.975  -4.092  -10.223 1.00 8.25  ? 18  HYP A OD1  1 
HETATM 223 H HA   . HYP A 1 19 ? 12.299  -6.482  -10.643 1.00 6.03  ? 18  HYP A HA   1 
HETATM 224 H HB2  . HYP A 1 19 ? 14.391  -6.165  -11.497 1.00 6.60  ? 18  HYP A HB2  1 
HETATM 225 H HB3  . HYP A 1 19 ? 15.074  -7.129  -10.389 1.00 6.52  ? 18  HYP A HB3  1 
HETATM 226 H HG   . HYP A 1 19 ? 15.663  -5.013  -9.604  1.00 7.93  ? 18  HYP A HG   1 
HETATM 227 H HD22 . HYP A 1 19 ? 14.732  -6.262  -7.865  1.00 7.29  ? 18  HYP A HD22 1 
HETATM 228 H HD23 . HYP A 1 19 ? 13.979  -4.853  -7.736  1.00 7.35  ? 18  HYP A HD23 1 
HETATM 229 H HD1  . HYP A 1 19 ? 14.067  -3.427  -9.702  1.00 8.47  ? 18  HYP A HD1  1 
ATOM   230 N N    . GLY A 1 20 ? 12.473  -8.973  -11.062 1.00 6.02  ? 19  GLY A N    1 
ATOM   231 C CA   . GLY A 1 20 ? 12.502  -10.406 -11.155 1.00 6.04  ? 19  GLY A CA   1 
ATOM   232 C C    . GLY A 1 20 ? 13.928  -10.924 -11.200 1.00 5.93  ? 19  GLY A C    1 
ATOM   233 O O    . GLY A 1 20 ? 14.871  -10.181 -11.415 1.00 5.79  ? 19  GLY A O    1 
ATOM   234 H H    . GLY A 1 20 ? 12.115  -8.433  -11.837 1.00 6.01  ? 19  GLY A H    1 
ATOM   235 H HA2  . GLY A 1 20 ? 12.032  -10.788 -10.373 1.00 6.33  ? 19  GLY A HA2  1 
ATOM   236 H HA3  . GLY A 1 20 ? 12.024  -10.686 -11.971 1.00 6.27  ? 19  GLY A HA3  1 
ATOM   237 N N    . PRO A 1 21 ? 14.079  -12.238 -10.991 1.00 6.85  ? 20  PRO A N    1 
ATOM   238 C CA   . PRO A 1 21 ? 15.403  -12.826 -11.073 1.00 7.95  ? 20  PRO A CA   1 
ATOM   239 C C    . PRO A 1 21 ? 15.961  -12.703 -12.488 1.00 6.72  ? 20  PRO A C    1 
ATOM   240 O O    . PRO A 1 21 ? 15.230  -12.575 -13.463 1.00 6.22  ? 20  PRO A O    1 
ATOM   241 C CB   . PRO A 1 21 ? 15.135  -14.315 -10.782 1.00 10.31 ? 20  PRO A CB   1 
ATOM   242 C CG   . PRO A 1 21 ? 13.754  -14.439 -10.318 1.00 12.42 ? 20  PRO A CG   1 
ATOM   243 C CD   . PRO A 1 21 ? 13.030  -13.218 -10.746 1.00 8.13  ? 20  PRO A CD   1 
ATOM   244 H HA   . PRO A 1 21 ? 16.006  -12.433 -10.394 1.00 7.84  ? 20  PRO A HA   1 
ATOM   245 H HB2  . PRO A 1 21 ? 15.267  -14.851 -11.594 1.00 10.28 ? 20  PRO A HB2  1 
ATOM   246 H HB3  . PRO A 1 21 ? 15.753  -14.644 -10.095 1.00 10.62 ? 20  PRO A HB3  1 
ATOM   247 H HG2  . PRO A 1 21 ? 13.336  -15.235 -10.706 1.00 12.10 ? 20  PRO A HG2  1 
ATOM   248 H HG3  . PRO A 1 21 ? 13.731  -14.521 -9.343  1.00 12.30 ? 20  PRO A HG3  1 
ATOM   249 H HD2  . PRO A 1 21 ? 12.515  -13.384 -11.557 1.00 8.05  ? 20  PRO A HD2  1 
ATOM   250 H HD3  . PRO A 1 21 ? 12.425  -12.913 -10.046 1.00 7.96  ? 20  PRO A HD3  1 
HETATM 251 N N    . HYP A 1 22 ? 17.294  -12.694 -12.618 1.00 6.51  ? 21  HYP A N    1 
HETATM 252 C CA   . HYP A 1 22 ? 17.894  -12.656 -13.945 1.00 7.01  ? 21  HYP A CA   1 
HETATM 253 C C    . HYP A 1 22 ? 17.461  -13.885 -14.775 1.00 7.19  ? 21  HYP A C    1 
HETATM 254 O O    . HYP A 1 22 ? 17.319  -14.952 -14.215 1.00 8.62  ? 21  HYP A O    1 
HETATM 255 C CB   . HYP A 1 22 ? 19.409  -12.637 -13.638 1.00 8.17  ? 21  HYP A CB   1 
HETATM 256 C CG   . HYP A 1 22 ? 19.500  -12.135 -12.200 1.00 8.76  ? 21  HYP A CG   1 
HETATM 257 C CD   . HYP A 1 22 ? 18.287  -12.749 -11.548 1.00 7.90  ? 21  HYP A CD   1 
HETATM 258 O OD1  . HYP A 1 22 ? 19.404  -10.728 -12.165 1.00 8.93  ? 21  HYP A OD1  1 
HETATM 259 H HA   . HYP A 1 22 ? 17.623  -11.822 -14.404 1.00 6.66  ? 21  HYP A HA   1 
HETATM 260 H HB2  . HYP A 1 22 ? 19.886  -12.026 -14.255 1.00 7.87  ? 21  HYP A HB2  1 
HETATM 261 H HB3  . HYP A 1 22 ? 19.796  -13.546 -13.718 1.00 8.27  ? 21  HYP A HB3  1 
HETATM 262 H HG   . HYP A 1 22 ? 20.337  -12.446 -11.756 1.00 9.36  ? 21  HYP A HG   1 
HETATM 263 H HD22 . HYP A 1 22 ? 18.455  -13.674 -11.274 1.00 8.59  ? 21  HYP A HD22 1 
HETATM 264 H HD23 . HYP A 1 22 ? 17.998  -12.225 -10.773 1.00 8.11  ? 21  HYP A HD23 1 
HETATM 265 H HD1  . HYP A 1 22 ? 18.586  -10.508 -12.169 1.00 8.27  ? 21  HYP A HD1  1 
HETATM 266 N N    . NH2 A 1 23 ? 17.323  -13.675 -16.044 1.00 7.46  ? 22  NH2 A N    1 
HETATM 267 H HN1  . NH2 A 1 23 ? 18.272  -13.845 -16.150 1.00 7.50  ? 22  NH2 A HN1  1 
HETATM 268 H HN2  . NH2 A 1 23 ? 16.758  -13.575 -16.826 1.00 7.80  ? 22  NH2 A HN2  1 
HETATM 269 C C    . ACE B 1 1  ? -17.905 16.676  17.345  1.00 15.74 ? 0   ACE B C    1 
HETATM 270 O O    . ACE B 1 1  ? -18.565 16.063  18.108  1.00 19.78 ? 0   ACE B O    1 
HETATM 271 C CH3  . ACE B 1 1  ? -18.464 17.716  16.398  1.00 18.35 ? 0   ACE B CH3  1 
HETATM 272 H H1   . ACE B 1 1  ? -19.432 17.645  16.373  1.00 18.62 ? 0   ACE B H1   1 
HETATM 273 H H2   . ACE B 1 1  ? -18.106 17.569  15.507  1.00 18.59 ? 0   ACE B H2   1 
HETATM 274 H H3   . ACE B 1 1  ? -18.213 18.603  16.705  1.00 18.51 ? 0   ACE B H3   1 
ATOM   275 N N    . GLY B 1 2  ? -16.645 16.501  17.295  1.00 14.22 ? 1   GLY B N    1 
ATOM   276 C CA   . GLY B 1 2  ? -15.998 15.439  18.082  1.00 13.63 ? 1   GLY B CA   1 
ATOM   277 C C    . GLY B 1 2  ? -14.579 15.267  17.610  1.00 11.22 ? 1   GLY B C    1 
ATOM   278 O O    . GLY B 1 2  ? -14.152 15.973  16.686  1.00 11.89 ? 1   GLY B O    1 
ATOM   279 H H    . GLY B 1 2  ? -16.080 17.054  16.748  1.00 14.71 ? 1   GLY B H    1 
ATOM   280 H HA2  . GLY B 1 2  ? -16.007 15.686  19.040  1.00 12.87 ? 1   GLY B HA2  1 
ATOM   281 H HA3  . GLY B 1 2  ? -16.494 14.590  17.964  1.00 13.52 ? 1   GLY B HA3  1 
ATOM   282 N N    . PRO B 1 3  ? -13.864 14.314  18.223  1.00 10.78 ? 2   PRO B N    1 
ATOM   283 C CA   . PRO B 1 3  ? -12.482 14.084  17.844  1.00 9.86  ? 2   PRO B CA   1 
ATOM   284 C C    . PRO B 1 3  ? -12.426 13.276  16.557  1.00 7.31  ? 2   PRO B C    1 
ATOM   285 O O    . PRO B 1 3  ? -13.364 12.589  16.162  1.00 7.75  ? 2   PRO B O    1 
ATOM   286 C CB   . PRO B 1 3  ? -11.940 13.294  19.033  1.00 10.72 ? 2   PRO B CB   1 
ATOM   287 C CG   . PRO B 1 3  ? -13.147 12.435  19.439  1.00 12.60 ? 2   PRO B CG   1 
ATOM   288 C CD   . PRO B 1 3  ? -14.332 13.360  19.262  1.00 12.08 ? 2   PRO B CD   1 
ATOM   289 H HA   . PRO B 1 3  ? -12.003 14.946  17.754  1.00 10.39 ? 2   PRO B HA   1 
ATOM   290 H HB2  . PRO B 1 3  ? -11.180 12.735  18.772  1.00 10.93 ? 2   PRO B HB2  1 
ATOM   291 H HB3  . PRO B 1 3  ? -11.667 13.890  19.763  1.00 11.12 ? 2   PRO B HB3  1 
ATOM   292 H HG2  . PRO B 1 3  ? -13.227 11.649  18.862  1.00 11.99 ? 2   PRO B HG2  1 
ATOM   293 H HG3  . PRO B 1 3  ? -13.070 12.140  20.369  1.00 12.27 ? 2   PRO B HG3  1 
ATOM   294 H HD2  . PRO B 1 3  ? -15.119 12.870  18.960  1.00 11.65 ? 2   PRO B HD2  1 
ATOM   295 H HD3  . PRO B 1 3  ? -14.543 13.823  20.092  1.00 12.20 ? 2   PRO B HD3  1 
HETATM 296 N N    . HYP B 1 4  ? -11.264 13.329  15.866  1.00 6.70  ? 3   HYP B N    1 
HETATM 297 C CA   . HYP B 1 4  ? -11.102 12.504  14.673  1.00 6.15  ? 3   HYP B CA   1 
HETATM 298 C C    . HYP B 1 4  ? -11.233 11.027  15.052  1.00 5.62  ? 3   HYP B C    1 
HETATM 299 O O    . HYP B 1 4  ? -10.933 10.585  16.159  1.00 6.58  ? 3   HYP B O    1 
HETATM 300 C CB   . HYP B 1 4  ? -9.690  12.793  14.185  1.00 6.69  ? 3   HYP B CB   1 
HETATM 301 C CG   . HYP B 1 4  ? -9.360  14.150  14.780  1.00 7.28  ? 3   HYP B CG   1 
HETATM 302 C CD   . HYP B 1 4  ? -10.046 14.103  16.140  1.00 7.34  ? 3   HYP B CD   1 
HETATM 303 O OD1  . HYP B 1 4  ? -9.888  15.167  13.951  1.00 8.62  ? 3   HYP B OD1  1 
HETATM 304 H HA   . HYP B 1 4  ? -11.775 12.759  13.994  1.00 6.44  ? 3   HYP B HA   1 
HETATM 305 H HB2  . HYP B 1 4  ? -9.658  12.825  13.195  1.00 6.79  ? 3   HYP B HB2  1 
HETATM 306 H HB3  . HYP B 1 4  ? -9.055  12.104  14.508  1.00 6.35  ? 3   HYP B HB3  1 
HETATM 307 H HG   . HYP B 1 4  ? -8.375  14.266  14.890  1.00 7.80  ? 3   HYP B HG   1 
HETATM 308 H HD22 . HYP B 1 4  ? -9.487  13.649  16.807  1.00 7.14  ? 3   HYP B HD22 1 
HETATM 309 H HD23 . HYP B 1 4  ? -10.266 15.004  16.458  1.00 7.85  ? 3   HYP B HD23 1 
HETATM 310 H HD1  . HYP B 1 4  ? -9.712  15.919  14.304  1.00 9.15  ? 3   HYP B HD1  1 
ATOM   311 N N    . GLY B 1 5  ? -11.608 10.253  14.037  1.00 5.84  ? 4   GLY B N    1 
ATOM   312 C CA   . GLY B 1 5  ? -11.584 8.811   14.152  1.00 5.86  ? 4   GLY B CA   1 
ATOM   313 C C    . GLY B 1 5  ? -10.149 8.263   14.163  1.00 6.21  ? 4   GLY B C    1 
ATOM   314 O O    . GLY B 1 5  ? -9.148  8.981   14.105  1.00 6.04  ? 4   GLY B O    1 
ATOM   315 H H    . GLY B 1 5  ? -11.915 10.671  13.171  1.00 6.13  ? 4   GLY B H    1 
ATOM   316 H HA2  . GLY B 1 5  ? -12.045 8.547   14.988  1.00 5.94  ? 4   GLY B HA2  1 
ATOM   317 H HA3  . GLY B 1 5  ? -12.080 8.422   13.393  1.00 6.19  ? 4   GLY B HA3  1 
ATOM   318 N N    . PRO B 1 6  ? -10.056 6.933   14.276  1.00 6.55  ? 5   PRO B N    1 
ATOM   319 C CA   . PRO B 1 6  ? -8.753  6.259   14.220  1.00 6.90  ? 5   PRO B CA   1 
ATOM   320 C C    . PRO B 1 6  ? -8.282  6.155   12.774  1.00 6.14  ? 5   PRO B C    1 
ATOM   321 O O    . PRO B 1 6  ? -9.026  6.430   11.814  1.00 6.00  ? 5   PRO B O    1 
ATOM   322 C CB   . PRO B 1 6  ? -9.070  4.882   14.800  1.00 8.87  ? 5   PRO B CB   1 
ATOM   323 C CG   . PRO B 1 6  ? -10.472 4.657   14.336  1.00 9.03  ? 5   PRO B CG   1 
ATOM   324 C CD   . PRO B 1 6  ? -11.195 6.015   14.437  1.00 7.85  ? 5   PRO B CD   1 
ATOM   325 H HA   . PRO B 1 6  ? -8.094  6.733   14.785  1.00 6.91  ? 5   PRO B HA   1 
ATOM   326 H HB2  . PRO B 1 6  ? -8.465  4.198   14.447  1.00 8.86  ? 5   PRO B HB2  1 
ATOM   327 H HB3  . PRO B 1 6  ? -9.017  4.887   15.780  1.00 8.99  ? 5   PRO B HB3  1 
ATOM   328 H HG2  . PRO B 1 6  ? -10.480 4.335   13.412  1.00 9.10  ? 5   PRO B HG2  1 
ATOM   329 H HG3  . PRO B 1 6  ? -10.917 3.991   14.900  1.00 9.48  ? 5   PRO B HG3  1 
ATOM   330 H HD2  . PRO B 1 6  ? -11.851 6.127   13.726  1.00 7.75  ? 5   PRO B HD2  1 
ATOM   331 H HD3  . PRO B 1 6  ? -11.627 6.130   15.304  1.00 7.85  ? 5   PRO B HD3  1 
HETATM 332 N N    . HYP B 1 7  ? -7.017  5.754   12.585  1.00 6.32  ? 6   HYP B N    1 
HETATM 333 C CA   . HYP B 1 7  ? -6.493  5.647   11.229  1.00 6.31  ? 6   HYP B CA   1 
HETATM 334 C C    . HYP B 1 7  ? -7.256  4.615   10.405  1.00 5.91  ? 6   HYP B C    1 
HETATM 335 O O    . HYP B 1 7  ? -7.756  3.605   10.893  1.00 6.34  ? 6   HYP B O    1 
HETATM 336 C CB   . HYP B 1 7  ? -5.042  5.143   11.459  1.00 6.92  ? 6   HYP B CB   1 
HETATM 337 C CG   . HYP B 1 7  ? -4.722  5.641   12.870  1.00 7.85  ? 6   HYP B CG   1 
HETATM 338 C CD   . HYP B 1 7  ? -6.008  5.451   13.600  1.00 7.53  ? 6   HYP B CD   1 
HETATM 339 O OD1  . HYP B 1 7  ? -4.368  7.014   12.784  1.00 7.46  ? 6   HYP B OD1  1 
HETATM 340 H HA   . HYP B 1 7  ? -6.501  6.534   10.790  1.00 5.96  ? 6   HYP B HA   1 
HETATM 341 H HB2  . HYP B 1 7  ? -4.420  5.533   10.794  1.00 6.73  ? 6   HYP B HB2  1 
HETATM 342 H HB3  . HYP B 1 7  ? -4.995  4.154   11.412  1.00 7.14  ? 6   HYP B HB3  1 
HETATM 343 H HG   . HYP B 1 7  ? -3.991  5.108   13.291  1.00 8.26  ? 6   HYP B HG   1 
HETATM 344 H HD22 . HYP B 1 7  ? -6.105  4.527   13.918  1.00 7.88  ? 6   HYP B HD22 1 
HETATM 345 H HD23 . HYP B 1 7  ? -6.081  6.063   14.357  1.00 7.56  ? 6   HYP B HD23 1 
HETATM 346 H HD1  . HYP B 1 7  ? -4.991  7.481   13.121  1.00 7.33  ? 6   HYP B HD1  1 
ATOM   347 N N    . GLY B 1 8  ? -7.276  4.868   9.086   1.00 5.43  ? 7   GLY B N    1 
ATOM   348 C CA   . GLY B 1 8  ? -7.716  3.855   8.154   1.00 5.79  ? 7   GLY B CA   1 
ATOM   349 C C    . GLY B 1 8  ? -6.795  2.667   8.113   1.00 5.88  ? 7   GLY B C    1 
ATOM   350 O O    . GLY B 1 8  ? -5.701  2.656   8.691   1.00 5.61  ? 7   GLY B O    1 
ATOM   351 H H    . GLY B 1 8  ? -6.984  5.769   8.736   1.00 5.23  ? 7   GLY B H    1 
ATOM   352 H HA2  . GLY B 1 8  ? -8.624  3.556   8.413   1.00 6.25  ? 7   GLY B HA2  1 
ATOM   353 H HA3  . GLY B 1 8  ? -7.773  4.253   7.253   1.00 5.68  ? 7   GLY B HA3  1 
ATOM   354 N N    . PRO B 1 9  ? -7.252  1.613   7.425   1.00 6.40  ? 8   PRO B N    1 
ATOM   355 C CA   . PRO B 1 9  ? -6.465  0.387   7.300   1.00 7.06  ? 8   PRO B CA   1 
ATOM   356 C C    . PRO B 1 9  ? -5.321  0.572   6.329   1.00 6.50  ? 8   PRO B C    1 
ATOM   357 O O    . PRO B 1 9  ? -5.313  1.467   5.502   1.00 5.98  ? 8   PRO B O    1 
ATOM   358 C CB   . PRO B 1 9  ? -7.530  -0.606  6.777   1.00 8.65  ? 8   PRO B CB   1 
ATOM   359 C CG   . PRO B 1 9  ? -8.385  0.256   5.889   1.00 8.42  ? 8   PRO B CG   1 
ATOM   360 C CD   . PRO B 1 9  ? -8.529  1.534   6.687   1.00 7.14  ? 8   PRO B CD   1 
ATOM   361 H HA   . PRO B 1 9  ? -6.137  0.103   8.190   1.00 7.24  ? 8   PRO B HA   1 
ATOM   362 H HB2  . PRO B 1 9  ? -7.117  -1.336  6.270   1.00 8.95  ? 8   PRO B HB2  1 
ATOM   363 H HB3  . PRO B 1 9  ? -8.055  -0.983  7.515   1.00 9.22  ? 8   PRO B HB3  1 
ATOM   364 H HG2  . PRO B 1 9  ? -7.945  0.424   5.030   1.00 8.06  ? 8   PRO B HG2  1 
ATOM   365 H HG3  . PRO B 1 9  ? -9.257  -0.158  5.728   1.00 9.35  ? 8   PRO B HG3  1 
ATOM   366 H HD2  . PRO B 1 9  ? -8.645  2.304   6.100   1.00 6.89  ? 8   PRO B HD2  1 
ATOM   367 H HD3  . PRO B 1 9  ? -9.286  1.484   7.299   1.00 7.58  ? 8   PRO B HD3  1 
HETATM 368 N N    . HYP B 1 10 ? -4.367  -0.352  6.353   1.00 7.95  ? 9   HYP B N    1 
HETATM 369 C CA   . HYP B 1 10 ? -3.295  -0.311  5.366   1.00 9.07  ? 9   HYP B CA   1 
HETATM 370 C C    . HYP B 1 10 ? -3.789  -0.463  3.939   1.00 8.30  ? 9   HYP B C    1 
HETATM 371 O O    . HYP B 1 10 ? -4.800  -1.118  3.696   1.00 8.79  ? 9   HYP B O    1 
HETATM 372 C CB   . HYP B 1 10 ? -2.432  -1.527  5.630   1.00 11.97 ? 9   HYP B CB   1 
HETATM 373 C CG   . HYP B 1 10 ? -2.742  -1.835  7.070   1.00 12.53 ? 9   HYP B CG   1 
HETATM 374 C CD   . HYP B 1 10 ? -4.217  -1.496  7.276   1.00 10.08 ? 9   HYP B CD   1 
HETATM 375 O OD1  . HYP B 1 10 ? -1.936  -0.950  7.821   1.00 16.86 ? 9   HYP B OD1  1 
HETATM 376 H HA   . HYP B 1 10 ? -2.773  0.523   5.471   1.00 8.09  ? 9   HYP B HA   1 
HETATM 377 H HB2  . HYP B 1 10 ? -1.471  -1.318  5.507   1.00 11.09 ? 9   HYP B HB2  1 
HETATM 378 H HB3  . HYP B 1 10 ? -2.683  -2.283  5.042   1.00 11.87 ? 9   HYP B HB3  1 
HETATM 379 H HG   . HYP B 1 10 ? -2.552  -2.787  7.301   1.00 13.07 ? 9   HYP B HG   1 
HETATM 380 H HD22 . HYP B 1 10 ? -4.802  -2.239  7.015   1.00 10.83 ? 9   HYP B HD22 1 
HETATM 381 H HD23 . HYP B 1 10 ? -4.404  -1.235  8.204   1.00 10.17 ? 9   HYP B HD23 1 
HETATM 382 H HD1  . HYP B 1 10 ? -2.421  -0.323  8.122   1.00 14.96 ? 9   HYP B HD1  1 
ATOM   383 N N    . GLY B 1 11 ? -3.011  0.092   3.017   1.00 8.53  ? 10  GLY B N    1 
ATOM   384 C CA   . GLY B 1 11 ? -3.222  -0.129  1.601   1.00 9.88  ? 10  GLY B CA   1 
ATOM   385 C C    . GLY B 1 11 ? -2.870  -1.558  1.192   1.00 9.29  ? 10  GLY B C    1 
ATOM   386 O O    . GLY B 1 11 ? -2.334  -2.306  2.013   1.00 9.69  ? 10  GLY B O    1 
ATOM   387 H H    . GLY B 1 11 ? -2.246  0.687   3.305   1.00 7.93  ? 10  GLY B H    1 
ATOM   388 H HA2  . GLY B 1 11 ? -4.167  0.053   1.385   1.00 9.94  ? 10  GLY B HA2  1 
ATOM   389 H HA3  . GLY B 1 11 ? -2.663  0.505   1.096   1.00 8.95  ? 10  GLY B HA3  1 
HETATM 390 N N    . NLY B 1 12 ? -3.065  -1.911  0.000   1.00 10.41 ? 11  NLY B N    1 
HETATM 391 C CB   . NLY B 1 12 ? -3.583  -1.046  -0.987  1.00 10.26 ? 11  NLY B CB   1 
HETATM 392 C CG   . NLY B 1 12 ? -5.082  -1.289  -1.072  1.00 13.67 ? 11  NLY B CG   1 
HETATM 393 C CD   . NLY B 1 12 ? -5.574  -0.590  -2.263  1.00 17.23 ? 11  NLY B CD   1 
HETATM 394 C CE   . NLY B 1 12 ? -5.560  0.890   -2.057  1.00 19.27 ? 11  NLY B CE   1 
HETATM 395 N NZ   . NLY B 1 12 ? -5.749  1.559   -3.351  1.00 24.90 ? 11  NLY B NZ   1 
HETATM 396 C CA   . NLY B 1 12 ? -2.681  -3.181  -0.500  1.00 11.97 ? 11  NLY B CA   1 
HETATM 397 C C    . NLY B 1 12 ? -1.250  -3.147  -1.029  1.00 11.08 ? 11  NLY B C    1 
HETATM 398 O O    . NLY B 1 12 ? -0.584  -2.075  -1.054  1.00 8.45  ? 11  NLY B O    1 
HETATM 399 H H3   . NLY B 1 12 ? -3.178  -1.248  -1.846  1.00 10.51 ? 11  NLY B H3   1 
HETATM 400 H H4   . NLY B 1 12 ? -3.397  -0.123  -0.775  1.00 9.95  ? 11  NLY B H4   1 
HETATM 401 H H5   . NLY B 1 12 ? -5.266  -2.238  -1.153  1.00 13.79 ? 11  NLY B H5   1 
HETATM 402 H H6   . NLY B 1 12 ? -5.519  -0.938  -0.279  1.00 13.70 ? 11  NLY B H6   1 
HETATM 403 H H7   . NLY B 1 12 ? -5.022  -0.813  -3.029  1.00 16.47 ? 11  NLY B H7   1 
HETATM 404 H H8   . NLY B 1 12 ? -6.484  -0.874  -2.440  1.00 17.64 ? 11  NLY B H8   1 
HETATM 405 H H9   . NLY B 1 12 ? -6.283  1.138   -1.459  1.00 19.24 ? 11  NLY B H9   1 
HETATM 406 H H10  . NLY B 1 12 ? -4.719  1.182   -1.679  1.00 17.24 ? 11  NLY B H10  1 
HETATM 407 H H11  . NLY B 1 12 ? -6.348  1.275   -3.899  1.00 25.14 ? 11  NLY B H11  1 
HETATM 408 H H12  . NLY B 1 12 ? -5.261  2.235   -3.561  1.00 23.50 ? 11  NLY B H12  1 
HETATM 409 H HA2  . NLY B 1 12 ? -3.274  -3.446  -1.220  1.00 12.49 ? 11  NLY B HA2  1 
HETATM 410 H HA3  . NLY B 1 12 ? -2.749  -3.837  0.208   1.00 12.39 ? 11  NLY B HA3  1 
HETATM 411 N N    . HYP B 1 13 ? -0.682  -4.300  -1.372  1.00 12.30 ? 12  HYP B N    1 
HETATM 412 C CA   . HYP B 1 13 ? 0.699   -4.374  -1.911  1.00 11.27 ? 12  HYP B CA   1 
HETATM 413 C C    . HYP B 1 13 ? 0.836   -3.442  -3.097  1.00 9.06  ? 12  HYP B C    1 
HETATM 414 O O    . HYP B 1 13 ? -0.067  -3.216  -3.889  1.00 9.40  ? 12  HYP B O    1 
HETATM 415 C CB   . HYP B 1 13 ? 0.877   -5.870  -2.213  1.00 12.03 ? 12  HYP B CB   1 
HETATM 416 C CG   . HYP B 1 13 ? -0.135  -6.581  -1.308  1.00 13.99 ? 12  HYP B CG   1 
HETATM 417 C CD   . HYP B 1 13 ? -1.312  -5.631  -1.257  1.00 14.88 ? 12  HYP B CD   1 
HETATM 418 O OD1  . HYP B 1 13 ? 0.479   -6.754  -0.021  1.00 15.49 ? 12  HYP B OD1  1 
HETATM 419 H HA   . HYP B 1 13 ? 1.330   -4.098  -1.200  1.00 10.70 ? 12  HYP B HA   1 
HETATM 420 H HB2  . HYP B 1 13 ? 1.800   -6.162  -2.004  1.00 12.00 ? 12  HYP B HB2  1 
HETATM 421 H HB3  . HYP B 1 13 ? 0.688   -6.060  -3.165  1.00 12.33 ? 12  HYP B HB3  1 
HETATM 422 H HG   . HYP B 1 13 ? -0.407  -7.461  -1.691  1.00 14.98 ? 12  HYP B HG   1 
HETATM 423 H HD22 . HYP B 1 13 ? -1.931  -5.789  -2.005  1.00 15.38 ? 12  HYP B HD22 1 
HETATM 424 H HD23 . HYP B 1 13 ? -1.800  -5.712  -0.410  1.00 14.89 ? 12  HYP B HD23 1 
HETATM 425 H HD1  . HYP B 1 13 ? -0.077  -7.156  0.483   1.00 15.79 ? 12  HYP B HD1  1 
ATOM   426 N N    . GLY B 1 14 ? 2.084   -3.002  -3.329  1.00 7.43  ? 13  GLY B N    1 
ATOM   427 C CA   . GLY B 1 14 ? 2.371   -2.232  -4.535  1.00 7.56  ? 13  GLY B CA   1 
ATOM   428 C C    . GLY B 1 14 ? 2.320   -3.051  -5.812  1.00 6.87  ? 13  GLY B C    1 
ATOM   429 O O    . GLY B 1 14 ? 2.072   -4.264  -5.816  1.00 7.07  ? 13  GLY B O    1 
ATOM   430 H H    . GLY B 1 14 ? 2.830   -3.199  -2.676  1.00 7.43  ? 13  GLY B H    1 
ATOM   431 H HA2  . GLY B 1 14 ? 1.717   -1.493  -4.599  1.00 7.37  ? 13  GLY B HA2  1 
ATOM   432 H HA3  . GLY B 1 14 ? 3.267   -1.830  -4.448  1.00 7.05  ? 13  GLY B HA3  1 
ATOM   433 N N    . PRO B 1 15 ? 2.534   -2.356  -6.931  1.00 7.05  ? 14  PRO B N    1 
ATOM   434 C CA   . PRO B 1 15 ? 2.576   -3.029  -8.217  1.00 7.42  ? 14  PRO B CA   1 
ATOM   435 C C    . PRO B 1 15 ? 3.673   -4.088  -8.283  1.00 5.93  ? 14  PRO B C    1 
ATOM   436 O O    . PRO B 1 15 ? 4.685   -4.007  -7.604  1.00 5.54  ? 14  PRO B O    1 
ATOM   437 C CB   . PRO B 1 15 ? 2.869   -1.907  -9.236  1.00 9.55  ? 14  PRO B CB   1 
ATOM   438 C CG   . PRO B 1 15 ? 2.417   -0.666  -8.539  1.00 10.23 ? 14  PRO B CG   1 
ATOM   439 C CD   . PRO B 1 15 ? 2.741   -0.903  -7.075  1.00 7.99  ? 14  PRO B CD   1 
ATOM   440 H HA   . PRO B 1 15 ? 1.692   -3.429  -8.406  1.00 8.03  ? 14  PRO B HA   1 
ATOM   441 H HB2  . PRO B 1 15 ? 3.826   -1.861  -9.445  1.00 8.96  ? 14  PRO B HB2  1 
ATOM   442 H HB3  . PRO B 1 15 ? 2.366   -2.046  -10.066 1.00 10.00 ? 14  PRO B HB3  1 
ATOM   443 H HG2  . PRO B 1 15 ? 2.895   0.118   -8.879  1.00 9.85  ? 14  PRO B HG2  1 
ATOM   444 H HG3  . PRO B 1 15 ? 1.455   -0.529  -8.664  1.00 10.63 ? 14  PRO B HG3  1 
ATOM   445 H HD2  . PRO B 1 15 ? 3.662   -0.657  -6.872  1.00 7.56  ? 14  PRO B HD2  1 
ATOM   446 H HD3  . PRO B 1 15 ? 2.139   -0.401  -6.496  1.00 8.10  ? 14  PRO B HD3  1 
HETATM 447 N N    . HYP B 1 16 ? 3.510   -5.063  -9.180  1.00 6.00  ? 15  HYP B N    1 
HETATM 448 C CA   . HYP B 1 16 ? 4.608   -6.022  -9.426  1.00 5.83  ? 15  HYP B CA   1 
HETATM 449 C C    . HYP B 1 16 ? 5.871   -5.273  -9.822  1.00 5.37  ? 15  HYP B C    1 
HETATM 450 O O    . HYP B 1 16 ? 5.871   -4.241  -10.504 1.00 5.66  ? 15  HYP B O    1 
HETATM 451 C CB   . HYP B 1 16 ? 4.024   -6.890  -10.554 1.00 6.91  ? 15  HYP B CB   1 
HETATM 452 C CG   . HYP B 1 16 ? 2.508   -6.779  -10.421 1.00 8.13  ? 15  HYP B CG   1 
HETATM 453 C CD   . HYP B 1 16 ? 2.320   -5.345  -10.018 1.00 7.83  ? 15  HYP B CD   1 
HETATM 454 O OD1  . HYP B 1 16 ? 2.048   -7.662  -9.401  1.00 8.84  ? 15  HYP B OD1  1 
HETATM 455 H HA   . HYP B 1 16 ? 4.765   -6.561  -8.612  1.00 5.76  ? 15  HYP B HA   1 
HETATM 456 H HB2  . HYP B 1 16 ? 4.314   -7.831  -10.452 1.00 7.13  ? 15  HYP B HB2  1 
HETATM 457 H HB3  . HYP B 1 16 ? 4.322   -6.559  -11.439 1.00 6.83  ? 15  HYP B HB3  1 
HETATM 458 H HG   . HYP B 1 16 ? 2.050   -6.966  -11.288 1.00 8.96  ? 15  HYP B HG   1 
HETATM 459 H HD22 . HYP B 1 16 ? 2.300   -4.754  -10.800 1.00 7.87  ? 15  HYP B HD22 1 
HETATM 460 H HD23 . HYP B 1 16 ? 1.495   -5.229  -9.502  1.00 8.31  ? 15  HYP B HD23 1 
HETATM 461 H HD1  . HYP B 1 16 ? 2.108   -7.268  -8.652  1.00 8.36  ? 15  HYP B HD1  1 
ATOM   462 N N    . GLY B 1 17 ? 7.009   -5.872  -9.456  1.00 5.30  ? 16  GLY B N    1 
ATOM   463 C CA   . GLY B 1 17 ? 8.278   -5.325  -9.897  1.00 5.40  ? 16  GLY B CA   1 
ATOM   464 C C    . GLY B 1 17 ? 8.502   -5.524  -11.400 1.00 5.39  ? 16  GLY B C    1 
ATOM   465 O O    . GLY B 1 17 ? 7.742   -6.221  -12.089 1.00 6.05  ? 16  GLY B O    1 
ATOM   466 H H    . GLY B 1 17 ? 6.996   -6.701  -8.879  1.00 5.42  ? 16  GLY B H    1 
ATOM   467 H HA2  . GLY B 1 17 ? 8.302   -4.358  -9.685  1.00 5.23  ? 16  GLY B HA2  1 
ATOM   468 H HA3  . GLY B 1 17 ? 9.007   -5.764  -9.398  1.00 5.27  ? 16  GLY B HA3  1 
ATOM   469 N N    . PRO B 1 18 ? 9.546   -4.897  -11.912 1.00 5.86  ? 17  PRO B N    1 
ATOM   470 C CA   . PRO B 1 18 ? 9.854   -5.018  -13.344 1.00 6.84  ? 17  PRO B CA   1 
ATOM   471 C C    . PRO B 1 18 ? 10.456  -6.380  -13.671 1.00 5.46  ? 17  PRO B C    1 
ATOM   472 O O    . PRO B 1 18 ? 10.984  -7.081  -12.800 1.00 5.65  ? 17  PRO B O    1 
ATOM   473 C CB   . PRO B 1 18 ? 10.834  -3.895  -13.582 1.00 7.93  ? 17  PRO B CB   1 
ATOM   474 C CG   . PRO B 1 18 ? 11.550  -3.823  -12.312 1.00 8.46  ? 17  PRO B CG   1 
ATOM   475 C CD   . PRO B 1 18 ? 10.501  -4.031  -11.231 1.00 6.12  ? 17  PRO B CD   1 
ATOM   476 H HA   . PRO B 1 18 ? 9.032   -4.862  -13.872 1.00 7.01  ? 17  PRO B HA   1 
ATOM   477 H HB2  . PRO B 1 18 ? 11.443  -4.104  -14.322 1.00 7.96  ? 17  PRO B HB2  1 
ATOM   478 H HB3  . PRO B 1 18 ? 10.370  -3.051  -13.775 1.00 8.29  ? 17  PRO B HB3  1 
ATOM   479 H HG2  . PRO B 1 18 ? 12.236  -4.520  -12.264 1.00 8.03  ? 17  PRO B HG2  1 
ATOM   480 H HG3  . PRO B 1 18 ? 11.982  -2.951  -12.209 1.00 8.69  ? 17  PRO B HG3  1 
ATOM   481 H HD2  . PRO B 1 18 ? 10.881  -4.467  -10.446 1.00 6.14  ? 17  PRO B HD2  1 
ATOM   482 H HD3  . PRO B 1 18 ? 10.090  -3.188  -10.966 1.00 6.28  ? 17  PRO B HD3  1 
HETATM 483 N N    . HYP B 1 19 ? 10.435  -6.747  -14.967 1.00 5.56  ? 18  HYP B N    1 
HETATM 484 C CA   . HYP B 1 19 ? 11.186  -7.943  -15.395 1.00 5.57  ? 18  HYP B CA   1 
HETATM 485 C C    . HYP B 1 19 ? 12.642  -7.845  -14.972 1.00 5.61  ? 18  HYP B C    1 
HETATM 486 O O    . HYP B 1 19 ? 13.251  -6.777  -14.997 1.00 6.13  ? 18  HYP B O    1 
HETATM 487 C CB   . HYP B 1 19 ? 11.028  -7.907  -16.953 1.00 6.22  ? 18  HYP B CB   1 
HETATM 488 C CG   . HYP B 1 19 ? 9.751   -7.091  -17.170 1.00 6.42  ? 18  HYP B CG   1 
HETATM 489 C CD   . HYP B 1 19 ? 9.793   -6.060  -16.088 1.00 6.27  ? 18  HYP B CD   1 
HETATM 490 O OD1  . HYP B 1 19 ? 8.605   -7.908  -17.062 1.00 6.92  ? 18  HYP B OD1  1 
HETATM 491 H HA   . HYP B 1 19 ? 10.764  -8.754  -15.015 1.00 5.63  ? 18  HYP B HA   1 
HETATM 492 H HB2  . HYP B 1 19 ? 10.931  -8.822  -17.321 1.00 6.30  ? 18  HYP B HB2  1 
HETATM 493 H HB3  . HYP B 1 19 ? 11.807  -7.467  -17.378 1.00 5.98  ? 18  HYP B HB3  1 
HETATM 494 H HG   . HYP B 1 19 ? 9.767   -6.646  -18.064 1.00 7.03  ? 18  HYP B HG   1 
HETATM 495 H HD22 . HYP B 1 19 ? 10.320  -5.280  -16.362 1.00 6.32  ? 18  HYP B HD22 1 
HETATM 496 H HD23 . HYP B 1 19 ? 8.889   -5.768  -15.844 1.00 6.49  ? 18  HYP B HD23 1 
HETATM 497 H HD1  . HYP B 1 19 ? 8.392   -7.971  -16.244 1.00 6.70  ? 18  HYP B HD1  1 
ATOM   498 N N    . GLY B 1 20 ? 13.231  -9.017  -14.734 1.00 5.70  ? 19  GLY B N    1 
ATOM   499 C CA   . GLY B 1 20 ? 14.664  -9.086  -14.454 1.00 5.70  ? 19  GLY B CA   1 
ATOM   500 C C    . GLY B 1 20 ? 15.476  -8.827  -15.716 1.00 5.55  ? 19  GLY B C    1 
ATOM   501 O O    . GLY B 1 20 ? 14.964  -8.741  -16.822 1.00 6.14  ? 19  GLY B O    1 
ATOM   502 H H    . GLY B 1 20 ? 12.690  -9.869  -14.746 1.00 5.82  ? 19  GLY B H    1 
ATOM   503 H HA2  . GLY B 1 20 ? 14.893  -8.413  -13.766 1.00 5.81  ? 19  GLY B HA2  1 
ATOM   504 H HA3  . GLY B 1 20 ? 14.881  -9.983  -14.099 1.00 5.90  ? 19  GLY B HA3  1 
ATOM   505 N N    . PRO B 1 21 ? 16.803  -8.699  -15.519 1.00 5.77  ? 20  PRO B N    1 
ATOM   506 C CA   . PRO B 1 21 ? 17.726  -8.538  -16.655 1.00 5.72  ? 20  PRO B CA   1 
ATOM   507 C C    . PRO B 1 21 ? 17.956  -9.884  -17.325 1.00 5.51  ? 20  PRO B C    1 
ATOM   508 O O    . PRO B 1 21 ? 17.550  -10.930 -16.826 1.00 6.03  ? 20  PRO B O    1 
ATOM   509 C CB   . PRO B 1 21 ? 19.007  -8.026  -15.981 1.00 6.78  ? 20  PRO B CB   1 
ATOM   510 C CG   . PRO B 1 21 ? 18.971  -8.765  -14.668 1.00 7.78  ? 20  PRO B CG   1 
ATOM   511 C CD   . PRO B 1 21 ? 17.510  -8.732  -14.239 1.00 6.52  ? 20  PRO B CD   1 
ATOM   512 H HA   . PRO B 1 21 ? 17.374  -7.869  -17.293 1.00 5.78  ? 20  PRO B HA   1 
ATOM   513 H HB2  . PRO B 1 21 ? 19.806  -8.258  -16.500 1.00 7.11  ? 20  PRO B HB2  1 
ATOM   514 H HB3  . PRO B 1 21 ? 18.977  -7.055  -15.844 1.00 7.14  ? 20  PRO B HB3  1 
ATOM   515 H HG2  . PRO B 1 21 ? 19.278  -9.689  -14.780 1.00 7.77  ? 20  PRO B HG2  1 
ATOM   516 H HG3  . PRO B 1 21 ? 19.537  -8.323  -14.004 1.00 8.18  ? 20  PRO B HG3  1 
ATOM   517 H HD2  . PRO B 1 21 ? 17.273  -9.527  -13.727 1.00 6.60  ? 20  PRO B HD2  1 
ATOM   518 H HD3  . PRO B 1 21 ? 17.315  -7.938  -13.706 1.00 6.59  ? 20  PRO B HD3  1 
HETATM 519 N N    . HYP B 1 22 ? 18.663  -9.901  -18.464 1.00 5.95  ? 21  HYP B N    1 
HETATM 520 C CA   . HYP B 1 22 ? 18.932  -11.159 -19.167 1.00 6.07  ? 21  HYP B CA   1 
HETATM 521 C C    . HYP B 1 22 ? 19.719  -12.173 -18.340 1.00 6.51  ? 21  HYP B C    1 
HETATM 522 O O    . HYP B 1 22 ? 20.653  -11.781 -17.618 1.00 7.72  ? 21  HYP B O    1 
HETATM 523 C CB   . HYP B 1 22 ? 19.686  -10.712 -20.428 1.00 6.95  ? 21  HYP B CB   1 
HETATM 524 C CG   . HYP B 1 22 ? 19.189  -9.301  -20.646 1.00 7.13  ? 21  HYP B CG   1 
HETATM 525 C CD   . HYP B 1 22 ? 19.102  -8.732  -19.242 1.00 6.47  ? 21  HYP B CD   1 
HETATM 526 O OD1  . HYP B 1 22 ? 17.892  -9.333  -21.215 1.00 8.02  ? 21  HYP B OD1  1 
HETATM 527 H HA   . HYP B 1 22 ? 18.064  -11.559 -19.427 1.00 5.82  ? 21  HYP B HA   1 
HETATM 528 H HB2  . HYP B 1 22 ? 19.464  -11.290 -21.202 1.00 6.74  ? 21  HYP B HB2  1 
HETATM 529 H HB3  . HYP B 1 22 ? 20.666  -10.724 -20.281 1.00 7.16  ? 21  HYP B HB3  1 
HETATM 530 H HG   . HYP B 1 22 ? 19.817  -8.770  -21.212 1.00 7.51  ? 21  HYP B HG   1 
HETATM 531 H HD22 . HYP B 1 22 ? 19.975  -8.413  -18.930 1.00 7.00  ? 21  HYP B HD22 1 
HETATM 532 H HD23 . HYP B 1 22 ? 18.450  -8.005  -19.189 1.00 6.56  ? 21  HYP B HD23 1 
HETATM 533 H HD1  . HYP B 1 22 ? 17.328  -9.088  -20.632 1.00 7.60  ? 21  HYP B HD1  1 
HETATM 534 N N    . NH2 B 1 23 ? 19.451  -13.405 -18.583 1.00 7.05  ? 22  NH2 B N    1 
HETATM 535 H HN1  . NH2 B 1 23 ? 20.096  -13.446 -19.306 1.00 7.17  ? 22  NH2 B HN1  1 
HETATM 536 H HN2  . NH2 B 1 23 ? 18.950  -14.196 -18.340 1.00 7.60  ? 22  NH2 B HN2  1 
HETATM 537 C C    . ACE C 1 1  ? -18.410 14.077  15.109  1.00 11.27 ? 0   ACE C C    1 
HETATM 538 O O    . ACE C 1 1  ? -18.491 15.079  14.443  1.00 12.33 ? 0   ACE C O    1 
HETATM 539 C CH3  . ACE C 1 1  ? -19.608 13.476  15.807  1.00 14.18 ? 0   ACE C CH3  1 
HETATM 540 H H1   . ACE C 1 1  ? -20.423 13.850  15.433  1.00 14.14 ? 0   ACE C H1   1 
HETATM 541 H H2   . ACE C 1 1  ? -19.566 13.677  16.756  1.00 13.70 ? 0   ACE C H2   1 
HETATM 542 H H3   . ACE C 1 1  ? -19.608 12.513  15.680  1.00 14.38 ? 0   ACE C H3   1 
ATOM   543 N N    . GLY C 1 2  ? -17.240 13.449  15.255  1.00 10.17 ? 1   GLY C N    1 
ATOM   544 C CA   . GLY C 1 2  ? -16.000 14.043  14.751  1.00 8.94  ? 1   GLY C CA   1 
ATOM   545 C C    . GLY C 1 2  ? -15.714 13.756  13.271  1.00 8.46  ? 1   GLY C C    1 
ATOM   546 O O    . GLY C 1 2  ? -16.424 13.051  12.571  1.00 9.41  ? 1   GLY C O    1 
ATOM   547 H H    . GLY C 1 2  ? -17.176 12.597  15.691  1.00 10.46 ? 1   GLY C H    1 
ATOM   548 H HA2  . GLY C 1 2  ? -16.041 15.022  14.888  1.00 8.95  ? 1   GLY C HA2  1 
ATOM   549 H HA3  . GLY C 1 2  ? -15.249 13.702  15.292  1.00 8.95  ? 1   GLY C HA3  1 
ATOM   550 N N    . PRO C 1 3  ? -14.630 14.363  12.755  1.00 8.09  ? 2   PRO C N    1 
ATOM   551 C CA   . PRO C 1 3  ? -14.155 14.128  11.403  1.00 8.27  ? 2   PRO C CA   1 
ATOM   552 C C    . PRO C 1 3  ? -13.548 12.745  11.238  1.00 6.46  ? 2   PRO C C    1 
ATOM   553 O O    . PRO C 1 3  ? -13.207 12.041  12.187  1.00 6.18  ? 2   PRO C O    1 
ATOM   554 C CB   . PRO C 1 3  ? -13.095 15.218  11.213  1.00 10.81 ? 2   PRO C CB   1 
ATOM   555 C CG   . PRO C 1 3  ? -12.837 15.857  12.497  1.00 11.54 ? 2   PRO C CG   1 
ATOM   556 C CD   . PRO C 1 3  ? -13.765 15.284  13.503  1.00 8.47  ? 2   PRO C CD   1 
ATOM   557 H HA   . PRO C 1 3  ? -14.897 14.264  10.763  1.00 8.58  ? 2   PRO C HA   1 
ATOM   558 H HB2  . PRO C 1 3  ? -12.266 14.826  10.863  1.00 10.12 ? 2   PRO C HB2  1 
ATOM   559 H HB3  . PRO C 1 3  ? -13.410 15.884  10.566  1.00 10.99 ? 2   PRO C HB3  1 
ATOM   560 H HG2  . PRO C 1 3  ? -11.911 15.704  12.768  1.00 10.57 ? 2   PRO C HG2  1 
ATOM   561 H HG3  . PRO C 1 3  ? -12.977 16.824  12.425  1.00 12.32 ? 2   PRO C HG3  1 
ATOM   562 H HD2  . PRO C 1 3  ? -13.272 14.807  14.196  1.00 8.50  ? 2   PRO C HD2  1 
ATOM   563 H HD3  . PRO C 1 3  ? -14.292 15.990  13.923  1.00 8.52  ? 2   PRO C HD3  1 
HETATM 564 N N    . HYP C 1 4  ? -13.333 12.308  9.977   1.00 6.37  ? 3   HYP C N    1 
HETATM 565 C CA   . HYP C 1 4  ? -12.626 11.048  9.738   1.00 6.68  ? 3   HYP C CA   1 
HETATM 566 C C    . HYP C 1 4  ? -11.242 11.045  10.368  1.00 5.66  ? 3   HYP C C    1 
HETATM 567 O O    . HYP C 1 4  ? -10.577 12.068  10.494  1.00 6.01  ? 3   HYP C O    1 
HETATM 568 C CB   . HYP C 1 4  ? -12.486 11.034  8.210   1.00 8.03  ? 3   HYP C CB   1 
HETATM 569 C CG   . HYP C 1 4  ? -13.663 11.871  7.733   1.00 9.31  ? 3   HYP C CG   1 
HETATM 570 C CD   . HYP C 1 4  ? -13.742 12.980  8.729   1.00 7.57  ? 3   HYP C CD   1 
HETATM 571 O OD1  . HYP C 1 4  ? -14.815 11.059  7.762   1.00 10.69 ? 3   HYP C OD1  1 
HETATM 572 H HA   . HYP C 1 4  ? -13.168 10.285  10.058  1.00 6.84  ? 3   HYP C HA   1 
HETATM 573 H HB2  . HYP C 1 4  ? -12.542 10.110  7.859   1.00 8.07  ? 3   HYP C HB2  1 
HETATM 574 H HB3  . HYP C 1 4  ? -11.626 11.438  7.927   1.00 7.66  ? 3   HYP C HB3  1 
HETATM 575 H HG   . HYP C 1 4  ? -13.508 12.230  6.816   1.00 9.47  ? 3   HYP C HG   1 
HETATM 576 H HD22 . HYP C 1 4  ? -13.127 13.709  8.506   1.00 7.49  ? 3   HYP C HD22 1 
HETATM 577 H HD23 . HYP C 1 4  ? -14.656 13.330  8.801   1.00 8.12  ? 3   HYP C HD23 1 
HETATM 578 H HD1  . HYP C 1 4  ? -15.461 11.501  7.435   1.00 11.18 ? 3   HYP C HD1  1 
ATOM   579 N N    . GLY C 1 5  ? -10.765 9.846   10.683  1.00 5.85  ? 4   GLY C N    1 
ATOM   580 C CA   . GLY C 1 5  ? -9.377  9.671   11.085  1.00 5.58  ? 4   GLY C CA   1 
ATOM   581 C C    . GLY C 1 5  ? -8.418  9.898   9.930   1.00 5.93  ? 4   GLY C C    1 
ATOM   582 O O    . GLY C 1 5  ? -8.818  10.068  8.777   1.00 6.65  ? 4   GLY C O    1 
ATOM   583 H H    . GLY C 1 5  ? -11.370 9.038   10.646  1.00 5.95  ? 4   GLY C H    1 
ATOM   584 H HA2  . GLY C 1 5  ? -9.173  10.311  11.812  1.00 5.92  ? 4   GLY C HA2  1 
ATOM   585 H HA3  . GLY C 1 5  ? -9.257  8.758   11.436  1.00 5.98  ? 4   GLY C HA3  1 
ATOM   586 N N    . PRO C 1 6  ? -7.103  9.841   10.266  1.00 6.15  ? 5   PRO C N    1 
ATOM   587 C CA   . PRO C 1 6  ? -6.073  9.920   9.233   1.00 7.04  ? 5   PRO C CA   1 
ATOM   588 C C    . PRO C 1 6  ? -6.228  8.787   8.210   1.00 6.11  ? 5   PRO C C    1 
ATOM   589 O O    . PRO C 1 6  ? -6.640  7.688   8.549   1.00 6.20  ? 5   PRO C O    1 
ATOM   590 C CB   . PRO C 1 6  ? -4.779  9.774   10.055  1.00 8.15  ? 5   PRO C CB   1 
ATOM   591 C CG   . PRO C 1 6  ? -5.113  10.122  11.486  1.00 8.23  ? 5   PRO C CG   1 
ATOM   592 C CD   . PRO C 1 6  ? -6.528  9.609   11.596  1.00 7.00  ? 5   PRO C CD   1 
ATOM   593 H HA   . PRO C 1 6  ? -6.103  10.806  8.795   1.00 6.98  ? 5   PRO C HA   1 
ATOM   594 H HB2  . PRO C 1 6  ? -4.440  8.855   10.000  1.00 7.84  ? 5   PRO C HB2  1 
ATOM   595 H HB3  . PRO C 1 6  ? -4.087  10.378  9.711   1.00 8.36  ? 5   PRO C HB3  1 
ATOM   596 H HG2  . PRO C 1 6  ? -4.517  9.664   12.115  1.00 8.77  ? 5   PRO C HG2  1 
ATOM   597 H HG3  . PRO C 1 6  ? -5.070  11.088  11.639  1.00 8.47  ? 5   PRO C HG3  1 
ATOM   598 H HD2  . PRO C 1 6  ? -6.540  8.659   11.817  1.00 7.18  ? 5   PRO C HD2  1 
ATOM   599 H HD3  . PRO C 1 6  ? -7.021  10.098  12.280  1.00 7.16  ? 5   PRO C HD3  1 
HETATM 600 N N    . HYP C 1 7  ? -5.778  9.012   6.950   1.00 6.91  ? 6   HYP C N    1 
HETATM 601 C CA   . HYP C 1 7  ? -5.702  7.912   6.005   1.00 6.65  ? 6   HYP C CA   1 
HETATM 602 C C    . HYP C 1 7  ? -4.815  6.796   6.557   1.00 6.70  ? 6   HYP C C    1 
HETATM 603 O O    . HYP C 1 7  ? -3.817  7.034   7.259   1.00 6.69  ? 6   HYP C O    1 
HETATM 604 C CB   . HYP C 1 7  ? -5.056  8.583   4.766   1.00 7.77  ? 6   HYP C CB   1 
HETATM 605 C CG   . HYP C 1 7  ? -5.385  10.045  4.902   1.00 8.56  ? 6   HYP C CG   1 
HETATM 606 C CD   . HYP C 1 7  ? -5.259  10.263  6.376   1.00 7.43  ? 6   HYP C CD   1 
HETATM 607 O OD1  . HYP C 1 7  ? -6.732  10.279  4.510   1.00 9.46  ? 6   HYP C OD1  1 
HETATM 608 H HA   . HYP C 1 7  ? -6.610  7.577   5.799   1.00 6.48  ? 6   HYP C HA   1 
HETATM 609 H HB2  . HYP C 1 7  ? -5.437  8.215   3.929   1.00 7.62  ? 6   HYP C HB2  1 
HETATM 610 H HB3  . HYP C 1 7  ? -4.074  8.444   4.762   1.00 7.62  ? 6   HYP C HB3  1 
HETATM 611 H HG   . HYP C 1 7  ? -4.749  10.623  4.394   1.00 8.95  ? 6   HYP C HG   1 
HETATM 612 H HD22 . HYP C 1 7  ? -4.326  10.405  6.639   1.00 7.73  ? 6   HYP C HD22 1 
HETATM 613 H HD23 . HYP C 1 7  ? -5.798  11.027  6.666   1.00 7.94  ? 6   HYP C HD23 1 
HETATM 614 H HD1  . HYP C 1 7  ? -7.249  10.048  5.141   1.00 8.72  ? 6   HYP C HD1  1 
ATOM   615 N N    . GLY C 1 8  ? -5.116  5.578   6.117   1.00 6.40  ? 7   GLY C N    1 
ATOM   616 C CA   . GLY C 1 8  ? -4.277  4.463   6.480   1.00 6.73  ? 7   GLY C CA   1 
ATOM   617 C C    . GLY C 1 8  ? -2.901  4.531   5.846   1.00 6.42  ? 7   GLY C C    1 
ATOM   618 O O    . GLY C 1 8  ? -2.626  5.300   4.928   1.00 6.23  ? 7   GLY C O    1 
ATOM   619 H H    . GLY C 1 8  ? -5.925  5.425   5.531   1.00 6.27  ? 7   GLY C H    1 
ATOM   620 H HA2  . GLY C 1 8  ? -4.183  4.445   7.465   1.00 6.97  ? 7   GLY C HA2  1 
ATOM   621 H HA3  . GLY C 1 8  ? -4.723  3.628   6.202   1.00 6.66  ? 7   GLY C HA3  1 
ATOM   622 N N    . PRO C 1 9  ? -1.992  3.694   6.354   1.00 6.32  ? 8   PRO C N    1 
ATOM   623 C CA   . PRO C 1 9  ? -0.630  3.679   5.818   1.00 6.81  ? 8   PRO C CA   1 
ATOM   624 C C    . PRO C 1 9  ? -0.561  3.055   4.433   1.00 6.40  ? 8   PRO C C    1 
ATOM   625 O O    . PRO C 1 9  ? -1.384  2.232   4.064   1.00 6.63  ? 8   PRO C O    1 
ATOM   626 C CB   . PRO C 1 9  ? 0.160   2.861   6.855   1.00 9.38  ? 8   PRO C CB   1 
ATOM   627 C CG   . PRO C 1 9  ? -0.862  1.992   7.481   1.00 11.49 ? 8   PRO C CG   1 
ATOM   628 C CD   . PRO C 1 9  ? -2.151  2.770   7.482   1.00 7.67  ? 8   PRO C CD   1 
ATOM   629 H HA   . PRO C 1 9  ? -0.280  4.603   5.794   1.00 7.02  ? 8   PRO C HA   1 
ATOM   630 H HB2  . PRO C 1 9  ? 0.859   2.325   6.425   1.00 9.41  ? 8   PRO C HB2  1 
ATOM   631 H HB3  . PRO C 1 9  ? 0.575   3.449   7.523   1.00 9.89  ? 8   PRO C HB3  1 
ATOM   632 H HG2  . PRO C 1 9  ? -0.965  1.165   6.968   1.00 10.99 ? 8   PRO C HG2  1 
ATOM   633 H HG3  . PRO C 1 9  ? -0.603  1.760   8.396   1.00 11.73 ? 8   PRO C HG3  1 
ATOM   634 H HD2  . PRO C 1 9  ? -2.917  2.181   7.346   1.00 7.42  ? 8   PRO C HD2  1 
ATOM   635 H HD3  . PRO C 1 9  ? -2.269  3.257   8.318   1.00 8.07  ? 8   PRO C HD3  1 
HETATM 636 N N    . HYP C 1 10 ? 0.518   3.359   3.674   1.00 6.80  ? 9   HYP C N    1 
HETATM 637 C CA   . HYP C 1 10 ? 0.758   2.641   2.434   1.00 7.14  ? 9   HYP C CA   1 
HETATM 638 C C    . HYP C 1 10 ? 0.864   1.155   2.727   1.00 7.02  ? 9   HYP C C    1 
HETATM 639 O O    . HYP C 1 10 ? 1.350   0.731   3.754   1.00 7.94  ? 9   HYP C O    1 
HETATM 640 C CB   . HYP C 1 10 ? 2.082   3.255   1.914   1.00 7.21  ? 9   HYP C CB   1 
HETATM 641 C CG   . HYP C 1 10 ? 2.075   4.662   2.500   1.00 7.39  ? 9   HYP C CG   1 
HETATM 642 C CD   . HYP C 1 10 ? 1.500   4.442   3.904   1.00 7.25  ? 9   HYP C CD   1 
HETATM 643 O OD1  . HYP C 1 10 ? 1.210   5.464   1.717   1.00 7.59  ? 9   HYP C OD1  1 
HETATM 644 H HA   . HYP C 1 10 ? 0.019   2.818   1.803   1.00 6.65  ? 9   HYP C HA   1 
HETATM 645 H HB2  . HYP C 1 10 ? 2.095   3.283   0.922   1.00 6.83  ? 9   HYP C HB2  1 
HETATM 646 H HB3  . HYP C 1 10 ? 2.865   2.739   2.236   1.00 7.52  ? 9   HYP C HB3  1 
HETATM 647 H HG   . HYP C 1 10 ? 2.992   5.052   2.543   1.00 8.23  ? 9   HYP C HG   1 
HETATM 648 H HD22 . HYP C 1 10 ? 2.194   4.154   4.535   1.00 7.99  ? 9   HYP C HD22 1 
HETATM 649 H HD23 . HYP C 1 10 ? 1.062   5.250   4.243   1.00 7.38  ? 9   HYP C HD23 1 
HETATM 650 H HD1  . HYP C 1 10 ? 0.538   5.683   2.186   1.00 7.40  ? 9   HYP C HD1  1 
ATOM   651 N N    . GLY C 1 11 ? 0.489   0.381   1.713   1.00 7.85  ? 10  GLY C N    1 
ATOM   652 C CA   . GLY C 1 11 ? 0.636   -1.064  1.799   1.00 9.12  ? 10  GLY C CA   1 
ATOM   653 C C    . GLY C 1 11 ? 2.100   -1.514  1.747   1.00 8.75  ? 10  GLY C C    1 
ATOM   654 O O    . GLY C 1 11 ? 2.999   -0.692  1.608   1.00 8.17  ? 10  GLY C O    1 
ATOM   655 H H    . GLY C 1 11 ? 0.099   0.788   0.875   1.00 7.41  ? 10  GLY C H    1 
ATOM   656 H HA2  . GLY C 1 11 ? 0.228   -1.374  2.644   1.00 9.24  ? 10  GLY C HA2  1 
ATOM   657 H HA3  . GLY C 1 11 ? 0.140   -1.475  1.052   1.00 8.60  ? 10  GLY C HA3  1 
HETATM 658 N N    . NLY C 1 12 ? 2.327   -2.799  1.793   1.00 9.28  ? 11  NLY C N    1 
HETATM 659 C CB   . NLY C 1 12 ? 1.271   -3.819  1.822   1.00 10.38 ? 11  NLY C CB   1 
HETATM 660 C CG   . NLY C 1 12 ? 1.216   -4.582  3.124   1.00 15.17 ? 11  NLY C CG   1 
HETATM 661 C CD   . NLY C 1 12 ? 0.585   -3.750  4.170   1.00 16.68 ? 11  NLY C CD   1 
HETATM 662 C CE   . NLY C 1 12 ? -0.084  -4.646  5.193   1.00 22.12 ? 11  NLY C CE   1 
HETATM 663 N NZ   . NLY C 1 12 ? 0.990   -5.398  5.779   1.00 26.46 ? 11  NLY C NZ   1 
HETATM 664 C CA   . NLY C 1 12 ? 3.742   -3.206  1.688   1.00 11.41 ? 11  NLY C CA   1 
HETATM 665 C C    . NLY C 1 12 ? 4.232   -3.272  0.275   1.00 10.06 ? 11  NLY C C    1 
HETATM 666 O O    . NLY C 1 12 ? 3.457   -3.029  -0.671  1.00 8.76  ? 11  NLY C O    1 
HETATM 667 H H3   . NLY C 1 12 ? 1.464   -4.458  1.118   1.00 10.14 ? 11  NLY C H3   1 
HETATM 668 H H4   . NLY C 1 12 ? 0.401   -3.438  1.641   1.00 9.95  ? 11  NLY C H4   1 
HETATM 669 H H5   . NLY C 1 12 ? 0.703   -5.394  2.990   1.00 14.83 ? 11  NLY C H5   1 
HETATM 670 H H6   . NLY C 1 12 ? 2.116   -4.816  3.400   1.00 14.41 ? 11  NLY C H6   1 
HETATM 671 H H7   . NLY C 1 12 ? 1.261   -3.207  4.604   1.00 16.71 ? 11  NLY C H7   1 
HETATM 672 H H8   . NLY C 1 12 ? -0.090  -3.175  3.779   1.00 14.87 ? 11  NLY C H8   1 
HETATM 673 H H9   . NLY C 1 12 ? -0.530  -4.111  5.869   1.00 21.97 ? 11  NLY C H9   1 
HETATM 674 H H10  . NLY C 1 12 ? -0.715  -5.242  4.762   1.00 21.43 ? 11  NLY C H10  1 
HETATM 675 H H11  . NLY C 1 12 ? 1.076   -6.235  5.602   1.00 26.37 ? 11  NLY C H11  1 
HETATM 676 H H12  . NLY C 1 12 ? 1.549   -5.011  6.307   1.00 26.15 ? 11  NLY C H12  1 
HETATM 677 H HA2  . NLY C 1 12 ? 3.836   -4.087  2.079   1.00 11.70 ? 11  NLY C HA2  1 
HETATM 678 H HA3  . NLY C 1 12 ? 4.292   -2.588  2.194   1.00 11.27 ? 11  NLY C HA3  1 
HETATM 679 N N    . HYP C 1 13 ? 5.524   -3.575  0.091   1.00 8.84  ? 12  HYP C N    1 
HETATM 680 C CA   . HYP C 1 13 ? 6.097   -3.672  -1.255  1.00 8.35  ? 12  HYP C CA   1 
HETATM 681 C C    . HYP C 1 13 ? 5.310   -4.664  -2.100  1.00 7.50  ? 12  HYP C C    1 
HETATM 682 O O    . HYP C 1 13 ? 4.829   -5.693  -1.651  1.00 8.06  ? 12  HYP C O    1 
HETATM 683 C CB   . HYP C 1 13 ? 7.541   -4.154  -0.965  1.00 9.69  ? 12  HYP C CB   1 
HETATM 684 C CG   . HYP C 1 13 ? 7.820   -3.549  0.416   1.00 10.14 ? 12  HYP C CG   1 
HETATM 685 C CD   . HYP C 1 13 ? 6.526   -3.787  1.121   1.00 9.86  ? 12  HYP C CD   1 
HETATM 686 O OD1  . HYP C 1 13 ? 8.100   -2.170  0.296   1.00 10.98 ? 12  HYP C OD1  1 
HETATM 687 H HA   . HYP C 1 13 ? 6.102   -2.778  -1.681  1.00 7.92  ? 12  HYP C HA   1 
HETATM 688 H HB2  . HYP C 1 13 ? 8.176   -3.807  -1.642  1.00 9.49  ? 12  HYP C HB2  1 
HETATM 689 H HB3  . HYP C 1 13 ? 7.591   -5.143  -0.940  1.00 9.69  ? 12  HYP C HB3  1 
HETATM 690 H HG   . HYP C 1 13 ? 8.567   -4.024  0.879   1.00 11.26 ? 12  HYP C HG   1 
HETATM 691 H HD22 . HYP C 1 13 ? 6.473   -4.703  1.469   1.00 10.23 ? 12  HYP C HD22 1 
HETATM 692 H HD23 . HYP C 1 13 ? 6.405   -3.155  1.859   1.00 10.47 ? 12  HYP C HD23 1 
HETATM 693 H HD1  . HYP C 1 13 ? 7.372   -1.736  0.338   1.00 10.31 ? 12  HYP C HD1  1 
ATOM   694 N N    . GLY C 1 14 ? 5.294   -4.355  -3.409  1.00 7.17  ? 13  GLY C N    1 
ATOM   695 C CA   . GLY C 1 14 ? 4.713   -5.275  -4.368  1.00 7.02  ? 13  GLY C CA   1 
ATOM   696 C C    . GLY C 1 14 ? 5.497   -6.569  -4.533  1.00 6.59  ? 13  GLY C C    1 
ATOM   697 O O    . GLY C 1 14 ? 6.595   -6.746  -3.982  1.00 6.41  ? 13  GLY C O    1 
ATOM   698 H H    . GLY C 1 14 ? 5.687   -3.484  -3.736  1.00 7.14  ? 13  GLY C H    1 
ATOM   699 H HA2  . GLY C 1 14 ? 3.791   -5.490  -4.078  1.00 6.79  ? 13  GLY C HA2  1 
ATOM   700 H HA3  . GLY C 1 14 ? 4.653   -4.821  -5.242  1.00 6.73  ? 13  GLY C HA3  1 
ATOM   701 N N    . PRO C 1 15 ? 4.919   -7.504  -5.273  1.00 6.03  ? 14  PRO C N    1 
ATOM   702 C CA   . PRO C 1 15 ? 5.583   -8.787  -5.473  1.00 5.91  ? 14  PRO C CA   1 
ATOM   703 C C    . PRO C 1 15 ? 6.736   -8.636  -6.449  1.00 5.65  ? 14  PRO C C    1 
ATOM   704 O O    . PRO C 1 15 ? 6.844   -7.658  -7.193  1.00 5.38  ? 14  PRO C O    1 
ATOM   705 C CB   . PRO C 1 15 ? 4.432   -9.652  -6.006  1.00 6.90  ? 14  PRO C CB   1 
ATOM   706 C CG   . PRO C 1 15 ? 3.607   -8.666  -6.801  1.00 6.96  ? 14  PRO C CG   1 
ATOM   707 C CD   . PRO C 1 15 ? 3.628   -7.398  -5.957  1.00 6.27  ? 14  PRO C CD   1 
ATOM   708 H HA   . PRO C 1 15 ? 5.899   -9.140  -4.604  1.00 6.45  ? 14  PRO C HA   1 
ATOM   709 H HB2  . PRO C 1 15 ? 4.766   -10.376 -6.579  1.00 7.10  ? 14  PRO C HB2  1 
ATOM   710 H HB3  . PRO C 1 15 ? 3.909   -10.039 -5.271  1.00 7.53  ? 14  PRO C HB3  1 
ATOM   711 H HG2  . PRO C 1 15 ? 4.004   -8.506  -7.681  1.00 6.52  ? 14  PRO C HG2  1 
ATOM   712 H HG3  . PRO C 1 15 ? 2.690   -8.990  -6.919  1.00 7.39  ? 14  PRO C HG3  1 
ATOM   713 H HD2  . PRO C 1 15 ? 3.589   -6.600  -6.517  1.00 5.81  ? 14  PRO C HD2  1 
ATOM   714 H HD3  . PRO C 1 15 ? 2.891   -7.381  -5.320  1.00 6.47  ? 14  PRO C HD3  1 
HETATM 715 N N    . HYP C 1 16 ? 7.627   -9.640  -6.524  1.00 5.73  ? 15  HYP C N    1 
HETATM 716 C CA   . HYP C 1 16 ? 8.743   -9.577  -7.450  1.00 5.49  ? 15  HYP C CA   1 
HETATM 717 C C    . HYP C 1 16 ? 8.253   -9.563  -8.893  1.00 5.40  ? 15  HYP C C    1 
HETATM 718 O O    . HYP C 1 16 ? 7.190   -10.097 -9.204  1.00 5.94  ? 15  HYP C O    1 
HETATM 719 C CB   . HYP C 1 16 ? 9.515   -10.882 -7.187  1.00 6.57  ? 15  HYP C CB   1 
HETATM 720 C CG   . HYP C 1 16 ? 9.035   -11.319 -5.813  1.00 7.01  ? 15  HYP C CG   1 
HETATM 721 C CD   . HYP C 1 16 ? 7.575   -10.898 -5.769  1.00 6.41  ? 15  HYP C CD   1 
HETATM 722 O OD1  . HYP C 1 16 ? 9.711   -10.589 -4.780  1.00 7.50  ? 15  HYP C OD1  1 
HETATM 723 H HA   . HYP C 1 16 ? 9.301   -8.784  -7.255  1.00 5.56  ? 15  HYP C HA   1 
HETATM 724 H HB2  . HYP C 1 16 ? 10.493  -10.720 -7.185  1.00 6.63  ? 15  HYP C HB2  1 
HETATM 725 H HB3  . HYP C 1 16 ? 9.300   -11.567 -7.871  1.00 6.37  ? 15  HYP C HB3  1 
HETATM 726 H HG   . HYP C 1 16 ? 9.129   -12.303 -5.681  1.00 7.85  ? 15  HYP C HG   1 
HETATM 727 H HD22 . HYP C 1 16 ? 6.994   -11.553 -6.213  1.00 6.62  ? 15  HYP C HD22 1 
HETATM 728 H HD23 . HYP C 1 16 ? 7.270   -10.752 -4.849  1.00 6.92  ? 15  HYP C HD23 1 
HETATM 729 H HD1  . HYP C 1 16 ? 9.538   -9.763  -4.867  1.00 7.00  ? 15  HYP C HD1  1 
ATOM   730 N N    . GLY C 1 17 ? 9.079   -8.979  -9.743  1.00 5.16  ? 16  GLY C N    1 
ATOM   731 C CA   . GLY C 1 17 ? 8.792   -9.035  -11.170 1.00 5.14  ? 16  GLY C CA   1 
ATOM   732 C C    . GLY C 1 17 ? 8.996   -10.411 -11.765 1.00 4.98  ? 16  GLY C C    1 
ATOM   733 O O    . GLY C 1 17 ? 9.500   -11.334 -11.158 1.00 5.27  ? 16  GLY C O    1 
ATOM   734 H H    . GLY C 1 17 ? 9.905   -8.498  -9.416  1.00 5.24  ? 16  GLY C H    1 
ATOM   735 H HA2  . GLY C 1 17 ? 7.855   -8.753  -11.311 1.00 5.11  ? 16  GLY C HA2  1 
ATOM   736 H HA3  . GLY C 1 17 ? 9.375   -8.390  -11.637 1.00 5.21  ? 16  GLY C HA3  1 
ATOM   737 N N    . PRO C 1 18 ? 8.624   -10.521 -13.045 1.00 5.62  ? 17  PRO C N    1 
ATOM   738 C CA   . PRO C 1 18 ? 8.851   -11.720 -13.806 1.00 5.88  ? 17  PRO C CA   1 
ATOM   739 C C    . PRO C 1 18 ? 10.345  -12.001 -14.006 1.00 5.65  ? 17  PRO C C    1 
ATOM   740 O O    . PRO C 1 18 ? 11.152  -11.067 -14.089 1.00 5.55  ? 17  PRO C O    1 
ATOM   741 C CB   . PRO C 1 18 ? 8.161   -11.413 -15.139 1.00 7.91  ? 17  PRO C CB   1 
ATOM   742 C CG   . PRO C 1 18 ? 7.211   -10.302 -14.888 1.00 8.53  ? 17  PRO C CG   1 
ATOM   743 C CD   . PRO C 1 18 ? 7.929   -9.489  -13.841 1.00 6.56  ? 17  PRO C CD   1 
ATOM   744 H HA   . PRO C 1 18 ? 8.404   -12.483 -13.362 1.00 6.17  ? 17  PRO C HA   1 
ATOM   745 H HB2  . PRO C 1 18 ? 8.820   -11.151 -15.816 1.00 7.57  ? 17  PRO C HB2  1 
ATOM   746 H HB3  . PRO C 1 18 ? 7.682   -12.204 -15.466 1.00 8.05  ? 17  PRO C HB3  1 
ATOM   747 H HG2  . PRO C 1 18 ? 7.054   -9.775  -15.697 1.00 8.69  ? 17  PRO C HG2  1 
ATOM   748 H HG3  . PRO C 1 18 ? 6.357   -10.638 -14.549 1.00 8.80  ? 17  PRO C HG3  1 
ATOM   749 H HD2  . PRO C 1 18 ? 8.566   -8.872  -14.246 1.00 6.54  ? 17  PRO C HD2  1 
ATOM   750 H HD3  . PRO C 1 18 ? 7.297   -8.985  -13.298 1.00 6.53  ? 17  PRO C HD3  1 
HETATM 751 N N    . HYP C 1 19 ? 10.742  -13.257 -14.236 1.00 6.16  ? 18  HYP C N    1 
HETATM 752 C CA   . HYP C 1 19 ? 12.114  -13.556 -14.623 1.00 6.92  ? 18  HYP C CA   1 
HETATM 753 C C    . HYP C 1 19 ? 12.511  -12.794 -15.875 1.00 6.41  ? 18  HYP C C    1 
HETATM 754 O O    . HYP C 1 19 ? 11.712  -12.551 -16.754 1.00 7.31  ? 18  HYP C O    1 
HETATM 755 C CB   . HYP C 1 19 ? 12.098  -15.057 -14.864 1.00 8.60  ? 18  HYP C CB   1 
HETATM 756 C CG   . HYP C 1 19 ? 10.954  -15.553 -14.007 1.00 9.36  ? 18  HYP C CG   1 
HETATM 757 C CD   . HYP C 1 19 ? 9.904   -14.455 -14.145 1.00 8.50  ? 18  HYP C CD   1 
HETATM 758 O OD1  . HYP C 1 19 ? 11.411  -15.644 -12.667 1.00 9.91  ? 18  HYP C OD1  1 
HETATM 759 H HA   . HYP C 1 19 ? 12.722  -13.331 -13.877 1.00 6.81  ? 18  HYP C HA   1 
HETATM 760 H HB2  . HYP C 1 19 ? 12.955  -15.469 -14.583 1.00 8.43  ? 18  HYP C HB2  1 
HETATM 761 H HB3  . HYP C 1 19 ? 11.937  -15.262 -15.820 1.00 8.54  ? 18  HYP C HB3  1 
HETATM 762 H HG   . HYP C 1 19 ? 10.602  -16.428 -14.329 1.00 9.64  ? 18  HYP C HG   1 
HETATM 763 H HD22 . HYP C 1 19 ? 9.366   -14.569 -14.957 1.00 8.54  ? 18  HYP C HD22 1 
HETATM 764 H HD23 . HYP C 1 19 ? 9.315   -14.418 -13.362 1.00 8.48  ? 18  HYP C HD23 1 
HETATM 765 H HD1  . HYP C 1 19 ? 10.988  -15.082 -12.193 1.00 9.52  ? 18  HYP C HD1  1 
ATOM   766 N N    . GLY C 1 20 ? 13.791  -12.438 -15.942 1.00 6.44  ? 19  GLY C N    1 
ATOM   767 C CA   . GLY C 1 20 ? 14.326  -11.791 -17.113 1.00 6.83  ? 19  GLY C CA   1 
ATOM   768 C C    . GLY C 1 20 ? 14.382  -12.743 -18.301 1.00 7.19  ? 19  GLY C C    1 
ATOM   769 O O    . GLY C 1 20 ? 14.204  -13.966 -18.194 1.00 7.73  ? 19  GLY C O    1 
ATOM   770 H H    . GLY C 1 20 ? 14.405  -12.623 -15.162 1.00 6.40  ? 19  GLY C H    1 
ATOM   771 H HA2  . GLY C 1 20 ? 13.756  -11.015 -17.337 1.00 6.97  ? 19  GLY C HA2  1 
ATOM   772 H HA3  . GLY C 1 20 ? 15.233  -11.461 -16.913 1.00 7.21  ? 19  GLY C HA3  1 
ATOM   773 N N    . PRO C 1 21 ? 14.694  -12.173 -19.488 1.00 7.76  ? 20  PRO C N    1 
ATOM   774 C CA   . PRO C 1 21 ? 14.817  -12.978 -20.676 1.00 8.18  ? 20  PRO C CA   1 
ATOM   775 C C    . PRO C 1 21 ? 15.961  -13.950 -20.584 1.00 8.00  ? 20  PRO C C    1 
ATOM   776 O O    . PRO C 1 21 ? 16.948  -13.695 -19.905 1.00 8.82  ? 20  PRO C O    1 
ATOM   777 C CB   . PRO C 1 21 ? 15.075  -11.958 -21.766 1.00 10.27 ? 20  PRO C CB   1 
ATOM   778 C CG   . PRO C 1 21 ? 14.607  -10.660 -21.253 1.00 10.53 ? 20  PRO C CG   1 
ATOM   779 C CD   . PRO C 1 21 ? 14.852  -10.741 -19.785 1.00 8.95  ? 20  PRO C CD   1 
ATOM   780 H HA   . PRO C 1 21 ? 13.965  -13.449 -20.849 1.00 8.34  ? 20  PRO C HA   1 
ATOM   781 H HB2  . PRO C 1 21 ? 16.031  -11.914 -21.979 1.00 10.34 ? 20  PRO C HB2  1 
ATOM   782 H HB3  . PRO C 1 21 ? 14.587  -12.198 -22.583 1.00 10.60 ? 20  PRO C HB3  1 
ATOM   783 H HG2  . PRO C 1 21 ? 15.113  -9.922  -21.652 1.00 11.29 ? 20  PRO C HG2  1 
ATOM   784 H HG3  . PRO C 1 21 ? 13.655  -10.531 -21.441 1.00 10.60 ? 20  PRO C HG3  1 
ATOM   785 H HD2  . PRO C 1 21 ? 15.751  -10.436 -19.562 1.00 9.25  ? 20  PRO C HD2  1 
ATOM   786 H HD3  . PRO C 1 21 ? 14.204  -10.205 -19.294 1.00 8.81  ? 20  PRO C HD3  1 
HETATM 787 N N    . HYP C 1 22 ? 15.914  -15.021 -21.365 1.00 9.77  ? 21  HYP C N    1 
HETATM 788 C CA   . HYP C 1 22 ? 17.067  -15.912 -21.448 1.00 11.77 ? 21  HYP C CA   1 
HETATM 789 C C    . HYP C 1 22 ? 18.340  -15.180 -21.892 1.00 12.33 ? 21  HYP C C    1 
HETATM 790 O O    . HYP C 1 22 ? 18.255  -14.303 -22.743 1.00 13.65 ? 21  HYP C O    1 
HETATM 791 C CB   . HYP C 1 22 ? 16.610  -16.947 -22.487 1.00 14.52 ? 21  HYP C CB   1 
HETATM 792 C CG   . HYP C 1 22 ? 15.103  -17.003 -22.356 1.00 14.78 ? 21  HYP C CG   1 
HETATM 793 C CD   . HYP C 1 22 ? 14.763  -15.536 -22.112 1.00 11.90 ? 21  HYP C CD   1 
HETATM 794 O OD1  . HYP C 1 22 ? 14.821  -17.786 -21.208 1.00 18.95 ? 21  HYP C OD1  1 
HETATM 795 H HA   . HYP C 1 22 ? 17.212  -16.344 -20.570 1.00 11.40 ? 21  HYP C HA   1 
HETATM 796 H HB2  . HYP C 1 22 ? 17.011  -17.833 -22.298 1.00 13.70 ? 21  HYP C HB2  1 
HETATM 797 H HB3  . HYP C 1 22 ? 16.871  -16.665 -23.401 1.00 14.58 ? 21  HYP C HB3  1 
HETATM 798 H HG   . HYP C 1 22 ? 14.660  -17.358 -23.171 1.00 15.02 ? 21  HYP C HG   1 
HETATM 799 H HD22 . HYP C 1 22 ? 14.658  -15.052 -22.959 1.00 12.39 ? 21  HYP C HD22 1 
HETATM 800 H HD23 . HYP C 1 22 ? 13.941  -15.449 -21.587 1.00 11.46 ? 21  HYP C HD23 1 
HETATM 801 H HD1  . HYP C 1 22 ? 14.807  -17.281 -20.526 1.00 17.06 ? 21  HYP C HD1  1 
HETATM 802 N N    . NH2 C 1 23 ? 19.449  -15.588 -21.349 1.00 14.93 ? 22  NH2 C N    1 
HETATM 803 H HN1  . NH2 C 1 23 ? 20.097  -15.439 -20.643 1.00 14.57 ? 22  NH2 C HN1  1 
HETATM 804 H HN2  . NH2 C 1 23 ? 19.635  -16.231 -22.052 1.00 14.76 ? 22  NH2 C HN2  1 
HETATM 805 O O    . HOH D 2 .  ? -3.161  -1.319  -5.584  1.00 22.86 ? 101 HOH A O    1 
HETATM 806 O O    . HOH D 2 .  ? 4.049   2.941   -7.796  1.00 17.51 ? 102 HOH A O    1 
HETATM 807 O O    . HOH D 2 .  ? 21.832  -10.029 -12.915 1.00 10.32 ? 103 HOH A O    1 
HETATM 808 O O    . HOH D 2 .  ? 10.227  -3.110  -3.410  1.00 9.71  ? 104 HOH A O    1 
HETATM 809 O O    . HOH D 2 .  ? -19.207 9.950   14.156  1.00 20.29 ? 105 HOH A O    1 
HETATM 810 O O    . HOH D 2 .  ? 5.669   0.139   -10.930 1.00 13.98 ? 106 HOH A O    1 
HETATM 811 O O    . HOH D 2 .  ? 17.387  -9.293  -10.715 1.00 9.80  ? 107 HOH A O    1 
HETATM 812 O O    . HOH D 2 .  ? 2.463   2.514   -5.669  1.00 19.63 ? 108 HOH A O    1 
HETATM 813 O O    . HOH D 2 .  ? 15.223  -8.342  -7.106  1.00 17.72 ? 109 HOH A O    1 
HETATM 814 O O    . HOH D 2 .  ? -14.458 8.119   7.138   1.00 16.46 ? 110 HOH A O    1 
HETATM 815 O O    . HOH D 2 .  ? 13.136  -11.414 -7.648  1.00 9.37  ? 111 HOH A O    1 
HETATM 816 O O    . HOH D 2 .  ? 0.360   4.886   -0.928  1.00 8.45  ? 112 HOH A O    1 
HETATM 817 O O    . HOH D 2 .  ? -15.613 2.774   13.517  1.00 10.26 ? 113 HOH A O    1 
HETATM 818 O O    . HOH D 2 .  ? -8.494  5.938   0.287   1.00 19.07 ? 114 HOH A O    1 
HETATM 819 O O    . HOH D 2 .  ? 15.493  -17.086 -14.655 1.00 17.54 ? 115 HOH A O    1 
HETATM 820 O O    . HOH D 2 .  ? 18.604  -16.108 -11.958 1.00 17.56 ? 116 HOH A O    1 
HETATM 821 O O    . HOH D 2 .  ? 13.500  -2.063  -8.266  1.00 7.88  ? 117 HOH A O    1 
HETATM 822 O O    . HOH D 2 .  ? 17.460  -16.054 -17.681 1.00 23.55 ? 118 HOH A O    1 
HETATM 823 O O    . HOH D 2 .  ? -1.287  8.836   -1.614  1.00 17.24 ? 119 HOH A O    1 
HETATM 824 O O    . HOH D 2 .  ? -0.582  9.498   0.905   1.00 10.88 ? 120 HOH A O    1 
HETATM 825 O O    . HOH D 2 .  ? -13.272 7.719   4.819   1.00 21.27 ? 121 HOH A O    1 
HETATM 826 O O    . HOH D 2 .  ? 6.080   4.626   -7.859  1.00 26.66 ? 122 HOH A O    1 
HETATM 827 O O    . HOH D 2 .  ? 15.860  -11.891 -7.386  1.00 14.71 ? 123 HOH A O    1 
HETATM 828 O O    . HOH D 2 .  ? -8.521  -0.535  0.521   1.00 15.12 ? 124 HOH A O    1 
HETATM 829 O O    . HOH D 2 .  ? 22.921  -12.454 -13.514 1.00 14.29 ? 125 HOH A O    1 
HETATM 830 O O    . HOH D 2 .  ? 12.932  -3.603  -3.582  1.00 8.46  ? 126 HOH A O    1 
HETATM 831 O O    . HOH D 2 .  ? -17.285 5.661   18.095  1.00 18.24 ? 127 HOH A O    1 
HETATM 832 O O    . HOH D 2 .  ? 8.348   3.865   -9.254  1.00 15.59 ? 128 HOH A O    1 
HETATM 833 O O    . HOH D 2 .  ? 14.392  -3.378  -5.898  1.00 8.37  ? 129 HOH A O    1 
HETATM 834 O O    . HOH D 2 .  ? 18.261  -12.385 -8.224  1.00 12.84 ? 130 HOH A O    1 
HETATM 835 O O    . HOH D 2 .  ? 6.513   4.160   -4.995  1.00 18.03 ? 131 HOH A O    1 
HETATM 836 O O    . HOH D 2 .  ? -12.645 9.763   3.209   1.00 17.18 ? 132 HOH A O    1 
HETATM 837 O O    . HOH D 2 .  ? 0.511   2.187   -7.362  1.00 23.93 ? 133 HOH A O    1 
HETATM 838 O O    . HOH D 2 .  ? -8.655  8.739   0.287   1.00 17.77 ? 134 HOH A O    1 
HETATM 839 O O    . HOH D 2 .  ? -22.675 7.845   17.019  1.00 21.27 ? 135 HOH A O    1 
HETATM 840 O O    . HOH D 2 .  ? 9.531   5.695   -11.010 1.00 24.70 ? 136 HOH A O    1 
HETATM 841 O O    . HOH D 2 .  ? 11.775  4.818   -11.871 1.00 30.48 ? 137 HOH A O    1 
HETATM 842 O O    . HOH E 2 .  ? -6.352  0.236   2.106   1.00 14.38 ? 101 HOH B O    1 
HETATM 843 O O    . HOH E 2 .  ? -2.729  -4.832  2.600   1.00 13.88 ? 102 HOH B O    1 
HETATM 844 O O    . HOH E 2 .  ? 16.341  -7.306  -20.589 1.00 11.40 ? 103 HOH B O    1 
HETATM 845 O O    . HOH E 2 .  ? -2.108  7.308   11.418  1.00 9.52  ? 104 HOH B O    1 
HETATM 846 O O    . HOH E 2 .  ? 2.330   -10.242 -9.991  1.00 11.00 ? 105 HOH B O    1 
HETATM 847 O O    . HOH E 2 .  ? -3.947  1.137   10.096  1.00 17.19 ? 106 HOH B O    1 
HETATM 848 O O    . HOH E 2 .  ? 4.304   -3.200  -12.459 1.00 10.97 ? 107 HOH B O    1 
HETATM 849 O O    . HOH E 2 .  ? 18.295  -10.453 -23.655 1.00 12.08 ? 108 HOH B O    1 
HETATM 850 O O    . HOH E 2 .  ? -9.296  11.164  18.252  1.00 11.22 ? 109 HOH B O    1 
HETATM 851 O O    . HOH E 2 .  ? 22.279  -13.307 -16.022 1.00 12.43 ? 110 HOH B O    1 
HETATM 852 O O    . HOH E 2 .  ? 14.193  -7.110  -18.907 1.00 11.46 ? 111 HOH B O    1 
HETATM 853 O O    . HOH E 2 .  ? 7.416   -2.047  -11.152 1.00 10.14 ? 112 HOH B O    1 
HETATM 854 O O    . HOH E 2 .  ? 6.060   -6.858  -16.679 1.00 8.16  ? 113 HOH B O    1 
HETATM 855 O O    . HOH E 2 .  ? -2.851  -3.324  -3.851  1.00 14.14 ? 114 HOH B O    1 
HETATM 856 O O    . HOH E 2 .  ? 5.746   -6.824  -13.965 1.00 9.13  ? 115 HOH B O    1 
HETATM 857 O O    . HOH E 2 .  ? 2.643   -8.544  0.122   1.00 14.65 ? 116 HOH B O    1 
HETATM 858 O O    . HOH E 2 .  ? -0.098  -6.049  -5.541  1.00 14.64 ? 117 HOH B O    1 
HETATM 859 O O    . HOH E 2 .  ? -7.407  2.223   13.334  1.00 11.09 ? 118 HOH B O    1 
HETATM 860 O O    . HOH E 2 .  ? -9.642  1.519   10.537  1.00 12.87 ? 119 HOH B O    1 
HETATM 861 O O    . HOH E 2 .  ? -5.527  4.267   -2.481  1.00 26.67 ? 120 HOH B O    1 
HETATM 862 O O    . HOH E 2 .  ? -10.933 8.039   17.448  1.00 13.45 ? 121 HOH B O    1 
HETATM 863 O O    . HOH E 2 .  ? -2.002  -7.121  1.370   1.00 13.33 ? 122 HOH B O    1 
HETATM 864 O O    . HOH E 2 .  ? -11.757 17.025  15.425  1.00 18.50 ? 123 HOH B O    1 
HETATM 865 O O    . HOH E 2 .  ? 20.868  -15.632 -17.338 1.00 24.96 ? 124 HOH B O    1 
HETATM 866 O O    . HOH E 2 .  ? -0.859  -7.824  2.348   1.00 16.43 ? 125 HOH B O    1 
HETATM 867 O O    . HOH E 2 .  ? -0.704  -1.698  -6.513  1.00 19.71 ? 126 HOH B O    1 
HETATM 868 O O    . HOH E 2 .  ? 0.921   -9.293  -12.226 1.00 13.71 ? 127 HOH B O    1 
HETATM 869 O O    . HOH E 2 .  ? 20.774  -9.013  -23.782 1.00 15.06 ? 128 HOH B O    1 
HETATM 870 O O    . HOH E 2 .  ? 23.561  -13.491 -19.625 1.00 28.38 ? 129 HOH B O    1 
HETATM 871 O O    . HOH E 2 .  ? 16.984  -4.761  -16.602 1.00 14.40 ? 130 HOH B O    1 
HETATM 872 O O    . HOH E 2 .  ? -11.535 17.059  20.234  1.00 24.21 ? 131 HOH B O    1 
HETATM 873 O O    . HOH E 2 .  ? -5.684  -1.045  10.693  1.00 17.39 ? 132 HOH B O    1 
HETATM 874 O O    . HOH E 2 .  ? -8.443  -0.854  10.708  1.00 17.77 ? 133 HOH B O    1 
HETATM 875 O O    . HOH E 2 .  ? -13.286 19.162  13.948  1.00 20.79 ? 134 HOH B O    1 
HETATM 876 O O    . HOH E 2 .  ? -9.472  1.530   -1.202  1.00 26.07 ? 135 HOH B O    1 
HETATM 877 O O    . HOH E 2 .  ? -0.902  -4.214  -8.997  1.00 19.73 ? 136 HOH B O    1 
HETATM 878 O O    . HOH E 2 .  ? 11.667  -6.768  -20.309 1.00 10.45 ? 137 HOH B O    1 
HETATM 879 O O    . HOH E 2 .  ? -2.103  2.119   11.561  1.00 26.64 ? 138 HOH B O    1 
HETATM 880 O O    . HOH E 2 .  ? 3.666   -0.597  -12.669 1.00 12.86 ? 139 HOH B O    1 
HETATM 881 O O    . HOH E 2 .  ? -9.226  -3.455  7.761   1.00 11.50 ? 140 HOH B O    1 
HETATM 882 O O    . HOH E 2 .  ? -13.209 21.398  20.478  1.00 34.85 ? 141 HOH B O    1 
HETATM 883 O O    . HOH F 2 .  ? 19.794  -12.748 -24.066 1.00 18.15 ? 101 HOH C O    1 
HETATM 884 O O    . HOH F 2 .  ? -16.955 16.862  13.145  1.00 17.82 ? 102 HOH C O    1 
HETATM 885 O O    . HOH F 2 .  ? 15.984  -17.809 -18.750 1.00 29.95 ? 103 HOH C O    1 
HETATM 886 O O    . HOH F 2 .  ? 9.290   -16.102 -11.018 1.00 13.61 ? 104 HOH C O    1 
HETATM 887 O O    . HOH F 2 .  ? -20.913 16.167  13.826  1.00 15.14 ? 105 HOH C O    1 
HETATM 888 O O    . HOH F 2 .  ? -17.276 12.884  9.981   1.00 15.83 ? 106 HOH C O    1 
HETATM 889 O O    . HOH F 2 .  ? 12.396  -11.050 -4.996  1.00 9.33  ? 107 HOH C O    1 
HETATM 890 O O    . HOH F 2 .  ? 4.610   -6.686  0.888   1.00 18.21 ? 108 HOH C O    1 
HETATM 891 O O    . HOH F 2 .  ? 5.034   1.024   2.247   1.00 13.85 ? 109 HOH C O    1 
HETATM 892 O O    . HOH F 2 .  ? -7.030  9.648   1.862   1.00 14.75 ? 110 HOH C O    1 
HETATM 893 O O    . HOH F 2 .  ? 7.450   -0.403  2.291   1.00 13.06 ? 111 HOH C O    1 
HETATM 894 O O    . HOH F 2 .  ? -10.026 14.268  8.943   1.00 9.04  ? 112 HOH C O    1 
HETATM 895 O O    . HOH F 2 .  ? -18.968 12.023  12.782  1.00 17.73 ? 113 HOH C O    1 
HETATM 896 O O    . HOH F 2 .  ? -8.717  11.238  6.279   1.00 10.35 ? 114 HOH C O    1 
HETATM 897 O O    . HOH F 2 .  ? 8.312   -8.730  -3.115  1.00 9.89  ? 115 HOH C O    1 
HETATM 898 O O    . HOH F 2 .  ? 11.519  -11.416 -19.274 1.00 16.93 ? 116 HOH C O    1 
HETATM 899 O O    . HOH F 2 .  ? 4.952   -10.344 -10.840 1.00 13.38 ? 117 HOH C O    1 
HETATM 900 O O    . HOH F 2 .  ? 0.594   7.917   2.923   1.00 7.32  ? 118 HOH C O    1 
HETATM 901 O O    . HOH F 2 .  ? 10.348  -1.312  -1.144  1.00 16.89 ? 119 HOH C O    1 
HETATM 902 O O    . HOH F 2 .  ? -1.718  6.130   8.896   1.00 8.64  ? 120 HOH C O    1 
HETATM 903 O O    . HOH F 2 .  ? 16.335  -13.703 -24.714 1.00 12.86 ? 121 HOH C O    1 
HETATM 904 O O    . HOH F 2 .  ? -16.717 13.014  6.827   1.00 11.87 ? 122 HOH C O    1 
HETATM 905 O O    . HOH F 2 .  ? 3.980   1.581   4.970   1.00 22.53 ? 123 HOH C O    1 
HETATM 906 O O    . HOH F 2 .  ? 19.418  -17.776 -19.172 1.00 24.78 ? 124 HOH C O    1 
HETATM 907 O O    . HOH F 2 .  ? 13.964  -17.419 -12.387 1.00 22.13 ? 125 HOH C O    1 
HETATM 908 O O    . HOH F 2 .  ? 11.740  -16.332 -18.650 1.00 32.32 ? 126 HOH C O    1 
HETATM 909 O O    . HOH F 2 .  ? 6.116   -10.102 -2.079  1.00 15.03 ? 127 HOH C O    1 
HETATM 910 O O    . HOH F 2 .  ? 13.508  -18.371 -24.853 1.00 24.50 ? 128 HOH C O    1 
HETATM 911 O O    . HOH F 2 .  ? -5.208  13.098  7.927   1.00 11.31 ? 129 HOH C O    1 
HETATM 912 O O    . HOH F 2 .  ? 10.307  -5.297  -1.649  1.00 22.91 ? 130 HOH C O    1 
HETATM 913 O O    . HOH F 2 .  ? 4.646   -6.069  3.499   1.00 21.33 ? 131 HOH C O    1 
HETATM 914 O O    . HOH F 2 .  ? -1.250  3.878   10.628  1.00 18.99 ? 132 HOH C O    1 
HETATM 915 O O    . HOH F 2 .  ? -12.368 13.725  5.098   1.00 12.08 ? 133 HOH C O    1 
HETATM 916 O O    . HOH F 2 .  ? 6.389   -2.694  4.428   1.00 32.36 ? 134 HOH C O    1 
HETATM 917 O O    . HOH F 2 .  ? 4.399   -9.184  -14.533 1.00 18.76 ? 135 HOH C O    1 
HETATM 918 O O    . HOH F 2 .  ? 10.822  -5.767  2.439   1.00 26.08 ? 136 HOH C O    1 
HETATM 919 O O    . HOH F 2 .  ? 12.469  -15.987 -7.602  1.00 13.58 ? 137 HOH C O    1 
# 
loop_
_atom_site_anisotrop.id 
_atom_site_anisotrop.type_symbol 
_atom_site_anisotrop.pdbx_label_atom_id 
_atom_site_anisotrop.pdbx_label_alt_id 
_atom_site_anisotrop.pdbx_label_comp_id 
_atom_site_anisotrop.pdbx_label_asym_id 
_atom_site_anisotrop.pdbx_label_seq_id 
_atom_site_anisotrop.pdbx_PDB_ins_code 
_atom_site_anisotrop.U[1][1] 
_atom_site_anisotrop.U[2][2] 
_atom_site_anisotrop.U[3][3] 
_atom_site_anisotrop.U[1][2] 
_atom_site_anisotrop.U[1][3] 
_atom_site_anisotrop.U[2][3] 
_atom_site_anisotrop.pdbx_auth_seq_id 
_atom_site_anisotrop.pdbx_auth_comp_id 
_atom_site_anisotrop.pdbx_auth_asym_id 
_atom_site_anisotrop.pdbx_auth_atom_id 
1   C C    . ACE A 1  ? 0.3759 0.4962 0.4623 0.0153  0.0203  -0.0792 0   ACE A C    
2   O O    . ACE A 1  ? 0.4229 0.4587 0.3144 -0.0090 0.0896  -0.0351 0   ACE A O    
3   C CH3  . ACE A 1  ? 0.3966 0.5371 0.4986 -0.0267 0.0093  -0.1070 0   ACE A CH3  
4   H H1   . ACE A 1  ? 0.4046 0.5209 0.5150 -0.0227 0.0284  -0.1121 0   ACE A H1   
5   H H2   . ACE A 1  ? 0.3953 0.5562 0.5008 -0.0160 0.0101  -0.1254 0   ACE A H2   
6   H H3   . ACE A 1  ? 0.4029 0.5401 0.4990 -0.0103 0.0107  -0.1039 0   ACE A H3   
7   N N    . GLY A 2  ? 0.3140 0.3484 0.3568 0.1071  0.1225  -0.0777 1   GLY A N    
8   C CA   . GLY A 2  ? 0.2910 0.3316 0.3253 0.0851  0.1059  -0.0171 1   GLY A CA   
9   C C    . GLY A 2  ? 0.2383 0.3184 0.2217 0.0555  0.1149  -0.0211 1   GLY A C    
10  O O    . GLY A 2  ? 0.2631 0.3895 0.1724 0.0048  0.0811  0.0329  1   GLY A O    
11  H H    . GLY A 2  ? 0.3188 0.3390 0.3725 0.1021  0.1142  -0.0709 1   GLY A H    
12  H HA2  . GLY A 2  ? 0.2931 0.3337 0.3050 0.0889  0.1067  -0.0229 1   GLY A HA2  
13  H HA3  . GLY A 2  ? 0.2842 0.3217 0.3140 0.0821  0.1173  -0.0249 1   GLY A HA3  
14  N N    . PRO A 3  ? 0.2442 0.3259 0.2051 0.0532  0.0904  -0.0187 2   PRO A N    
15  C CA   . PRO A 3  ? 0.2169 0.3063 0.2043 0.0399  0.1016  0.0063  2   PRO A CA   
16  C C    . PRO A 3  ? 0.1875 0.2438 0.1625 0.0224  0.0616  0.0181  2   PRO A C    
17  O O    . PRO A 3  ? 0.1813 0.2297 0.1550 0.0479  0.0632  0.0075  2   PRO A O    
18  C CB   . PRO A 3  ? 0.2633 0.3301 0.3016 -0.0001 0.1014  -0.0033 2   PRO A CB   
19  C CG   . PRO A 3  ? 0.3147 0.3995 0.3420 0.0223  0.0519  0.0002  2   PRO A CG   
20  C CD   . PRO A 3  ? 0.2327 0.3800 0.2999 0.0464  0.0908  0.0211  2   PRO A CD   
21  H HA   . PRO A 3  ? 0.2356 0.3109 0.2086 0.0393  0.0911  0.0059  2   PRO A HA   
22  H HB2  . PRO A 3  ? 0.2544 0.3293 0.2815 0.0101  0.0878  0.0064  2   PRO A HB2  
23  H HB3  . PRO A 3  ? 0.2661 0.3399 0.2888 0.0201  0.0999  0.0067  2   PRO A HB3  
24  H HG2  . PRO A 3  ? 0.2780 0.3765 0.3452 0.0252  0.0632  -0.0070 2   PRO A HG2  
25  H HG3  . PRO A 3  ? 0.2993 0.3896 0.3363 0.0333  0.0783  -0.0003 2   PRO A HG3  
26  H HD2  . PRO A 3  ? 0.2516 0.3672 0.2795 0.0487  0.0868  0.0042  2   PRO A HD2  
27  H HD3  . PRO A 3  ? 0.2513 0.3707 0.2796 0.0484  0.0912  0.0086  2   PRO A HD3  
28  N N    . HYP A 4  ? 0.2214 0.1942 0.1471 0.0156  0.0526  0.0060  3   HYP A N    
29  C CA   . HYP A 4  ? 0.1814 0.1715 0.1655 0.0215  0.0377  -0.0166 3   HYP A CA   
30  C C    . HYP A 4  ? 0.1569 0.1285 0.1669 -0.0109 0.0352  -0.0007 3   HYP A C    
31  O O    . HYP A 4  ? 0.1647 0.1565 0.1841 -0.0361 0.0650  -0.0258 3   HYP A O    
32  C CB   . HYP A 4  ? 0.2478 0.1618 0.1886 0.0213  0.0219  -0.0071 3   HYP A CB   
33  C CG   . HYP A 4  ? 0.2960 0.1964 0.1955 0.0283  0.0237  0.0031  3   HYP A CG   
34  C CD   . HYP A 4  ? 0.2826 0.2065 0.1947 0.0186  0.0657  0.0346  3   HYP A CD   
35  O OD1  . HYP A 4  ? 0.3301 0.2290 0.1326 0.0288  0.0043  0.0178  3   HYP A OD1  
36  H HA   . HYP A 4  ? 0.1938 0.1758 0.1701 0.0140  0.0386  -0.0199 3   HYP A HA   
37  H HB2  . HYP A 4  ? 0.2447 0.1751 0.1801 0.0213  0.0192  -0.0147 3   HYP A HB2  
38  H HB3  . HYP A 4  ? 0.2333 0.1579 0.1832 0.0177  0.0278  -0.0004 3   HYP A HB3  
39  H HG   . HYP A 4  ? 0.3020 0.2076 0.1820 0.0367  0.0342  0.0220  3   HYP A HG   
40  H HD22 . HYP A 4  ? 0.2773 0.2028 0.1926 0.0248  0.0624  0.0320  3   HYP A HD22 
41  H HD23 . HYP A 4  ? 0.2799 0.2236 0.1939 0.0310  0.0543  0.0261  3   HYP A HD23 
42  H HD1  . HYP A 4  ? 0.3037 0.2274 0.1568 0.0286  0.0161  -0.0020 3   HYP A HD1  
43  N N    . GLY A 5  ? 0.1159 0.1237 0.1610 0.0072  0.0389  -0.0044 4   GLY A N    
44  C CA   . GLY A 5  ? 0.1081 0.1272 0.1539 0.0144  0.0452  0.0052  4   GLY A CA   
45  C C    . GLY A 5  ? 0.0898 0.1232 0.1615 0.0045  0.0577  0.0050  4   GLY A C    
46  O O    . GLY A 5  ? 0.1083 0.1375 0.1868 0.0083  0.0561  0.0211  4   GLY A O    
47  H H    . GLY A 5  ? 0.1261 0.1275 0.1653 -0.0002 0.0416  -0.0133 4   GLY A H    
48  H HA2  . GLY A 5  ? 0.1081 0.1320 0.1618 0.0167  0.0485  0.0069  4   GLY A HA2  
49  H HA3  . GLY A 5  ? 0.1144 0.1227 0.1631 0.0122  0.0519  0.0012  4   GLY A HA3  
50  N N    . PRO A 6  ? 0.1008 0.1340 0.1735 -0.0102 0.0360  -0.0054 5   PRO A N    
51  C CA   . PRO A 6  ? 0.1095 0.1369 0.1968 -0.0163 0.0415  -0.0174 5   PRO A CA   
52  C C    . PRO A 6  ? 0.1086 0.1070 0.1298 -0.0138 0.0368  -0.0309 5   PRO A C    
53  O O    . PRO A 6  ? 0.1064 0.0928 0.1177 -0.0072 0.0484  -0.0263 5   PRO A O    
54  C CB   . PRO A 6  ? 0.1512 0.1916 0.2289 -0.0086 -0.0028 -0.0334 5   PRO A CB   
55  C CG   . PRO A 6  ? 0.1783 0.1905 0.2161 0.0077  0.0483  -0.0262 5   PRO A CG   
56  C CD   . PRO A 6  ? 0.1008 0.1601 0.1934 0.0027  0.0383  0.0124  5   PRO A CD   
57  H HA   . PRO A 6  ? 0.1127 0.1348 0.1876 -0.0233 0.0349  -0.0232 5   PRO A HA   
58  H HB2  . PRO A 6  ? 0.1516 0.1805 0.2274 -0.0117 0.0051  -0.0263 5   PRO A HB2  
59  H HB3  . PRO A 6  ? 0.1438 0.1970 0.2296 -0.0074 0.0178  -0.0384 5   PRO A HB3  
60  H HG2  . PRO A 6  ? 0.1640 0.1918 0.2111 0.0170  0.0351  -0.0129 5   PRO A HG2  
61  H HG3  . PRO A 6  ? 0.1804 0.2137 0.2191 0.0149  0.0384  -0.0204 5   PRO A HG3  
62  H HD2  . PRO A 6  ? 0.1214 0.1449 0.1895 0.0034  0.0480  0.0075  5   PRO A HD2  
63  H HD3  . PRO A 6  ? 0.1156 0.1636 0.1906 0.0094  0.0437  0.0041  5   PRO A HD3  
64  N N    . HYP A 7  ? 0.1287 0.1018 0.1283 -0.0227 0.0227  -0.0233 6   HYP A N    
65  C CA   . HYP A 7  ? 0.1309 0.0939 0.1013 -0.0014 0.0096  -0.0288 6   HYP A CA   
66  C C    . HYP A 7  ? 0.1145 0.0955 0.0925 0.0110  0.0142  -0.0325 6   HYP A C    
67  O O    . HYP A 7  ? 0.1128 0.1110 0.0885 0.0185  0.0145  -0.0315 6   HYP A O    
68  C CB   . HYP A 7  ? 0.1600 0.0949 0.1221 -0.0041 0.0040  -0.0335 6   HYP A CB   
69  C CG   . HYP A 7  ? 0.1702 0.1050 0.1487 -0.0423 -0.0082 -0.0055 6   HYP A CG   
70  C CD   . HYP A 7  ? 0.1532 0.1193 0.1590 -0.0408 0.0010  -0.0209 6   HYP A CD   
71  O OD1  . HYP A 7  ? 0.1809 0.1138 0.1460 -0.0427 -0.0018 0.0084  6   HYP A OD1  
72  H HA   . HYP A 7  ? 0.1310 0.0932 0.0988 -0.0012 0.0108  -0.0277 6   HYP A HA   
73  H HB2  . HYP A 7  ? 0.1571 0.0901 0.1186 -0.0121 0.0032  -0.0239 6   HYP A HB2  
74  H HB3  . HYP A 7  ? 0.1468 0.0968 0.1227 -0.0145 -0.0008 -0.0329 6   HYP A HB3  
75  H HG   . HYP A 7  ? 0.1681 0.1088 0.1651 -0.0424 0.0068  -0.0209 6   HYP A HG   
76  H HD22 . HYP A 7  ? 0.1451 0.1270 0.1587 -0.0372 0.0018  -0.0290 6   HYP A HD22 
77  H HD23 . HYP A 7  ? 0.1557 0.1185 0.1655 -0.0363 0.0081  -0.0206 6   HYP A HD23 
78  H HD1  . HYP A 7  ? 0.1749 0.1139 0.1384 -0.0368 -0.0037 0.0069  6   HYP A HD1  
79  N N    . GLY A 8  ? 0.1115 0.0912 0.0811 0.0100  0.0169  -0.0320 7   GLY A N    
80  C CA   . GLY A 8  ? 0.1022 0.0905 0.0822 0.0279  0.0225  -0.0291 7   GLY A CA   
81  C C    . GLY A 8  ? 0.0966 0.1181 0.0774 0.0348  0.0109  -0.0358 7   GLY A C    
82  O O    . GLY A 8  ? 0.1088 0.1216 0.0924 0.0393  0.0020  -0.0499 7   GLY A O    
83  H H    . GLY A 8  ? 0.1090 0.0902 0.0816 0.0100  0.0158  -0.0350 7   GLY A H    
84  H HA2  . GLY A 8  ? 0.1137 0.0951 0.0876 0.0343  0.0261  -0.0272 7   GLY A HA2  
85  H HA3  . GLY A 8  ? 0.1060 0.0889 0.0851 0.0210  0.0242  -0.0355 7   GLY A HA3  
86  N N    . PRO A 9  ? 0.1084 0.1391 0.0840 0.0524  0.0236  -0.0239 8   PRO A N    
87  C CA   . PRO A 9  ? 0.1217 0.1524 0.1008 0.0589  0.0200  -0.0412 8   PRO A CA   
88  C C    . PRO A 9  ? 0.1045 0.1317 0.0706 0.0393  0.0158  -0.0338 8   PRO A C    
89  O O    . PRO A 9  ? 0.0972 0.1169 0.0692 0.0270  0.0195  -0.0345 8   PRO A O    
90  C CB   . PRO A 9  ? 0.1879 0.1646 0.1082 0.0729  0.0261  -0.0313 8   PRO A CB   
91  C CG   . PRO A 9  ? 0.1742 0.1591 0.1244 0.0408  0.0326  0.0126  8   PRO A CG   
92  C CD   . PRO A 9  ? 0.1102 0.1572 0.1153 0.0322  0.0323  -0.0060 8   PRO A CD   
93  H HA   . PRO A 9  ? 0.1192 0.1667 0.0933 0.0581  0.0140  -0.0405 8   PRO A HA   
94  H HB2  . PRO A 9  ? 0.1719 0.1754 0.1037 0.0736  0.0253  -0.0241 8   PRO A HB2  
95  H HB3  . PRO A 9  ? 0.1883 0.1940 0.1105 0.0808  0.0287  -0.0219 8   PRO A HB3  
96  H HG2  . PRO A 9  ? 0.1712 0.1425 0.1205 0.0352  0.0373  -0.0034 8   PRO A HG2  
97  H HG3  . PRO A 9  ? 0.1880 0.1598 0.1285 0.0621  0.0501  0.0111  8   PRO A HG3  
98  H HD2  . PRO A 9  ? 0.1214 0.1361 0.1117 0.0287  0.0353  -0.0146 8   PRO A HD2  
99  H HD3  . PRO A 9  ? 0.1352 0.1602 0.1128 0.0494  0.0381  -0.0036 8   PRO A HD3  
100 N N    . HYP A 10 ? 0.0980 0.1255 0.0936 0.0327  0.0321  -0.0392 9   HYP A N    
101 C CA   . HYP A 10 ? 0.0979 0.0996 0.0950 0.0294  0.0235  -0.0242 9   HYP A CA   
102 C C    . HYP A 10 ? 0.1114 0.0943 0.0905 0.0349  0.0289  -0.0313 9   HYP A C    
103 O O    . HYP A 10 ? 0.1287 0.0985 0.0949 0.0331  0.0453  -0.0286 9   HYP A O    
104 C CB   . HYP A 10 ? 0.0992 0.1370 0.1071 0.0264  0.0310  -0.0401 9   HYP A CB   
105 C CG   . HYP A 10 ? 0.1032 0.1843 0.1061 0.0399  0.0370  -0.0387 9   HYP A CG   
106 C CD   . HYP A 10 ? 0.1083 0.1781 0.1033 0.0402  0.0132  -0.0255 9   HYP A CD   
107 O OD1  . HYP A 10 ? 0.1076 0.1744 0.1346 0.0044  0.0307  -0.0361 9   HYP A OD1  
108 H HA   . HYP A 10 ? 0.0928 0.0901 0.0898 0.0201  0.0275  -0.0297 9   HYP A HA   
109 H HB2  . HYP A 10 ? 0.0967 0.1330 0.1136 0.0199  0.0301  -0.0426 9   HYP A HB2  
110 H HB3  . HYP A 10 ? 0.1047 0.1502 0.1016 0.0417  0.0263  -0.0356 9   HYP A HB3  
111 H HG   . HYP A 10 ? 0.1052 0.2128 0.1224 0.0410  0.0257  -0.0522 9   HYP A HG   
112 H HD22 . HYP A 10 ? 0.1181 0.1897 0.0962 0.0608  0.0223  -0.0264 9   HYP A HD22 
113 H HD23 . HYP A 10 ? 0.1135 0.1798 0.1092 0.0422  0.0179  -0.0353 9   HYP A HD23 
114 H HD1  . HYP A 10 ? 0.1043 0.1564 0.1278 0.0106  0.0378  -0.0299 9   HYP A HD1  
115 N N    . GLY A 11 ? 0.0975 0.0735 0.0965 0.0211  0.0257  -0.0328 10  GLY A N    
116 C CA   . GLY A 11 ? 0.1002 0.0869 0.1081 0.0217  0.0217  -0.0535 10  GLY A CA   
117 C C    . GLY A 11 ? 0.0879 0.0836 0.1148 0.0161  0.0262  -0.0508 10  GLY A C    
118 O O    . GLY A 11 ? 0.1047 0.1237 0.1329 0.0136  0.0271  -0.0810 10  GLY A O    
119 H H    . GLY A 11 ? 0.0948 0.0733 0.0938 0.0165  0.0240  -0.0355 10  GLY A H    
120 H HA2  . GLY A 11 ? 0.1057 0.0788 0.1112 0.0191  0.0328  -0.0473 10  GLY A HA2  
121 H HA3  . GLY A 11 ? 0.0921 0.0754 0.1044 0.0113  0.0233  -0.0515 10  GLY A HA3  
122 N N    . NLY A 12 ? 0.0934 0.1004 0.1105 0.0148  0.0347  -0.0580 11  NLY A N    
123 C CB   . NLY A 12 ? 0.0973 0.0874 0.1116 0.0087  0.0373  -0.0573 11  NLY A CB   
124 C CG   . NLY A 12 ? 0.1610 0.0910 0.1595 0.0097  0.0384  -0.0518 11  NLY A CG   
125 C CD   . NLY A 12 ? 0.1702 0.1505 0.1490 0.0265  0.0510  -0.0249 11  NLY A CD   
126 C CE   . NLY A 12 ? 0.2420 0.1722 0.2056 0.0791  0.0879  0.0028  11  NLY A CE   
127 N NZ   . NLY A 12 ? 0.3401 0.2533 0.2152 0.1366  0.1138  0.0181  11  NLY A NZ   
128 C CA   . NLY A 12 ? 0.1095 0.1156 0.1104 0.0220  0.0408  -0.0574 11  NLY A CA   
129 C C    . NLY A 12 ? 0.0986 0.1008 0.1059 0.0046  0.0457  -0.0575 11  NLY A C    
130 O O    . NLY A 12 ? 0.1004 0.0763 0.1050 -0.0019 0.0449  -0.0529 11  NLY A O    
131 H H3   . NLY A 12 ? 0.0993 0.0834 0.1194 0.0047  0.0412  -0.0618 11  NLY A H3   
132 H H4   . NLY A 12 ? 0.0968 0.0854 0.1115 0.0021  0.0341  -0.0632 11  NLY A H4   
133 H H5   . NLY A 12 ? 0.1510 0.0926 0.1650 0.0026  0.0588  -0.0605 11  NLY A H5   
134 H H6   . NLY A 12 ? 0.1595 0.1000 0.1617 0.0250  0.0562  -0.0444 11  NLY A H6   
135 H H7   . NLY A 12 ? 0.1685 0.1440 0.1422 0.0412  0.0419  -0.0235 11  NLY A H7   
136 H H8   . NLY A 12 ? 0.1589 0.1291 0.1453 0.0210  0.0449  -0.0356 11  NLY A H8   
137 H H9   . NLY A 12 ? 0.2429 0.1782 0.1943 0.0743  0.0890  -0.0005 11  NLY A H9   
138 H H10  . NLY A 12 ? 0.2507 0.1676 0.2176 0.0594  0.1057  -0.0125 11  NLY A H10  
139 H H11  . NLY A 12 ? 0.3469 0.2319 0.2392 0.1374  0.1241  0.0159  11  NLY A H11  
140 H H12  . NLY A 12 ? 0.3259 0.2449 0.2095 0.1468  0.1094  0.0304  11  NLY A H12  
141 H HA2  . NLY A 12 ? 0.1244 0.1143 0.1204 0.0291  0.0539  -0.0511 11  NLY A HA2  
142 H HA3  . NLY A 12 ? 0.1090 0.1302 0.1080 0.0310  0.0363  -0.0567 11  NLY A HA3  
143 N N    . HYP A 13 ? 0.1034 0.1088 0.1039 0.0068  0.0470  -0.0561 12  HYP A N    
144 C CA   . HYP A 13 ? 0.1155 0.0949 0.1138 -0.0057 0.0573  -0.0610 12  HYP A CA   
145 C C    . HYP A 13 ? 0.1084 0.0787 0.1086 -0.0016 0.0543  -0.0535 12  HYP A C    
146 O O    . HYP A 13 ? 0.0972 0.0680 0.1103 0.0057  0.0493  -0.0459 12  HYP A O    
147 C CB   . HYP A 13 ? 0.1350 0.1294 0.1064 -0.0011 0.0476  -0.0694 12  HYP A CB   
148 C CG   . HYP A 13 ? 0.1485 0.1704 0.0904 0.0048  0.0313  -0.0619 12  HYP A CG   
149 C CD   . HYP A 13 ? 0.1147 0.1368 0.1072 0.0209  0.0437  -0.0532 12  HYP A CD   
150 O OD1  . HYP A 13 ? 0.1673 0.2336 0.1287 -0.0346 0.0179  -0.0807 12  HYP A OD1  
151 H HA   . HYP A 13 ? 0.1005 0.0955 0.1048 -0.0092 0.0446  -0.0639 12  HYP A HA   
152 H HB2  . HYP A 13 ? 0.1236 0.1335 0.1004 -0.0034 0.0388  -0.0739 12  HYP A HB2  
153 H HB3  . HYP A 13 ? 0.1423 0.1208 0.1071 0.0039  0.0544  -0.0610 12  HYP A HB3  
154 H HG   . HYP A 13 ? 0.1575 0.1827 0.0943 0.0274  0.0415  -0.0553 12  HYP A HG   
155 H HD22 . HYP A 13 ? 0.1388 0.1321 0.1127 0.0261  0.0623  -0.0445 12  HYP A HD22 
156 H HD23 . HYP A 13 ? 0.1225 0.1532 0.1041 0.0322  0.0460  -0.0524 12  HYP A HD23 
157 H HD1  . HYP A 13 ? 0.1347 0.1927 0.1209 -0.0233 0.0190  -0.0949 12  HYP A HD1  
158 N N    . GLY A 14 ? 0.1050 0.0657 0.1172 0.0048  0.0557  -0.0453 13  GLY A N    
159 C CA   . GLY A 14 ? 0.1141 0.0646 0.1061 0.0117  0.0473  -0.0441 13  GLY A CA   
160 C C    . GLY A 14 ? 0.1041 0.0605 0.1151 0.0104  0.0490  -0.0436 13  GLY A C    
161 O O    . GLY A 14 ? 0.0936 0.0626 0.1205 0.0066  0.0478  -0.0471 13  GLY A O    
162 H H    . GLY A 14 ? 0.1016 0.0711 0.1064 0.0033  0.0459  -0.0491 13  GLY A H    
163 H HA2  . GLY A 14 ? 0.1078 0.0681 0.1167 0.0047  0.0520  -0.0517 13  GLY A HA2  
164 H HA3  . GLY A 14 ? 0.1023 0.0647 0.1046 0.0084  0.0425  -0.0450 13  GLY A HA3  
165 N N    . PRO A 15 ? 0.1059 0.0825 0.1180 0.0109  0.0505  -0.0574 14  PRO A N    
166 C CA   . PRO A 15 ? 0.0949 0.0768 0.1150 0.0045  0.0479  -0.0574 14  PRO A CA   
167 C C    . PRO A 15 ? 0.0837 0.0711 0.1049 0.0118  0.0386  -0.0462 14  PRO A C    
168 O O    . PRO A 15 ? 0.0851 0.0700 0.0969 0.0106  0.0398  -0.0415 14  PRO A O    
169 C CB   . PRO A 15 ? 0.0993 0.1071 0.1363 -0.0086 0.0513  -0.0765 14  PRO A CB   
170 C CG   . PRO A 15 ? 0.1068 0.1023 0.1592 0.0043  0.0265  -0.0623 14  PRO A CG   
171 C CD   . PRO A 15 ? 0.1128 0.0956 0.1272 0.0209  0.0380  -0.0685 14  PRO A CD   
172 H HA   . PRO A 15 ? 0.1101 0.0742 0.1278 0.0105  0.0620  -0.0510 14  PRO A HA   
173 H HB2  . PRO A 15 ? 0.1019 0.0980 0.1459 -0.0056 0.0555  -0.0755 14  PRO A HB2  
174 H HB3  . PRO A 15 ? 0.1098 0.1067 0.1630 -0.0104 0.0664  -0.0807 14  PRO A HB3  
175 H HG2  . PRO A 15 ? 0.0983 0.1093 0.1320 0.0095  0.0249  -0.0660 14  PRO A HG2  
176 H HG3  . PRO A 15 ? 0.1046 0.1286 0.1597 0.0023  0.0370  -0.0866 14  PRO A HG3  
177 H HD2  . PRO A 15 ? 0.1014 0.0976 0.1156 0.0222  0.0291  -0.0651 14  PRO A HD2  
178 H HD3  . PRO A 15 ? 0.1090 0.0992 0.1365 0.0121  0.0421  -0.0774 14  PRO A HD3  
179 N N    . HYP A 16 ? 0.0795 0.0579 0.0975 0.0074  0.0325  -0.0429 15  HYP A N    
180 C CA   . HYP A 16 ? 0.0736 0.0619 0.0870 0.0108  0.0195  -0.0441 15  HYP A CA   
181 C C    . HYP A 16 ? 0.0776 0.0662 0.0855 0.0094  0.0231  -0.0472 15  HYP A C    
182 O O    . HYP A 16 ? 0.0793 0.0752 0.1005 0.0142  0.0215  -0.0555 15  HYP A O    
183 C CB   . HYP A 16 ? 0.0946 0.0839 0.0927 0.0133  0.0298  -0.0419 15  HYP A CB   
184 C CG   . HYP A 16 ? 0.1112 0.0779 0.1215 0.0052  0.0488  -0.0389 15  HYP A CG   
185 C CD   . HYP A 16 ? 0.0938 0.0624 0.1205 -0.0013 0.0487  -0.0426 15  HYP A CD   
186 O OD1  . HYP A 16 ? 0.1213 0.0929 0.1500 0.0222  0.0343  -0.0161 15  HYP A OD1  
187 H HA   . HYP A 16 ? 0.0712 0.0685 0.0786 0.0155  0.0144  -0.0424 15  HYP A HA   
188 H HB2  . HYP A 16 ? 0.0957 0.0834 0.0879 0.0223  0.0258  -0.0377 15  HYP A HB2  
189 H HB3  . HYP A 16 ? 0.0928 0.0722 0.1026 0.0047  0.0351  -0.0475 15  HYP A HB3  
190 H HG   . HYP A 16 ? 0.1279 0.0752 0.1412 0.0110  0.0667  -0.0318 15  HYP A HG   
191 H HD22 . HYP A 16 ? 0.0939 0.0625 0.1357 -0.0110 0.0571  -0.0556 15  HYP A HD22 
192 H HD23 . HYP A 16 ? 0.1080 0.0646 0.1305 0.0035  0.0592  -0.0420 15  HYP A HD23 
193 H HD1  . HYP A 16 ? 0.1251 0.0916 0.1414 0.0187  0.0327  -0.0181 15  HYP A HD1  
194 N N    . GLY A 17 ? 0.0718 0.0625 0.0865 0.0099  0.0198  -0.0451 16  GLY A N    
195 C CA   . GLY A 17 ? 0.0753 0.0543 0.0787 0.0042  0.0246  -0.0384 16  GLY A CA   
196 C C    . GLY A 17 ? 0.0760 0.0597 0.0760 0.0048  0.0192  -0.0438 16  GLY A C    
197 O O    . GLY A 17 ? 0.0807 0.0604 0.0753 0.0107  0.0202  -0.0412 16  GLY A O    
198 H H    . GLY A 17 ? 0.0754 0.0646 0.0810 0.0135  0.0179  -0.0425 16  GLY A H    
199 H HA2  . GLY A 17 ? 0.0724 0.0621 0.0797 0.0056  0.0205  -0.0428 16  GLY A HA2  
200 H HA3  . GLY A 17 ? 0.0749 0.0551 0.0771 0.0061  0.0197  -0.0393 16  GLY A HA3  
201 N N    . PRO A 18 ? 0.0686 0.0683 0.0669 0.0070  0.0219  -0.0366 17  PRO A N    
202 C CA   . PRO A 18 ? 0.0698 0.0772 0.0724 0.0081  0.0213  -0.0435 17  PRO A CA   
203 C C    . PRO A 18 ? 0.0739 0.0684 0.0795 0.0087  0.0224  -0.0440 17  PRO A C    
204 O O    . PRO A 18 ? 0.0735 0.0599 0.0711 0.0121  0.0160  -0.0379 17  PRO A O    
205 C CB   . PRO A 18 ? 0.0813 0.0904 0.0681 0.0174  0.0154  -0.0428 17  PRO A CB   
206 C CG   . PRO A 18 ? 0.0909 0.0770 0.0734 0.0207  0.0166  -0.0334 17  PRO A CG   
207 C CD   . PRO A 18 ? 0.0858 0.0634 0.0704 0.0136  0.0185  -0.0322 17  PRO A CD   
208 H HA   . PRO A 18 ? 0.0716 0.0813 0.0831 0.0030  0.0259  -0.0522 17  PRO A HA   
209 H HB2  . PRO A 18 ? 0.0827 0.0988 0.0707 0.0218  0.0161  -0.0444 17  PRO A HB2  
210 H HB3  . PRO A 18 ? 0.0778 0.1111 0.0741 0.0182  0.0143  -0.0538 17  PRO A HB3  
211 H HG2  . PRO A 18 ? 0.0940 0.0676 0.0715 0.0214  0.0205  -0.0273 17  PRO A HG2  
212 H HG3  . PRO A 18 ? 0.0989 0.0958 0.0723 0.0330  0.0198  -0.0302 17  PRO A HG3  
213 H HD2  . PRO A 18 ? 0.0858 0.0577 0.0714 0.0129  0.0221  -0.0294 17  PRO A HD2  
214 H HD3  . PRO A 18 ? 0.0816 0.0764 0.0711 0.0162  0.0187  -0.0357 17  PRO A HD3  
215 N N    . HYP A 19 ? 0.0777 0.0747 0.0812 0.0057  0.0249  -0.0497 18  HYP A N    
216 C CA   . HYP A 19 ? 0.0876 0.0692 0.0729 0.0147  0.0205  -0.0427 18  HYP A CA   
217 C C    . HYP A 19 ? 0.0924 0.0705 0.0750 0.0170  0.0151  -0.0461 18  HYP A C    
218 O O    . HYP A 19 ? 0.1043 0.0653 0.0773 0.0247  0.0073  -0.0396 18  HYP A O    
219 C CB   . HYP A 19 ? 0.0889 0.0795 0.0763 0.0143  0.0325  -0.0407 18  HYP A CB   
220 C CG   . HYP A 19 ? 0.0952 0.0914 0.0970 -0.0037 0.0460  -0.0565 18  HYP A CG   
221 C CD   . HYP A 19 ? 0.0786 0.0975 0.0868 0.0019  0.0305  -0.0606 18  HYP A CD   
222 O OD1  . HYP A 19 ? 0.1412 0.0697 0.1027 -0.0070 0.0466  -0.0527 18  HYP A OD1  
223 H HA   . HYP A 19 ? 0.0896 0.0667 0.0729 0.0163  0.0223  -0.0402 18  HYP A HA   
224 H HB2  . HYP A 19 ? 0.0979 0.0739 0.0787 0.0151  0.0369  -0.0383 18  HYP A HB2  
225 H HB3  . HYP A 19 ? 0.0881 0.0839 0.0756 0.0148  0.0281  -0.0444 18  HYP A HB3  
226 H HG   . HYP A 19 ? 0.0956 0.0993 0.1061 -0.0047 0.0470  -0.0672 18  HYP A HG   
227 H HD22 . HYP A 19 ? 0.0796 0.1113 0.0861 0.0083  0.0264  -0.0636 18  HYP A HD22 
228 H HD23 . HYP A 19 ? 0.0797 0.1018 0.0975 -0.0022 0.0353  -0.0678 18  HYP A HD23 
229 H HD1  . HYP A 19 ? 0.1312 0.0752 0.1153 -0.0119 0.0573  -0.0616 18  HYP A HD1  
230 N N    . GLY A 20 ? 0.0967 0.0646 0.0674 0.0194  0.0087  -0.0430 19  GLY A N    
231 C CA   . GLY A 20 ? 0.0903 0.0628 0.0765 0.0149  0.0155  -0.0436 19  GLY A CA   
232 C C    . GLY A 20 ? 0.0890 0.0642 0.0720 0.0131  0.0250  -0.0358 19  GLY A C    
233 O O    . GLY A 20 ? 0.0823 0.0621 0.0754 0.0148  0.0239  -0.0345 19  GLY A O    
234 H H    . GLY A 20 ? 0.0937 0.0670 0.0676 0.0208  0.0094  -0.0433 19  GLY A H    
235 H HA2  . GLY A 20 ? 0.0962 0.0620 0.0820 0.0136  0.0210  -0.0430 19  GLY A HA2  
236 H HA3  . GLY A 20 ? 0.0930 0.0661 0.0791 0.0127  0.0160  -0.0490 19  GLY A HA3  
237 N N    . PRO A 21 ? 0.1022 0.0680 0.0898 0.0222  0.0356  -0.0334 20  PRO A N    
238 C CA   . PRO A 21 ? 0.1248 0.0877 0.0894 0.0442  0.0453  -0.0223 20  PRO A CA   
239 C C    . PRO A 21 ? 0.1005 0.0768 0.0776 0.0336  0.0308  -0.0264 20  PRO A C    
240 O O    . PRO A 21 ? 0.0950 0.0684 0.0729 0.0227  0.0271  -0.0319 20  PRO A O    
241 C CB   . PRO A 21 ? 0.1755 0.0839 0.1322 0.0593  0.0645  0.0047  20  PRO A CB   
242 C CG   . PRO A 21 ? 0.1629 0.1015 0.2073 0.0236  0.0437  -0.0022 20  PRO A CG   
243 C CD   . PRO A 21 ? 0.1194 0.0725 0.1167 0.0098  0.0494  -0.0503 20  PRO A CD   
244 H HA   . PRO A 21 ? 0.1183 0.0948 0.0846 0.0490  0.0415  -0.0187 20  PRO A HA   
245 H HB2  . PRO A 21 ? 0.1638 0.0824 0.1443 0.0505  0.0651  -0.0055 20  PRO A HB2  
246 H HB3  . PRO A 21 ? 0.1729 0.0971 0.1334 0.0683  0.0677  0.0050  20  PRO A HB3  
247 H HG2  . PRO A 21 ? 0.1757 0.0930 0.1909 0.0315  0.0752  -0.0199 20  PRO A HG2  
248 H HG3  . PRO A 21 ? 0.1725 0.0958 0.1991 0.0431  0.0665  -0.0113 20  PRO A HG3  
249 H HD2  . PRO A 21 ? 0.1155 0.0677 0.1224 0.0082  0.0456  -0.0556 20  PRO A HD2  
250 H HD3  . PRO A 21 ? 0.1165 0.0682 0.1173 0.0142  0.0509  -0.0433 20  PRO A HD3  
251 N N    . HYP A 22 ? 0.0904 0.0956 0.0612 0.0331  0.0280  -0.0211 21  HYP A N    
252 C CA   . HYP A 22 ? 0.1014 0.0936 0.0712 0.0293  0.0348  -0.0305 21  HYP A CA   
253 C C    . HYP A 22 ? 0.1128 0.0817 0.0785 0.0382  0.0345  -0.0278 21  HYP A C    
254 O O    . HYP A 22 ? 0.1429 0.0845 0.0999 0.0280  0.0468  -0.0255 21  HYP A O    
255 C CB   . HYP A 22 ? 0.0999 0.1161 0.0943 0.0307  0.0306  -0.0200 21  HYP A CB   
256 C CG   . HYP A 22 ? 0.1021 0.1465 0.0843 0.0193  0.0139  -0.0080 21  HYP A CG   
257 C CD   . HYP A 22 ? 0.0942 0.1244 0.0814 0.0331  0.0176  -0.0149 21  HYP A CD   
258 O OD1  . HYP A 22 ? 0.0968 0.1423 0.1000 0.0106  0.0097  -0.0175 21  HYP A OD1  
259 H HA   . HYP A 22 ? 0.0926 0.0916 0.0686 0.0273  0.0302  -0.0319 21  HYP A HA   
260 H HB2  . HYP A 22 ? 0.0965 0.1164 0.0859 0.0277  0.0287  -0.0254 21  HYP A HB2  
261 H HB3  . HYP A 22 ? 0.1091 0.1200 0.0848 0.0377  0.0334  -0.0168 21  HYP A HB3  
262 H HG   . HYP A 22 ? 0.1040 0.1631 0.0885 0.0352  0.0167  -0.0157 21  HYP A HG   
263 H HD22 . HYP A 22 ? 0.1131 0.1327 0.0804 0.0461  0.0279  -0.0063 21  HYP A HD22 
264 H HD23 . HYP A 22 ? 0.0966 0.1332 0.0784 0.0360  0.0191  -0.0143 21  HYP A HD23 
265 H HD1  . HYP A 22 ? 0.0961 0.1279 0.0902 0.0080  0.0124  -0.0184 21  HYP A HD1  
266 N N    . NH2 A 23 ? 0.1276 0.0835 0.0721 0.0325  0.0217  -0.0324 22  NH2 A N    
267 H HN1  . NH2 A 23 ? 0.1284 0.0851 0.0714 0.0345  0.0228  -0.0291 22  NH2 A HN1  
268 H HN2  . NH2 A 23 ? 0.1293 0.0920 0.0751 0.0317  0.0180  -0.0397 22  NH2 A HN2  
269 C C    . ACE B 1  ? 0.1694 0.1790 0.2494 0.1016  0.0329  -0.0439 0   ACE B C    
270 O O    . ACE B 1  ? 0.1871 0.2687 0.2956 0.0969  0.0588  0.0006  0   ACE B O    
271 C CH3  . ACE B 1  ? 0.2155 0.2191 0.2623 0.1083  0.0265  -0.0250 0   ACE B CH3  
272 H H1   . ACE B 1  ? 0.2128 0.2376 0.2570 0.1260  0.0248  -0.0328 0   ACE B H1   
273 H H2   . ACE B 1  ? 0.2208 0.2197 0.2658 0.1215  0.0313  -0.0249 0   ACE B H2   
274 H H3   . ACE B 1  ? 0.2287 0.2067 0.2676 0.1187  0.0420  -0.0226 0   ACE B H3   
275 N N    . GLY B 2  ? 0.1653 0.1896 0.1852 0.0827  0.0336  -0.0402 1   GLY B N    
276 C CA   . GLY B 2  ? 0.1651 0.2043 0.1483 0.1029  0.0386  -0.0605 1   GLY B CA   
277 C C    . GLY B 2  ? 0.1484 0.1543 0.1233 0.0782  0.0182  -0.0510 1   GLY B C    
278 O O    . GLY B 2  ? 0.1738 0.1454 0.1324 0.0715  0.0160  -0.0432 1   GLY B O    
279 H H    . GLY B 2  ? 0.1831 0.1814 0.1945 0.0938  0.0495  -0.0371 1   GLY B H    
280 H HA2  . GLY B 2  ? 0.1542 0.1875 0.1473 0.0857  0.0294  -0.0563 1   GLY B HA2  
281 H HA3  . GLY B 2  ? 0.1530 0.2118 0.1489 0.0957  0.0262  -0.0538 1   GLY B HA3  
282 N N    . PRO B 3  ? 0.1357 0.1838 0.0898 0.0751  0.0271  -0.0413 2   PRO B N    
283 C CA   . PRO B 3  ? 0.1334 0.1422 0.0987 0.0715  0.0269  -0.0549 2   PRO B CA   
284 C C    . PRO B 3  ? 0.0948 0.0980 0.0847 0.0480  0.0306  -0.0323 2   PRO B C    
285 O O    . PRO B 3  ? 0.0817 0.1269 0.0858 0.0392  0.0254  -0.0210 2   PRO B O    
286 C CB   . PRO B 3  ? 0.1523 0.1687 0.0861 0.0615  0.0221  -0.0499 2   PRO B CB   
287 C CG   . PRO B 3  ? 0.1557 0.1934 0.1296 0.0584  0.0213  -0.0314 2   PRO B CG   
288 C CD   . PRO B 3  ? 0.1272 0.1955 0.1359 0.0492  0.0305  -0.0348 2   PRO B CD   
289 H HA   . PRO B 3  ? 0.1424 0.1459 0.1062 0.0652  0.0346  -0.0513 2   PRO B HA   
290 H HB2  . PRO B 3  ? 0.1464 0.1696 0.0991 0.0596  0.0196  -0.0516 2   PRO B HB2  
291 H HB3  . PRO B 3  ? 0.1479 0.1731 0.1012 0.0604  0.0215  -0.0595 2   PRO B HB3  
292 H HG2  . PRO B 3  ? 0.1464 0.1881 0.1208 0.0544  0.0220  -0.0255 2   PRO B HG2  
293 H HG3  . PRO B 3  ? 0.1479 0.1932 0.1248 0.0605  0.0226  -0.0377 2   PRO B HG3  
294 H HD2  . PRO B 3  ? 0.1279 0.1950 0.1194 0.0564  0.0238  -0.0359 2   PRO B HD2  
295 H HD3  . PRO B 3  ? 0.1355 0.1979 0.1302 0.0576  0.0235  -0.0325 2   PRO B HD3  
296 N N    . HYP B 4  ? 0.0893 0.0784 0.0868 0.0364  0.0262  -0.0368 3   HYP B N    
297 C CA   . HYP B 4  ? 0.0886 0.0706 0.0741 0.0244  0.0217  -0.0233 3   HYP B CA   
298 C C    . HYP B 4  ? 0.0746 0.0686 0.0703 0.0264  0.0253  -0.0281 3   HYP B C    
299 O O    . HYP B 4  ? 0.0880 0.0852 0.0768 0.0314  0.0210  -0.0223 3   HYP B O    
300 C CB   . HYP B 4  ? 0.0879 0.0719 0.0943 0.0241  0.0255  -0.0269 3   HYP B CB   
301 C CG   . HYP B 4  ? 0.0981 0.0721 0.1063 0.0217  0.0290  -0.0307 3   HYP B CG   
302 C CD   . HYP B 4  ? 0.1038 0.0811 0.0939 0.0261  0.0198  -0.0373 3   HYP B CD   
303 O OD1  . HYP B 4  ? 0.1182 0.0798 0.1295 0.0241  0.0301  -0.0145 3   HYP B OD1  
304 H HA   . HYP B 4  ? 0.0916 0.0770 0.0760 0.0357  0.0238  -0.0224 3   HYP B HA   
305 H HB2  . HYP B 4  ? 0.0948 0.0685 0.0944 0.0266  0.0274  -0.0220 3   HYP B HB2  
306 H HB3  . HYP B 4  ? 0.0806 0.0715 0.0891 0.0190  0.0202  -0.0298 3   HYP B HB3  
307 H HG   . HYP B 4  ? 0.0995 0.0780 0.1185 0.0132  0.0325  -0.0404 3   HYP B HG   
308 H HD22 . HYP B 4  ? 0.0893 0.0864 0.0954 0.0240  0.0172  -0.0436 3   HYP B HD22 
309 H HD23 . HYP B 4  ? 0.1086 0.0833 0.1061 0.0258  0.0304  -0.0407 3   HYP B HD23 
310 H HD1  . HYP B 4  ? 0.1308 0.0799 0.1369 0.0239  0.0451  -0.0209 3   HYP B HD1  
311 N N    . GLY B 5  ? 0.0864 0.0680 0.0676 0.0221  0.0313  -0.0275 4   GLY B N    
312 C CA   . GLY B 5  ? 0.0946 0.0692 0.0586 0.0185  0.0329  -0.0254 4   GLY B CA   
313 C C    . GLY B 5  ? 0.0998 0.0687 0.0673 0.0241  0.0272  -0.0372 4   GLY B C    
314 O O    . GLY B 5  ? 0.0883 0.0721 0.0691 0.0325  0.0261  -0.0293 4   GLY B O    
315 H H    . GLY B 5  ? 0.0888 0.0757 0.0682 0.0281  0.0295  -0.0275 4   GLY B H    
316 H HA2  . GLY B 5  ? 0.0939 0.0714 0.0604 0.0181  0.0365  -0.0293 4   GLY B HA2  
317 H HA3  . GLY B 5  ? 0.0930 0.0767 0.0655 0.0175  0.0330  -0.0335 4   GLY B HA3  
318 N N    . PRO B 6  ? 0.1111 0.0674 0.0702 0.0267  0.0328  -0.0341 5   PRO B N    
319 C CA   . PRO B 6  ? 0.1229 0.0762 0.0631 0.0370  0.0282  -0.0334 5   PRO B CA   
320 C C    . PRO B 6  ? 0.1044 0.0631 0.0655 0.0220  0.0262  -0.0357 5   PRO B C    
321 O O    . PRO B 6  ? 0.0997 0.0588 0.0695 0.0222  0.0256  -0.0297 5   PRO B O    
322 C CB   . PRO B 6  ? 0.1572 0.0903 0.0893 0.0307  0.0304  -0.0173 5   PRO B CB   
323 C CG   . PRO B 6  ? 0.1616 0.0815 0.0999 0.0040  0.0300  -0.0079 5   PRO B CG   
324 C CD   . PRO B 6  ? 0.1458 0.0853 0.0670 0.0037  0.0315  -0.0369 5   PRO B CD   
325 H HA   . PRO B 6  ? 0.1207 0.0778 0.0641 0.0393  0.0246  -0.0348 5   PRO B HA   
326 H HB2  . PRO B 6  ? 0.1639 0.0865 0.0861 0.0305  0.0350  -0.0153 5   PRO B HB2  
327 H HB3  . PRO B 6  ? 0.1634 0.0895 0.0884 0.0397  0.0352  -0.0155 5   PRO B HB3  
328 H HG2  . PRO B 6  ? 0.1553 0.0841 0.1061 0.0011  0.0365  -0.0187 5   PRO B HG2  
329 H HG3  . PRO B 6  ? 0.1742 0.0831 0.1026 0.0050  0.0497  -0.0153 5   PRO B HG3  
330 H HD2  . PRO B 6  ? 0.1309 0.0860 0.0773 0.0040  0.0324  -0.0389 5   PRO B HD2  
331 H HD3  . PRO B 6  ? 0.1421 0.0826 0.0735 0.0107  0.0373  -0.0321 5   PRO B HD3  
332 N N    . HYP B 7  ? 0.1050 0.0667 0.0683 0.0269  0.0139  -0.0408 6   HYP B N    
333 C CA   . HYP B 7  ? 0.1034 0.0593 0.0768 0.0208  0.0202  -0.0424 6   HYP B CA   
334 C C    . HYP B 7  ? 0.0990 0.0576 0.0679 0.0166  0.0231  -0.0378 6   HYP B C    
335 O O    . HYP B 7  ? 0.1126 0.0700 0.0579 0.0040  0.0257  -0.0366 6   HYP B O    
336 C CB   . HYP B 7  ? 0.1055 0.0704 0.0870 0.0202  0.0109  -0.0527 6   HYP B CB   
337 C CG   . HYP B 7  ? 0.1230 0.0789 0.0961 0.0273  -0.0056 -0.0542 6   HYP B CG   
338 C CD   . HYP B 7  ? 0.1324 0.0749 0.0786 0.0415  -0.0010 -0.0434 6   HYP B CD   
339 O OD1  . HYP B 7  ? 0.0981 0.0778 0.1075 0.0221  -0.0020 -0.0567 6   HYP B OD1  
340 H HA   . HYP B 7  ? 0.0957 0.0576 0.0731 0.0185  0.0145  -0.0435 6   HYP B HA   
341 H HB2  . HYP B 7  ? 0.1036 0.0665 0.0856 0.0192  0.0080  -0.0529 6   HYP B HB2  
342 H HB3  . HYP B 7  ? 0.1166 0.0711 0.0836 0.0257  0.0156  -0.0476 6   HYP B HB3  
343 H HG   . HYP B 7  ? 0.1275 0.0941 0.0921 0.0397  -0.0011 -0.0542 6   HYP B HG   
344 H HD22 . HYP B 7  ? 0.1407 0.0777 0.0807 0.0448  0.0101  -0.0386 6   HYP B HD22 
345 H HD23 . HYP B 7  ? 0.1257 0.0832 0.0784 0.0415  0.0012  -0.0467 6   HYP B HD23 
346 H HD1  . HYP B 7  ? 0.1025 0.0739 0.1019 0.0211  -0.0025 -0.0594 6   HYP B HD1  
347 N N    . GLY B 8  ? 0.0908 0.0544 0.0609 0.0057  0.0170  -0.0376 7   GLY B N    
348 C CA   . GLY B 8  ? 0.0869 0.0680 0.0649 0.0132  0.0234  -0.0416 7   GLY B CA   
349 C C    . GLY B 8  ? 0.0880 0.0595 0.0758 0.0080  0.0258  -0.0444 7   GLY B C    
350 O O    . GLY B 8  ? 0.0876 0.0538 0.0717 0.0154  0.0234  -0.0366 7   GLY B O    
351 H H    . GLY B 8  ? 0.0871 0.0530 0.0586 0.0133  0.0152  -0.0354 7   GLY B H    
352 H HA2  . GLY B 8  ? 0.0898 0.0737 0.0737 0.0057  0.0269  -0.0501 7   GLY B HA2  
353 H HA3  . GLY B 8  ? 0.0820 0.0713 0.0624 0.0121  0.0173  -0.0442 7   GLY B HA3  
354 N N    . PRO B 9  ? 0.0934 0.0587 0.0908 -0.0009 0.0336  -0.0506 8   PRO B N    
355 C CA   . PRO B 9  ? 0.1167 0.0533 0.0979 0.0041  0.0462  -0.0452 8   PRO B CA   
356 C C    . PRO B 9  ? 0.1055 0.0493 0.0922 0.0078  0.0376  -0.0422 8   PRO B C    
357 O O    . PRO B 9  ? 0.0882 0.0520 0.0867 0.0086  0.0297  -0.0426 8   PRO B O    
358 C CB   . PRO B 9  ? 0.1305 0.0666 0.1314 -0.0201 0.0628  -0.0578 8   PRO B CB   
359 C CG   . PRO B 9  ? 0.1030 0.0934 0.1234 -0.0202 0.0483  -0.0757 8   PRO B CG   
360 C CD   . PRO B 9  ? 0.0893 0.0881 0.0940 -0.0111 0.0366  -0.0630 8   PRO B CD   
361 H HA   . PRO B 9  ? 0.1277 0.0483 0.0988 0.0088  0.0516  -0.0382 8   PRO B HA   
362 H HB2  . PRO B 9  ? 0.1359 0.0689 0.1351 -0.0216 0.0691  -0.0598 8   PRO B HB2  
363 H HB3  . PRO B 9  ? 0.1424 0.0685 0.1396 -0.0206 0.0765  -0.0628 8   PRO B HB3  
364 H HG2  . PRO B 9  ? 0.0963 0.0941 0.1158 -0.0167 0.0396  -0.0736 8   PRO B HG2  
365 H HG3  . PRO B 9  ? 0.1075 0.1099 0.1376 -0.0301 0.0572  -0.0904 8   PRO B HG3  
366 H HD2  . PRO B 9  ? 0.0812 0.0909 0.0894 -0.0033 0.0267  -0.0662 8   PRO B HD2  
367 H HD3  . PRO B 9  ? 0.0936 0.0895 0.1048 -0.0138 0.0439  -0.0716 8   PRO B HD3  
368 N N    . HYP B 10 ? 0.1243 0.0561 0.1214 0.0225  0.0353  -0.0375 9   HYP B N    
369 C CA   . HYP B 10 ? 0.1200 0.0643 0.1602 0.0199  0.0427  -0.0441 9   HYP B CA   
370 C C    . HYP B 10 ? 0.1171 0.0520 0.1462 0.0007  0.0672  -0.0558 9   HYP B C    
371 O O    . HYP B 10 ? 0.1310 0.0769 0.1257 -0.0137 0.0738  -0.0706 9   HYP B O    
372 C CB   . HYP B 10 ? 0.1461 0.0931 0.2154 0.0436  0.0399  -0.0290 9   HYP B CB   
373 C CG   . HYP B 10 ? 0.1688 0.0944 0.2129 0.0529  0.0194  0.0000  9   HYP B CG   
374 C CD   . HYP B 10 ? 0.1618 0.0705 0.1506 0.0268  0.0413  -0.0188 9   HYP B CD   
375 O OD1  . HYP B 10 ? 0.2111 0.1554 0.2740 0.0126  -0.0394 0.0310  9   HYP B OD1  
376 H HA   . HYP B 10 ? 0.1106 0.0587 0.1380 0.0273  0.0348  -0.0401 9   HYP B HA   
377 H HB2  . HYP B 10 ? 0.1430 0.0862 0.1919 0.0461  0.0287  -0.0218 9   HYP B HB2  
378 H HB3  . HYP B 10 ? 0.1519 0.0878 0.2111 0.0341  0.0502  -0.0249 9   HYP B HB3  
379 H HG   . HYP B 10 ? 0.1958 0.0912 0.2093 0.0518  0.0406  0.0005  9   HYP B HG   
380 H HD22 . HYP B 10 ? 0.1709 0.0694 0.1711 0.0204  0.0577  -0.0274 9   HYP B HD22 
381 H HD23 . HYP B 10 ? 0.1646 0.0698 0.1520 0.0347  0.0445  -0.0174 9   HYP B HD23 
382 H HD1  . HYP B 10 ? 0.1962 0.1591 0.2127 0.0032  -0.0236 0.0272  9   HYP B HD1  
383 N N    . GLY B 11 ? 0.1302 0.0569 0.1368 -0.0099 0.0675  -0.0617 10  GLY B N    
384 C CA   . GLY B 11 ? 0.1426 0.0882 0.1442 -0.0078 0.0913  -0.0737 10  GLY B CA   
385 C C    . GLY B 11 ? 0.1214 0.0850 0.1464 -0.0198 0.0931  -0.0740 10  GLY B C    
386 O O    . GLY B 11 ? 0.1179 0.0883 0.1618 -0.0144 0.0845  -0.0742 10  GLY B O    
387 H H    . GLY B 11 ? 0.1197 0.0521 0.1294 0.0005  0.0630  -0.0562 10  GLY B H    
388 H HA2  . GLY B 11 ? 0.1370 0.0960 0.1447 -0.0118 0.0841  -0.0829 10  GLY B HA2  
389 H HA3  . GLY B 11 ? 0.1258 0.0813 0.1327 -0.0035 0.0746  -0.0697 10  GLY B HA3  
390 N N    . NLY B 12 ? 0.1236 0.0990 0.1728 -0.0238 0.0926  -0.0978 11  NLY B N    
391 C CB   . NLY B 12 ? 0.1205 0.1115 0.1576 -0.0236 0.0841  -0.0996 11  NLY B CB   
392 C CG   . NLY B 12 ? 0.1312 0.1588 0.2290 -0.0303 0.0724  -0.0929 11  NLY B CG   
393 C CD   . NLY B 12 ? 0.1566 0.2695 0.2284 -0.0373 0.0687  -0.0695 11  NLY B CD   
394 C CE   . NLY B 12 ? 0.2249 0.2829 0.2242 0.0087  0.0472  -0.0724 11  NLY B CE   
395 N NZ   . NLY B 12 ? 0.3332 0.2992 0.3135 0.0691  0.0106  -0.0068 11  NLY B NZ   
396 C CA   . NLY B 12 ? 0.1286 0.1132 0.2128 -0.0375 0.1183  -0.1164 11  NLY B CA   
397 C C    . NLY B 12 ? 0.1303 0.0927 0.1978 -0.0299 0.1110  -0.1011 11  NLY B C    
398 O O    . NLY B 12 ? 0.1067 0.0719 0.1424 -0.0139 0.0772  -0.0710 11  NLY B O    
399 H H3   . NLY B 12 ? 0.1175 0.1181 0.1635 -0.0171 0.0840  -0.1004 11  NLY B H3   
400 H H4   . NLY B 12 ? 0.1187 0.1035 0.1557 -0.0113 0.0779  -0.0903 11  NLY B H4   
401 H H5   . NLY B 12 ? 0.1341 0.1661 0.2235 -0.0416 0.0920  -0.1132 11  NLY B H5   
402 H H6   . NLY B 12 ? 0.1360 0.1619 0.2226 -0.0354 0.0733  -0.0914 11  NLY B H6   
403 H H7   . NLY B 12 ? 0.1569 0.2403 0.2284 -0.0229 0.0580  -0.0836 11  NLY B H7   
404 H H8   . NLY B 12 ? 0.1557 0.2745 0.2397 -0.0288 0.0657  -0.1034 11  NLY B H8   
405 H H9   . NLY B 12 ? 0.2182 0.2773 0.2354 0.0092  0.0504  -0.0618 11  NLY B H9   
406 H H10  . NLY B 12 ? 0.2137 0.2253 0.2159 0.0116  0.0552  -0.0491 11  NLY B H10  
407 H H11  . NLY B 12 ? 0.3122 0.3438 0.2993 0.0683  0.0339  -0.0383 11  NLY B H11  
408 H H12  . NLY B 12 ? 0.3120 0.3048 0.2762 0.0731  0.0226  -0.0174 11  NLY B H12  
409 H HA2  . NLY B 12 ? 0.1315 0.1263 0.2164 -0.0396 0.1179  -0.1260 11  NLY B HA2  
410 H HA3  . NLY B 12 ? 0.1454 0.1059 0.2193 -0.0377 0.1272  -0.1147 11  NLY B HA3  
411 N N    . HYP B 13 ? 0.1481 0.0886 0.2305 -0.0388 0.1330  -0.1104 12  HYP B N    
412 C CA   . HYP B 13 ? 0.1367 0.0978 0.1936 -0.0199 0.1140  -0.0935 12  HYP B CA   
413 C C    . HYP B 13 ? 0.0941 0.0930 0.1569 -0.0083 0.0611  -0.0927 12  HYP B C    
414 O O    . HYP B 13 ? 0.0865 0.1135 0.1571 -0.0100 0.0651  -0.0967 12  HYP B O    
415 C CB   . HYP B 13 ? 0.1440 0.0879 0.2249 -0.0140 0.1198  -0.0949 12  HYP B CB   
416 C CG   . HYP B 13 ? 0.1572 0.0885 0.2855 -0.0352 0.1574  -0.1119 12  HYP B CG   
417 C CD   . HYP B 13 ? 0.1581 0.0946 0.3124 -0.0459 0.1764  -0.1188 12  HYP B CD   
418 O OD1  . HYP B 13 ? 0.2222 0.0943 0.2720 -0.0116 0.1730  -0.0710 12  HYP B OD1  
419 H HA   . HYP B 13 ? 0.1349 0.0822 0.1893 -0.0086 0.1057  -0.0820 12  HYP B HA   
420 H HB2  . HYP B 13 ? 0.1487 0.0843 0.2227 -0.0106 0.1248  -0.0876 12  HYP B HB2  
421 H HB3  . HYP B 13 ? 0.1387 0.0991 0.2306 -0.0250 0.1234  -0.1074 12  HYP B HB3  
422 H HG   . HYP B 13 ? 0.1819 0.0900 0.2971 -0.0424 0.1763  -0.1175 12  HYP B HG   
423 H HD22 . HYP B 13 ? 0.1624 0.1113 0.3107 -0.0517 0.1739  -0.1359 12  HYP B HD22 
424 H HD23 . HYP B 13 ? 0.1710 0.0948 0.2998 -0.0432 0.1693  -0.1240 12  HYP B HD23 
425 H HD1  . HYP B 13 ? 0.2225 0.0894 0.2879 -0.0152 0.1857  -0.0841 12  HYP B HD1  
426 N N    . GLY B 14 ? 0.0848 0.0693 0.1281 0.0023  0.0521  -0.0632 13  GLY B N    
427 C CA   . GLY B 14 ? 0.0869 0.0610 0.1391 0.0052  0.0522  -0.0601 13  GLY B CA   
428 C C    . GLY B 14 ? 0.0645 0.0620 0.1345 0.0078  0.0308  -0.0600 13  GLY B C    
429 O O    . GLY B 14 ? 0.0795 0.0614 0.1276 0.0049  0.0331  -0.0611 13  GLY B O    
430 H H    . GLY B 14 ? 0.0881 0.0634 0.1307 0.0048  0.0524  -0.0607 13  GLY B H    
431 H HA2  . GLY B 14 ? 0.0799 0.0679 0.1321 0.0106  0.0426  -0.0603 13  GLY B HA2  
432 H HA3  . GLY B 14 ? 0.0836 0.0553 0.1291 0.0107  0.0441  -0.0537 13  GLY B HA3  
433 N N    . PRO B 15 ? 0.0774 0.0648 0.1254 0.0244  0.0201  -0.0503 14  PRO B N    
434 C CA   . PRO B 15 ? 0.0978 0.0657 0.1183 0.0256  0.0066  -0.0445 14  PRO B CA   
435 C C    . PRO B 15 ? 0.0855 0.0568 0.0826 0.0155  0.0113  -0.0356 14  PRO B C    
436 O O    . PRO B 15 ? 0.0743 0.0587 0.0776 0.0134  0.0213  -0.0440 14  PRO B O    
437 C CB   . PRO B 15 ? 0.1363 0.0961 0.1304 0.0481  0.0015  -0.0152 14  PRO B CB   
438 C CG   . PRO B 15 ? 0.1437 0.0880 0.1570 0.0100  0.0030  -0.0363 14  PRO B CG   
439 C CD   . PRO B 15 ? 0.0971 0.0674 0.1387 0.0142  0.0182  -0.0365 14  PRO B CD   
440 H HA   . PRO B 15 ? 0.0948 0.0911 0.1191 0.0245  0.0075  -0.0527 14  PRO B HA   
441 H HB2  . PRO B 15 ? 0.1370 0.0743 0.1291 0.0355  0.0036  -0.0212 14  PRO B HB2  
442 H HB3  . PRO B 15 ? 0.1329 0.1108 0.1360 0.0457  0.0022  -0.0332 14  PRO B HB3  
443 H HG2  . PRO B 15 ? 0.1461 0.0831 0.1449 0.0313  0.0136  -0.0205 14  PRO B HG2  
444 H HG3  . PRO B 15 ? 0.1475 0.1104 0.1459 0.0320  0.0059  -0.0355 14  PRO B HG3  
445 H HD2  . PRO B 15 ? 0.0986 0.0539 0.1346 0.0130  0.0180  -0.0342 14  PRO B HD2  
446 H HD3  . PRO B 15 ? 0.1018 0.0684 0.1374 0.0176  0.0162  -0.0382 14  PRO B HD3  
447 N N    . HYP B 16 ? 0.0781 0.0654 0.0844 0.0152  0.0122  -0.0408 15  HYP B N    
448 C CA   . HYP B 16 ? 0.0950 0.0511 0.0755 0.0138  0.0238  -0.0357 15  HYP B CA   
449 C C    . HYP B 16 ? 0.0881 0.0521 0.0636 0.0212  0.0144  -0.0340 15  HYP B C    
450 O O    . HYP B 16 ? 0.0902 0.0630 0.0618 0.0276  0.0150  -0.0284 15  HYP B O    
451 C CB   . HYP B 16 ? 0.1072 0.0655 0.0898 0.0059  0.0197  -0.0463 15  HYP B CB   
452 C CG   . HYP B 16 ? 0.1022 0.0967 0.1098 0.0027  0.0086  -0.0516 15  HYP B CG   
453 C CD   . HYP B 16 ? 0.0968 0.0910 0.1096 0.0131  -0.0075 -0.0423 15  HYP B CD   
454 O OD1  . HYP B 16 ? 0.1027 0.1010 0.1321 -0.0094 0.0249  -0.0476 15  HYP B OD1  
455 H HA   . HYP B 16 ? 0.0981 0.0415 0.0792 0.0089  0.0267  -0.0342 15  HYP B HA   
456 H HB2  . HYP B 16 ? 0.1104 0.0598 0.1005 0.0000  0.0265  -0.0465 15  HYP B HB2  
457 H HB3  . HYP B 16 ? 0.1005 0.0740 0.0848 0.0150  0.0124  -0.0428 15  HYP B HB3  
458 H HG   . HYP B 16 ? 0.0995 0.1237 0.1170 0.0049  0.0072  -0.0672 15  HYP B HG   
459 H HD22 . HYP B 16 ? 0.0943 0.1070 0.0974 0.0274  -0.0085 -0.0432 15  HYP B HD22 
460 H HD23 . HYP B 16 ? 0.0994 0.1039 0.1124 0.0119  -0.0033 -0.0521 15  HYP B HD23 
461 H HD1  . HYP B 16 ? 0.1052 0.0832 0.1290 -0.0077 0.0250  -0.0412 15  HYP B HD1  
462 N N    . GLY B 17 ? 0.0868 0.0559 0.0585 0.0211  0.0218  -0.0264 16  GLY B N    
463 C CA   . GLY B 17 ? 0.0806 0.0560 0.0684 0.0209  0.0189  -0.0367 16  GLY B CA   
464 C C    . GLY B 17 ? 0.0932 0.0411 0.0704 0.0209  0.0167  -0.0302 16  GLY B C    
465 O O    . GLY B 17 ? 0.1056 0.0581 0.0658 0.0190  0.0175  -0.0390 16  GLY B O    
466 H H    . GLY B 17 ? 0.0929 0.0470 0.0658 0.0179  0.0264  -0.0305 16  GLY B H    
467 H HA2  . GLY B 17 ? 0.0842 0.0501 0.0641 0.0232  0.0191  -0.0303 16  GLY B HA2  
468 H HA3  . GLY B 17 ? 0.0869 0.0477 0.0654 0.0214  0.0206  -0.0312 16  GLY B HA3  
469 N N    . PRO B 18 ? 0.0968 0.0507 0.0752 0.0210  0.0245  -0.0346 17  PRO B N    
470 C CA   . PRO B 18 ? 0.1135 0.0628 0.0836 0.0220  0.0356  -0.0393 17  PRO B CA   
471 C C    . PRO B 18 ? 0.0791 0.0565 0.0716 0.0138  0.0272  -0.0356 17  PRO B C    
472 O O    . PRO B 18 ? 0.0851 0.0600 0.0696 0.0191  0.0238  -0.0374 17  PRO B O    
473 C CB   . PRO B 18 ? 0.1374 0.0615 0.1019 0.0081  0.0372  -0.0419 17  PRO B CB   
474 C CG   . PRO B 18 ? 0.1028 0.1003 0.1183 -0.0029 0.0285  -0.0144 17  PRO B CG   
475 C CD   . PRO B 18 ? 0.0885 0.0505 0.0934 0.0153  0.0254  -0.0351 17  PRO B CD   
476 H HA   . PRO B 18 ? 0.1143 0.0705 0.0816 0.0253  0.0340  -0.0395 17  PRO B HA   
477 H HB2  . PRO B 18 ? 0.1312 0.0680 0.1028 0.0128  0.0374  -0.0333 17  PRO B HB2  
478 H HB3  . PRO B 18 ? 0.1388 0.0732 0.1028 0.0168  0.0431  -0.0322 17  PRO B HB3  
479 H HG2  . PRO B 18 ? 0.1101 0.0858 0.1093 -0.0040 0.0295  -0.0316 17  PRO B HG2  
480 H HG3  . PRO B 18 ? 0.1191 0.0902 0.1207 0.0040  0.0402  -0.0299 17  PRO B HG3  
481 H HD2  . PRO B 18 ? 0.0873 0.0561 0.0896 0.0134  0.0249  -0.0366 17  PRO B HD2  
482 H HD3  . PRO B 18 ? 0.0940 0.0516 0.0928 0.0166  0.0308  -0.0341 17  PRO B HD3  
483 N N    . HYP B 19 ? 0.0776 0.0644 0.0690 0.0185  0.0284  -0.0330 18  HYP B N    
484 C CA   . HYP B 19 ? 0.0888 0.0538 0.0688 0.0147  0.0321  -0.0309 18  HYP B CA   
485 C C    . HYP B 19 ? 0.0887 0.0533 0.0712 0.0143  0.0295  -0.0339 18  HYP B C    
486 O O    . HYP B 19 ? 0.0890 0.0556 0.0883 0.0120  0.0288  -0.0333 18  HYP B O    
487 C CB   . HYP B 19 ? 0.0873 0.0807 0.0679 0.0179  0.0303  -0.0397 18  HYP B CB   
488 C CG   . HYP B 19 ? 0.0875 0.0855 0.0705 0.0213  0.0192  -0.0369 18  HYP B CG   
489 C CD   . HYP B 19 ? 0.0907 0.0762 0.0712 0.0269  0.0284  -0.0335 18  HYP B CD   
490 O OD1  . HYP B 19 ? 0.0898 0.0974 0.0758 0.0143  0.0214  -0.0467 18  HYP B OD1  
491 H HA   . HYP B 19 ? 0.0854 0.0560 0.0723 0.0084  0.0333  -0.0371 18  HYP B HA   
492 H HB2  . HYP B 19 ? 0.0858 0.0820 0.0715 0.0149  0.0287  -0.0422 18  HYP B HB2  
493 H HB3  . HYP B 19 ? 0.0908 0.0700 0.0664 0.0217  0.0294  -0.0317 18  HYP B HB3  
494 H HG   . HYP B 19 ? 0.0975 0.1006 0.0688 0.0350  0.0226  -0.0348 18  HYP B HG   
495 H HD22 . HYP B 19 ? 0.0974 0.0727 0.0699 0.0320  0.0318  -0.0266 18  HYP B HD22 
496 H HD23 . HYP B 19 ? 0.0912 0.0852 0.0698 0.0301  0.0259  -0.0365 18  HYP B HD23 
497 H HD1  . HYP B 19 ? 0.0862 0.0919 0.0763 0.0099  0.0220  -0.0487 18  HYP B HD1  
498 N N    . GLY B 20 ? 0.0879 0.0513 0.0774 0.0177  0.0251  -0.0307 19  GLY B N    
499 C CA   . GLY B 20 ? 0.0875 0.0551 0.0737 0.0238  0.0260  -0.0280 19  GLY B CA   
500 C C    . GLY B 20 ? 0.0815 0.0568 0.0722 0.0231  0.0259  -0.0289 19  GLY B C    
501 O O    . GLY B 20 ? 0.0847 0.0710 0.0775 0.0172  0.0227  -0.0270 19  GLY B O    
502 H H    . GLY B 20 ? 0.0930 0.0508 0.0772 0.0163  0.0313  -0.0338 19  GLY B H    
503 H HA2  . GLY B 20 ? 0.0854 0.0598 0.0753 0.0233  0.0249  -0.0305 19  GLY B HA2  
504 H HA3  . GLY B 20 ? 0.0930 0.0572 0.0738 0.0278  0.0277  -0.0271 19  GLY B HA3  
505 N N    . PRO B 21 ? 0.0819 0.0663 0.0708 0.0186  0.0259  -0.0318 20  PRO B N    
506 C CA   . PRO B 21 ? 0.0824 0.0641 0.0708 0.0140  0.0291  -0.0348 20  PRO B CA   
507 C C    . PRO B 21 ? 0.0715 0.0687 0.0691 0.0191  0.0219  -0.0363 20  PRO B C    
508 O O    . PRO B 21 ? 0.0878 0.0735 0.0676 0.0166  0.0194  -0.0313 20  PRO B O    
509 C CB   . PRO B 21 ? 0.0875 0.0865 0.0836 0.0130  0.0259  -0.0474 20  PRO B CB   
510 C CG   . PRO B 21 ? 0.0954 0.1127 0.0874 0.0148  0.0102  -0.0397 20  PRO B CG   
511 C CD   . PRO B 21 ? 0.0953 0.0785 0.0739 0.0232  0.0201  -0.0356 20  PRO B CD   
512 H HA   . PRO B 21 ? 0.0835 0.0605 0.0754 0.0125  0.0315  -0.0326 20  PRO B HA   
513 H HB2  . PRO B 21 ? 0.0863 0.0955 0.0880 0.0109  0.0271  -0.0499 20  PRO B HB2  
514 H HB3  . PRO B 21 ? 0.0894 0.0870 0.0947 0.0037  0.0319  -0.0514 20  PRO B HB3  
515 H HG2  . PRO B 21 ? 0.0982 0.1187 0.0782 0.0253  0.0121  -0.0388 20  PRO B HG2  
516 H HG3  . PRO B 21 ? 0.0929 0.1276 0.0900 0.0197  0.0141  -0.0547 20  PRO B HG3  
517 H HD2  . PRO B 21 ? 0.0977 0.0830 0.0700 0.0292  0.0185  -0.0303 20  PRO B HD2  
518 H HD3  . PRO B 21 ? 0.0899 0.0825 0.0776 0.0184  0.0205  -0.0413 20  PRO B HD3  
519 N N    . HYP B 22 ? 0.0837 0.0739 0.0684 0.0133  0.0236  -0.0329 21  HYP B N    
520 C CA   . HYP B 22 ? 0.0789 0.0826 0.0692 0.0115  0.0251  -0.0403 21  HYP B CA   
521 C C    . HYP B 22 ? 0.0879 0.0821 0.0772 0.0225  0.0249  -0.0441 21  HYP B C    
522 O O    . HYP B 22 ? 0.1049 0.0888 0.0994 0.0300  0.0012  -0.0480 21  HYP B O    
523 C CB   . HYP B 22 ? 0.0898 0.0902 0.0837 0.0185  0.0367  -0.0379 21  HYP B CB   
524 C CG   . HYP B 22 ? 0.0957 0.0939 0.0812 0.0129  0.0338  -0.0270 21  HYP B CG   
525 C CD   . HYP B 22 ? 0.0828 0.0768 0.0862 0.0115  0.0328  -0.0298 21  HYP B CD   
526 O OD1  . HYP B 22 ? 0.1116 0.1110 0.0820 0.0126  0.0216  -0.0123 21  HYP B OD1  
527 H HA   . HYP B 22 ? 0.0799 0.0716 0.0695 0.0123  0.0254  -0.0377 21  HYP B HA   
528 H HB2  . HYP B 22 ? 0.0886 0.0889 0.0786 0.0179  0.0321  -0.0320 21  HYP B HB2  
529 H HB3  . HYP B 22 ? 0.0903 0.0984 0.0830 0.0152  0.0332  -0.0412 21  HYP B HB3  
530 H HG   . HYP B 22 ? 0.1010 0.0927 0.0912 0.0116  0.0412  -0.0286 21  HYP B HG   
531 H HD22 . HYP B 22 ? 0.0851 0.0890 0.0917 0.0064  0.0356  -0.0399 21  HYP B HD22 
532 H HD23 . HYP B 22 ? 0.0889 0.0737 0.0864 0.0120  0.0367  -0.0296 21  HYP B HD23 
533 H HD1  . HYP B 22 ? 0.1075 0.0974 0.0837 0.0123  0.0191  -0.0145 21  HYP B HD1  
534 N N    . NH2 B 23 ? 0.0996 0.0791 0.0889 0.0092  0.0199  -0.0441 22  NH2 B N    
535 H HN1  . NH2 B 23 ? 0.0987 0.0843 0.0891 0.0109  0.0194  -0.0442 22  NH2 B HN1  
536 H HN2  . NH2 B 23 ? 0.1159 0.0768 0.0959 0.0108  0.0275  -0.0388 22  NH2 B HN2  
537 C C    . ACE C 1  ? 0.1147 0.1421 0.1714 0.0317  0.0343  -0.0094 0   ACE C C    
538 O O    . ACE C 1  ? 0.1091 0.1689 0.1905 0.0408  0.0280  0.0160  0   ACE C O    
539 C CH3  . ACE C 1  ? 0.1246 0.2040 0.2101 0.0255  0.0545  0.0060  0   ACE C CH3  
540 H H1   . ACE C 1  ? 0.1217 0.2038 0.2116 0.0271  0.0497  -0.0136 0   ACE C H1   
541 H H2   . ACE C 1  ? 0.1273 0.1844 0.2086 0.0283  0.0573  0.0061  0   ACE C H2   
542 H H3   . ACE C 1  ? 0.1235 0.2045 0.2183 0.0190  0.0631  -0.0040 0   ACE C H3   
543 N N    . GLY C 2  ? 0.1106 0.1363 0.1394 0.0288  0.0352  -0.0054 1   GLY C N    
544 C CA   . GLY C 2  ? 0.0999 0.1077 0.1319 0.0365  0.0361  -0.0286 1   GLY C CA   
545 C C    . GLY C 2  ? 0.0974 0.0956 0.1285 0.0303  0.0234  -0.0265 1   GLY C C    
546 O O    . GLY C 2  ? 0.1183 0.1009 0.1384 0.0315  0.0046  -0.0273 1   GLY C O    
547 H H    . GLY C 2  ? 0.1149 0.1283 0.1542 0.0276  0.0473  -0.0084 1   GLY C H    
548 H HA2  . GLY C 2  ? 0.1062 0.1061 0.1274 0.0379  0.0296  -0.0219 1   GLY C HA2  
549 H HA3  . GLY C 2  ? 0.1060 0.1060 0.1279 0.0340  0.0356  -0.0192 1   GLY C HA3  
550 N N    . PRO C 3  ? 0.1048 0.0912 0.1113 0.0372  0.0314  -0.0238 2   PRO C N    
551 C CA   . PRO C 3  ? 0.1177 0.0930 0.1035 0.0318  0.0255  -0.0219 2   PRO C CA   
552 C C    . PRO C 3  ? 0.0825 0.0832 0.0798 0.0142  0.0237  -0.0252 2   PRO C C    
553 O O    . PRO C 3  ? 0.0735 0.0839 0.0771 0.0099  0.0210  -0.0229 2   PRO C O    
554 C CB   . PRO C 3  ? 0.1780 0.0971 0.1356 0.0058  0.0535  -0.0229 2   PRO C CB   
555 C CG   . PRO C 3  ? 0.1417 0.1716 0.1252 -0.0288 0.0233  0.0000  2   PRO C CG   
556 C CD   . PRO C 3  ? 0.1114 0.0947 0.1157 0.0273  0.0424  -0.0313 2   PRO C CD   
557 H HA   . PRO C 3  ? 0.1187 0.1042 0.1030 0.0336  0.0246  -0.0262 2   PRO C HA   
558 H HB2  . PRO C 3  ? 0.1564 0.1041 0.1241 0.0007  0.0382  -0.0158 2   PRO C HB2  
559 H HB3  . PRO C 3  ? 0.1701 0.1188 0.1284 0.0123  0.0441  -0.0204 2   PRO C HB3  
560 H HG2  . PRO C 3  ? 0.1397 0.1316 0.1301 -0.0080 0.0380  -0.0197 2   PRO C HG2  
561 H HG3  . PRO C 3  ? 0.1602 0.1688 0.1390 -0.0081 0.0411  -0.0160 2   PRO C HG3  
562 H HD2  . PRO C 3  ? 0.1087 0.1025 0.1118 0.0243  0.0404  -0.0307 2   PRO C HD2  
563 H HD3  . PRO C 3  ? 0.1130 0.1008 0.1097 0.0320  0.0406  -0.0307 2   PRO C HD3  
564 N N    . HYP C 4  ? 0.0805 0.0888 0.0726 0.0166  0.0115  -0.0187 3   HYP C N    
565 C CA   . HYP C 4  ? 0.0907 0.0930 0.0702 0.0114  0.0188  -0.0320 3   HYP C CA   
566 C C    . HYP C 4  ? 0.0852 0.0672 0.0627 0.0136  0.0234  -0.0266 3   HYP C C    
567 O O    . HYP C 4  ? 0.0777 0.0648 0.0856 0.0150  0.0224  -0.0129 3   HYP C O    
568 C CB   . HYP C 4  ? 0.1081 0.1234 0.0734 0.0227  0.0218  -0.0296 3   HYP C CB   
569 C CG   . HYP C 4  ? 0.1212 0.1392 0.0929 0.0225  0.0014  -0.0332 3   HYP C CG   
570 C CD   . HYP C 4  ? 0.1045 0.1047 0.0782 0.0214  0.0086  -0.0111 3   HYP C CD   
571 O OD1  . HYP C 4  ? 0.1237 0.1577 0.1246 0.0125  -0.0119 -0.0549 3   HYP C OD1  
572 H HA   . HYP C 4  ? 0.0856 0.0953 0.0786 0.0108  0.0219  -0.0326 3   HYP C HA   
573 H HB2  . HYP C 4  ? 0.0999 0.1248 0.0819 0.0147  0.0167  -0.0324 3   HYP C HB2  
574 H HB3  . HYP C 4  ? 0.1119 0.1073 0.0716 0.0201  0.0175  -0.0265 3   HYP C HB3  
575 H HG   . HYP C 4  ? 0.1281 0.1397 0.0920 0.0339  0.0022  -0.0314 3   HYP C HG   
576 H HD22 . HYP C 4  ? 0.1124 0.0976 0.0746 0.0242  0.0126  -0.0103 3   HYP C HD22 
577 H HD23 . HYP C 4  ? 0.1089 0.1194 0.0799 0.0302  0.0054  -0.0210 3   HYP C HD23 
578 H HD1  . HYP C 4  ? 0.1283 0.1753 0.1210 0.0241  -0.0116 -0.0594 3   HYP C HD1  
579 N N    . GLY C 5  ? 0.0851 0.0605 0.0763 0.0090  0.0238  -0.0247 4   GLY C N    
580 C CA   . GLY C 5  ? 0.0858 0.0608 0.0653 0.0136  0.0232  -0.0229 4   GLY C CA   
581 C C    . GLY C 5  ? 0.0953 0.0573 0.0726 0.0223  0.0304  -0.0224 4   GLY C C    
582 O O    . GLY C 5  ? 0.1029 0.0772 0.0724 0.0210  0.0336  -0.0156 4   GLY C O    
583 H H    . GLY C 5  ? 0.0852 0.0633 0.0774 0.0071  0.0294  -0.0249 4   GLY C H    
584 H HA2  . GLY C 5  ? 0.0907 0.0663 0.0678 0.0195  0.0228  -0.0261 4   GLY C HA2  
585 H HA3  . GLY C 5  ? 0.0944 0.0632 0.0694 0.0198  0.0290  -0.0202 4   GLY C HA3  
586 N N    . PRO C 6  ? 0.0881 0.0595 0.0861 0.0173  0.0351  -0.0287 5   PRO C N    
587 C CA   . PRO C 6  ? 0.0992 0.0699 0.0982 0.0165  0.0456  -0.0406 5   PRO C CA   
588 C C    . PRO C 6  ? 0.0762 0.0683 0.0874 0.0139  0.0383  -0.0353 5   PRO C C    
589 O O    . PRO C 6  ? 0.0960 0.0668 0.0726 0.0172  0.0281  -0.0335 5   PRO C O    
590 C CB   . PRO C 6  ? 0.1000 0.0777 0.1318 0.0085  0.0278  -0.0635 5   PRO C CB   
591 C CG   . PRO C 6  ? 0.1060 0.0842 0.1223 0.0198  0.0246  -0.0522 5   PRO C CG   
592 C CD   . PRO C 6  ? 0.0985 0.0774 0.0901 0.0241  0.0258  -0.0397 5   PRO C CD   
593 H HA   . PRO C 6  ? 0.0967 0.0628 0.1054 0.0105  0.0451  -0.0438 5   PRO C HA   
594 H HB2  . PRO C 6  ? 0.1002 0.0799 0.1178 0.0168  0.0296  -0.0562 5   PRO C HB2  
595 H HB3  . PRO C 6  ? 0.1014 0.0801 0.1359 0.0065  0.0356  -0.0693 5   PRO C HB3  
596 H HG2  . PRO C 6  ? 0.1077 0.1057 0.1199 0.0313  0.0186  -0.0638 5   PRO C HG2  
597 H HG3  . PRO C 6  ? 0.1030 0.0903 0.1283 0.0158  0.0258  -0.0656 5   PRO C HG3  
598 H HD2  . PRO C 6  ? 0.1051 0.0786 0.0889 0.0314  0.0281  -0.0325 5   PRO C HD2  
599 H HD3  . PRO C 6  ? 0.1003 0.0808 0.0907 0.0284  0.0275  -0.0386 5   PRO C HD3  
600 N N    . HYP C 7  ? 0.0983 0.0672 0.0971 0.0221  0.0467  -0.0328 6   HYP C N    
601 C CA   . HYP C 7  ? 0.0902 0.0708 0.0915 0.0171  0.0347  -0.0414 6   HYP C CA   
602 C C    . HYP C 7  ? 0.0975 0.0746 0.0823 0.0126  0.0327  -0.0456 6   HYP C C    
603 O O    . HYP C 7  ? 0.0865 0.0735 0.0941 0.0160  0.0327  -0.0467 6   HYP C O    
604 C CB   . HYP C 7  ? 0.1053 0.1030 0.0869 0.0376  0.0487  -0.0312 6   HYP C CB   
605 C CG   . HYP C 7  ? 0.1274 0.0940 0.1036 0.0205  0.0475  -0.0140 6   HYP C CG   
606 C CD   . HYP C 7  ? 0.0936 0.0845 0.1039 0.0135  0.0471  -0.0196 6   HYP C CD   
607 O OD1  . HYP C 7  ? 0.1397 0.1189 0.1006 0.0336  0.0355  0.0005  6   HYP C OD1  
608 H HA   . HYP C 7  ? 0.0881 0.0732 0.0847 0.0196  0.0355  -0.0368 6   HYP C HA   
609 H HB2  . HYP C 7  ? 0.1073 0.0914 0.0905 0.0306  0.0445  -0.0260 6   HYP C HB2  
610 H HB3  . HYP C 7  ? 0.1013 0.0901 0.0977 0.0226  0.0473  -0.0355 6   HYP C HB3  
611 H HG   . HYP C 7  ? 0.1330 0.0939 0.1131 0.0215  0.0594  -0.0177 6   HYP C HG   
612 H HD22 . HYP C 7  ? 0.0938 0.0851 0.1148 0.0106  0.0508  -0.0356 6   HYP C HD22 
613 H HD23 . HYP C 7  ? 0.1092 0.0840 0.1082 0.0149  0.0516  -0.0248 6   HYP C HD23 
614 H HD1  . HYP C 7  ? 0.1268 0.1072 0.0973 0.0315  0.0310  -0.0085 6   HYP C HD1  
615 N N    . GLY C 8  ? 0.0944 0.0621 0.0868 0.0129  0.0214  -0.0423 7   GLY C N    
616 C CA   . GLY C 8  ? 0.0985 0.0713 0.0860 0.0122  0.0352  -0.0418 7   GLY C CA   
617 C C    . GLY C 8  ? 0.0994 0.0558 0.0885 0.0098  0.0298  -0.0376 7   GLY C C    
618 O O    . GLY C 8  ? 0.0984 0.0590 0.0792 0.0079  0.0283  -0.0412 7   GLY C O    
619 H H    . GLY C 8  ? 0.0900 0.0638 0.0845 0.0094  0.0268  -0.0414 7   GLY C H    
620 H HA2  . GLY C 8  ? 0.1060 0.0736 0.0849 0.0212  0.0317  -0.0386 7   GLY C HA2  
621 H HA3  . GLY C 8  ? 0.1025 0.0625 0.0881 0.0129  0.0364  -0.0354 7   GLY C HA3  
622 N N    . PRO C 9  ? 0.0870 0.0732 0.0799 0.0140  0.0298  -0.0412 8   PRO C N    
623 C CA   . PRO C 9  ? 0.0853 0.0781 0.0952 0.0189  0.0299  -0.0478 8   PRO C CA   
624 C C    . PRO C 9  ? 0.0865 0.0613 0.0954 0.0127  0.0302  -0.0418 8   PRO C C    
625 O O    . PRO C 9  ? 0.0909 0.0607 0.1001 0.0052  0.0351  -0.0458 8   PRO C O    
626 C CB   . PRO C 9  ? 0.1198 0.1348 0.1019 0.0355  0.0227  -0.0356 8   PRO C CB   
627 C CG   . PRO C 9  ? 0.1442 0.1395 0.1526 0.0315  0.0235  -0.0023 8   PRO C CG   
628 C CD   . PRO C 9  ? 0.1227 0.0786 0.0899 0.0143  0.0266  -0.0334 8   PRO C CD   
629 H HA   . PRO C 9  ? 0.0854 0.0802 0.1009 0.0126  0.0286  -0.0573 8   PRO C HA   
630 H HB2  . PRO C 9  ? 0.1181 0.1288 0.1106 0.0342  0.0197  -0.0407 8   PRO C HB2  
631 H HB3  . PRO C 9  ? 0.1158 0.1431 0.1165 0.0425  0.0197  -0.0496 8   PRO C HB3  
632 H HG2  . PRO C 9  ? 0.1472 0.1377 0.1325 0.0332  0.0304  0.0013  8   PRO C HG2  
633 H HG3  . PRO C 9  ? 0.1588 0.1488 0.1379 0.0504  0.0280  -0.0209 8   PRO C HG3  
634 H HD2  . PRO C 9  ? 0.1189 0.0702 0.0928 0.0161  0.0375  -0.0245 8   PRO C HD2  
635 H HD3  . PRO C 9  ? 0.1232 0.0927 0.0906 0.0289  0.0277  -0.0357 8   PRO C HD3  
636 N N    . HYP C 10 ? 0.0814 0.0761 0.1005 0.0083  0.0295  -0.0583 9   HYP C N    
637 C CA   . HYP C 10 ? 0.0964 0.0641 0.1108 0.0057  0.0391  -0.0541 9   HYP C CA   
638 C C    . HYP C 10 ? 0.0978 0.0666 0.1022 0.0156  0.0412  -0.0433 9   HYP C C    
639 O O    . HYP C 10 ? 0.1184 0.0808 0.1022 0.0342  0.0390  -0.0422 9   HYP C O    
640 C CB   . HYP C 10 ? 0.0942 0.0816 0.0980 -0.0006 0.0408  -0.0548 9   HYP C CB   
641 C CG   . HYP C 10 ? 0.0871 0.0893 0.1041 -0.0060 0.0310  -0.0658 9   HYP C CG   
642 C CD   . HYP C 10 ? 0.0881 0.0766 0.1104 0.0029  0.0358  -0.0597 9   HYP C CD   
643 O OD1  . HYP C 10 ? 0.1208 0.0722 0.0952 -0.0069 0.0357  -0.0518 9   HYP C OD1  
644 H HA   . HYP C 10 ? 0.0944 0.0557 0.1025 0.0015  0.0432  -0.0467 9   HYP C HA   
645 H HB2  . HYP C 10 ? 0.0937 0.0673 0.0985 -0.0039 0.0440  -0.0562 9   HYP C HB2  
646 H HB3  . HYP C 10 ? 0.0926 0.0893 0.1036 0.0046  0.0356  -0.0690 9   HYP C HB3  
647 H HG   . HYP C 10 ? 0.0914 0.0957 0.1255 -0.0120 0.0404  -0.0800 9   HYP C HG   
648 H HD22 . HYP C 10 ? 0.0877 0.1021 0.1135 0.0113  0.0279  -0.0778 9   HYP C HD22 
649 H HD23 . HYP C 10 ? 0.0867 0.0818 0.1119 0.0013  0.0351  -0.0680 9   HYP C HD23 
650 H HD1  . HYP C 10 ? 0.1136 0.0696 0.0977 -0.0077 0.0328  -0.0497 9   HYP C HD1  
651 N N    . GLY C 11 ? 0.1196 0.0589 0.1197 0.0052  0.0484  -0.0515 10  GLY C N    
652 C CA   . GLY C 11 ? 0.1256 0.0724 0.1483 0.0172  0.0679  -0.0527 10  GLY C CA   
653 C C    . GLY C 11 ? 0.1209 0.0832 0.1284 0.0192  0.0677  -0.0493 10  GLY C C    
654 O O    . GLY C 11 ? 0.1106 0.0869 0.1129 0.0223  0.0562  -0.0485 10  GLY C O    
655 H H    . GLY C 11 ? 0.1068 0.0542 0.1204 0.0020  0.0519  -0.0487 10  GLY C H    
656 H HA2  . GLY C 11 ? 0.1350 0.0739 0.1421 0.0236  0.0682  -0.0470 10  GLY C HA2  
657 H HA3  . GLY C 11 ? 0.1225 0.0623 0.1420 0.0095  0.0705  -0.0475 10  GLY C HA3  
658 N N    . NLY C 12 ? 0.1432 0.0806 0.1285 0.0347  0.0770  -0.0336 11  NLY C N    
659 C CB   . NLY C 12 ? 0.1544 0.0756 0.1643 0.0292  0.0887  -0.0425 11  NLY C CB   
660 C CG   . NLY C 12 ? 0.1966 0.1582 0.2213 0.0379  0.0795  0.0265  11  NLY C CG   
661 C CD   . NLY C 12 ? 0.2001 0.2111 0.2225 0.0637  0.0584  0.0109  11  NLY C CD   
662 C CE   . NLY C 12 ? 0.3028 0.2644 0.2732 0.0493  0.0776  0.0449  11  NLY C CE   
663 N NZ   . NLY C 12 ? 0.3332 0.3371 0.3350 0.1169  0.0815  0.0296  11  NLY C NZ   
664 C CA   . NLY C 12 ? 0.1719 0.1218 0.1397 0.0562  0.0801  -0.0511 11  NLY C CA   
665 C C    . NLY C 12 ? 0.1525 0.0926 0.1370 0.0350  0.0780  -0.0477 11  NLY C C    
666 O O    . NLY C 12 ? 0.1224 0.0759 0.1344 0.0191  0.0708  -0.0461 11  NLY C O    
667 H H3   . NLY C 12 ? 0.1533 0.0728 0.1591 0.0288  0.0928  -0.0358 11  NLY C H3   
668 H H4   . NLY C 12 ? 0.1480 0.0697 0.1601 0.0234  0.0924  -0.0364 11  NLY C H4   
669 H H5   . NLY C 12 ? 0.2081 0.1411 0.2140 0.0489  0.1017  0.0054  11  NLY C H5   
670 H H6   . NLY C 12 ? 0.2037 0.1501 0.1936 0.0638  0.0860  -0.0043 11  NLY C H6   
671 H H7   . NLY C 12 ? 0.2045 0.2135 0.2166 0.0635  0.0548  0.0122  11  NLY C H7   
672 H H8   . NLY C 12 ? 0.1819 0.1697 0.2134 0.0420  0.0681  0.0073  11  NLY C H8   
673 H H9   . NLY C 12 ? 0.2875 0.2656 0.2816 0.0632  0.0725  0.0447  11  NLY C H9   
674 H H10  . NLY C 12 ? 0.2860 0.2429 0.2851 0.0561  0.0959  0.0380  11  NLY C H10  
675 H H11  . NLY C 12 ? 0.3527 0.3284 0.3207 0.1072  0.0939  0.0458  11  NLY C H11  
676 H H12  . NLY C 12 ? 0.3421 0.3422 0.3091 0.1227  0.0759  0.0383  11  NLY C H12  
677 H HA2  . NLY C 12 ? 0.1815 0.1240 0.1387 0.0648  0.0823  -0.0452 11  NLY C HA2  
678 H HA3  . NLY C 12 ? 0.1624 0.1281 0.1375 0.0594  0.0726  -0.0540 11  NLY C HA3  
679 N N    . HYP C 13 ? 0.1128 0.1129 0.1100 0.0235  0.0466  -0.0674 12  HYP C N    
680 C CA   . HYP C 13 ? 0.1099 0.0918 0.1153 0.0138  0.0555  -0.0599 12  HYP C CA   
681 C C    . HYP C 13 ? 0.1028 0.0799 0.1019 0.0148  0.0534  -0.0448 12  HYP C C    
682 O O    . HYP C 13 ? 0.1175 0.0838 0.1050 0.0179  0.0583  -0.0452 12  HYP C O    
683 C CB   . HYP C 13 ? 0.1081 0.1263 0.1336 0.0277  0.0441  -0.0663 12  HYP C CB   
684 C CG   . HYP C 13 ? 0.1119 0.1384 0.1351 0.0302  0.0272  -0.0623 12  HYP C CG   
685 C CD   . HYP C 13 ? 0.1296 0.1287 0.1163 0.0395  0.0405  -0.0590 12  HYP C CD   
686 O OD1  . HYP C 13 ? 0.1176 0.1405 0.1588 0.0139  0.0293  -0.0860 12  HYP C OD1  
687 H HA   . HYP C 13 ? 0.0967 0.0874 0.1168 0.0059  0.0528  -0.0631 12  HYP C HA   
688 H HB2  . HYP C 13 ? 0.1025 0.1212 0.1368 0.0192  0.0432  -0.0750 12  HYP C HB2  
689 H HB3  . HYP C 13 ? 0.1190 0.1270 0.1220 0.0361  0.0452  -0.0594 12  HYP C HB3  
690 H HG   . HYP C 13 ? 0.1245 0.1665 0.1365 0.0522  0.0225  -0.0763 12  HYP C HG   
691 H HD22 . HYP C 13 ? 0.1448 0.1317 0.1119 0.0565  0.0438  -0.0537 12  HYP C HD22 
692 H HD23 . HYP C 13 ? 0.1316 0.1435 0.1226 0.0488  0.0390  -0.0680 12  HYP C HD23 
693 H HD1  . HYP C 13 ? 0.1123 0.1291 0.1502 0.0067  0.0331  -0.0786 12  HYP C HD1  
694 N N    . GLY C 14 ? 0.1064 0.0665 0.0996 0.0122  0.0451  -0.0462 13  GLY C N    
695 C CA   . GLY C 14 ? 0.0937 0.0692 0.1037 0.0048  0.0527  -0.0452 13  GLY C CA   
696 C C    . GLY C 14 ? 0.1016 0.0692 0.0794 0.0076  0.0434  -0.0393 13  GLY C C    
697 O O    . GLY C 14 ? 0.0930 0.0624 0.0881 0.0153  0.0415  -0.0344 13  GLY C O    
698 H H    . GLY C 14 ? 0.0955 0.0714 0.1043 0.0049  0.0493  -0.0516 13  GLY C H    
699 H HA2  . GLY C 14 ? 0.0950 0.0629 0.0997 0.0026  0.0527  -0.0414 13  GLY C HA2  
700 H HA3  . GLY C 14 ? 0.0905 0.0648 0.1004 0.0017  0.0475  -0.0474 13  GLY C HA3  
701 N N    . PRO C 15 ? 0.0880 0.0599 0.0811 0.0078  0.0403  -0.0331 14  PRO C N    
702 C CA   . PRO C 15 ? 0.0896 0.0589 0.0759 0.0129  0.0376  -0.0279 14  PRO C CA   
703 C C    . PRO C 15 ? 0.0909 0.0512 0.0721 0.0082  0.0292  -0.0334 14  PRO C C    
704 O O    . PRO C 15 ? 0.0831 0.0551 0.0662 0.0132  0.0284  -0.0291 14  PRO C O    
705 C CB   . PRO C 15 ? 0.0931 0.0603 0.1088 -0.0005 0.0476  -0.0330 14  PRO C CB   
706 C CG   . PRO C 15 ? 0.0918 0.0741 0.0984 -0.0068 0.0332  -0.0317 14  PRO C CG   
707 C CD   . PRO C 15 ? 0.0846 0.0589 0.0944 0.0050  0.0387  -0.0235 14  PRO C CD   
708 H HA   . PRO C 15 ? 0.1068 0.0613 0.0766 0.0212  0.0417  -0.0248 14  PRO C HA   
709 H HB2  . PRO C 15 ? 0.1006 0.0617 0.1072 0.0007  0.0485  -0.0332 14  PRO C HB2  
710 H HB3  . PRO C 15 ? 0.1108 0.0609 0.1144 0.0018  0.0570  -0.0299 14  PRO C HB3  
711 H HG2  . PRO C 15 ? 0.0823 0.0692 0.0962 -0.0029 0.0305  -0.0350 14  PRO C HG2  
712 H HG3  . PRO C 15 ? 0.0913 0.0722 0.1171 -0.0087 0.0422  -0.0416 14  PRO C HG3  
713 H HD2  . PRO C 15 ? 0.0776 0.0592 0.0838 0.0025  0.0320  -0.0278 14  PRO C HD2  
714 H HD3  . PRO C 15 ? 0.0884 0.0601 0.0971 0.0007  0.0422  -0.0285 14  PRO C HD3  
715 N N    . HYP C 16 ? 0.0931 0.0532 0.0712 0.0134  0.0299  -0.0303 15  HYP C N    
716 C CA   . HYP C 16 ? 0.0822 0.0554 0.0707 0.0127  0.0239  -0.0343 15  HYP C CA   
717 C C    . HYP C 16 ? 0.0815 0.0506 0.0731 0.0106  0.0188  -0.0373 15  HYP C C    
718 O O    . HYP C 16 ? 0.0833 0.0604 0.0819 0.0028  0.0220  -0.0378 15  HYP C O    
719 C CB   . HYP C 16 ? 0.1005 0.0650 0.0838 0.0289  0.0246  -0.0360 15  HYP C CB   
720 C CG   . HYP C 16 ? 0.1077 0.0733 0.0852 0.0251  0.0222  -0.0247 15  HYP C CG   
721 C CD   . HYP C 16 ? 0.1052 0.0513 0.0870 0.0176  0.0317  -0.0238 15  HYP C CD   
722 O OD1  . HYP C 16 ? 0.1201 0.0868 0.0781 0.0253  0.0102  -0.0166 15  HYP C OD1  
723 H HA   . HYP C 16 ? 0.0783 0.0618 0.0709 0.0137  0.0190  -0.0399 15  HYP C HA   
724 H HB2  . HYP C 16 ? 0.0988 0.0758 0.0772 0.0311  0.0177  -0.0402 15  HYP C HB2  
725 H HB3  . HYP C 16 ? 0.0991 0.0586 0.0840 0.0219  0.0273  -0.0329 15  HYP C HB3  
726 H HG   . HYP C 16 ? 0.1329 0.0758 0.0895 0.0350  0.0327  -0.0192 15  HYP C HG   
727 H HD22 . HYP C 16 ? 0.1112 0.0450 0.0952 0.0116  0.0414  -0.0260 15  HYP C HD22 
728 H HD23 . HYP C 16 ? 0.1179 0.0562 0.0886 0.0247  0.0370  -0.0212 15  HYP C HD23 
729 H HD1  . HYP C 16 ? 0.1039 0.0847 0.0772 0.0239  0.0097  -0.0267 15  HYP C HD1  
730 N N    . GLY C 17 ? 0.0790 0.0536 0.0635 0.0044  0.0127  -0.0410 16  GLY C N    
731 C CA   . GLY C 17 ? 0.0762 0.0584 0.0605 0.0110  0.0196  -0.0348 16  GLY C CA   
732 C C    . GLY C 17 ? 0.0725 0.0588 0.0578 0.0086  0.0222  -0.0309 16  GLY C C    
733 O O    . GLY C 17 ? 0.0825 0.0523 0.0653 0.0120  0.0186  -0.0341 16  GLY C O    
734 H H    . GLY C 17 ? 0.0739 0.0592 0.0660 0.0068  0.0152  -0.0429 16  GLY C H    
735 H HA2  . GLY C 17 ? 0.0758 0.0573 0.0608 0.0095  0.0182  -0.0359 16  GLY C HA2  
736 H HA3  . GLY C 17 ? 0.0783 0.0593 0.0603 0.0097  0.0214  -0.0356 16  GLY C HA3  
737 N N    . PRO C 18 ? 0.0828 0.0654 0.0651 0.0134  0.0176  -0.0412 17  PRO C N    
738 C CA   . PRO C 18 ? 0.0814 0.0638 0.0779 0.0119  0.0221  -0.0439 17  PRO C CA   
739 C C    . PRO C 18 ? 0.0831 0.0611 0.0702 0.0040  0.0251  -0.0434 17  PRO C C    
740 O O    . PRO C 18 ? 0.0801 0.0591 0.0717 0.0054  0.0267  -0.0410 17  PRO C O    
741 C CB   . PRO C 18 ? 0.1071 0.1121 0.0812 0.0183  0.0047  -0.0580 17  PRO C CB   
742 C CG   . PRO C 18 ? 0.1352 0.0971 0.0918 0.0244  -0.0026 -0.0462 17  PRO C CG   
743 C CD   . PRO C 18 ? 0.1111 0.0745 0.0636 0.0156  0.0170  -0.0332 17  PRO C CD   
744 H HA   . PRO C 18 ? 0.0869 0.0636 0.0835 0.0061  0.0251  -0.0492 17  PRO C HA   
745 H HB2  . PRO C 18 ? 0.1107 0.0976 0.0790 0.0270  0.0060  -0.0519 17  PRO C HB2  
746 H HB3  . PRO C 18 ? 0.1050 0.1076 0.0929 0.0224  0.0076  -0.0632 17  PRO C HB3  
747 H HG2  . PRO C 18 ? 0.1343 0.1135 0.0822 0.0353  0.0001  -0.0496 17  PRO C HG2  
748 H HG3  . PRO C 18 ? 0.1290 0.1090 0.0961 0.0230  -0.0016 -0.0581 17  PRO C HG3  
749 H HD2  . PRO C 18 ? 0.1123 0.0727 0.0632 0.0193  0.0198  -0.0316 17  PRO C HD2  
750 H HD3  . PRO C 18 ? 0.1065 0.0742 0.0674 0.0156  0.0138  -0.0358 17  PRO C HD3  
751 N N    . HYP C 19 ? 0.0985 0.0534 0.0821 0.0104  0.0299  -0.0405 18  HYP C N    
752 C CA   . HYP C 19 ? 0.0987 0.0680 0.0960 0.0244  0.0216  -0.0443 18  HYP C CA   
753 C C    . HYP C 19 ? 0.0923 0.0715 0.0796 0.0166  0.0160  -0.0523 18  HYP C C    
754 O O    . HYP C 19 ? 0.0979 0.1031 0.0766 0.0258  0.0214  -0.0459 18  HYP C O    
755 C CB   . HYP C 19 ? 0.1263 0.0693 0.1309 0.0290  0.0196  -0.0492 18  HYP C CB   
756 C CG   . HYP C 19 ? 0.1496 0.0587 0.1471 0.0014  0.0174  -0.0364 18  HYP C CG   
757 C CD   . HYP C 19 ? 0.1275 0.0588 0.1365 -0.0047 0.0191  -0.0338 18  HYP C CD   
758 O OD1  . HYP C 19 ? 0.1623 0.0734 0.1408 0.0150  0.0282  -0.0216 18  HYP C OD1  
759 H HA   . HYP C 19 ? 0.0998 0.0671 0.0915 0.0220  0.0236  -0.0441 18  HYP C HA   
760 H HB2  . HYP C 19 ? 0.1277 0.0700 0.1224 0.0274  0.0190  -0.0428 18  HYP C HB2  
761 H HB3  . HYP C 19 ? 0.1222 0.0713 0.1310 0.0229  0.0173  -0.0486 18  HYP C HB3  
762 H HG   . HYP C 19 ? 0.1506 0.0591 0.1563 0.0025  0.0268  -0.0437 18  HYP C HG   
763 H HD22 . HYP C 19 ? 0.1231 0.0646 0.1365 -0.0002 0.0218  -0.0473 18  HYP C HD22 
764 H HD23 . HYP C 19 ? 0.1292 0.0547 0.1382 -0.0025 0.0222  -0.0392 18  HYP C HD23 
765 H HD1  . HYP C 19 ? 0.1554 0.0677 0.1384 0.0087  0.0258  -0.0229 18  HYP C HD1  
766 N N    . GLY C 20 ? 0.0881 0.0835 0.0729 0.0214  0.0166  -0.0383 19  GLY C N    
767 C CA   . GLY C 20 ? 0.0952 0.0857 0.0783 0.0246  0.0221  -0.0354 19  GLY C CA   
768 C C    . GLY C 20 ? 0.0979 0.0944 0.0805 0.0174  0.0192  -0.0411 19  GLY C C    
769 O O    . GLY C 20 ? 0.1134 0.0913 0.0888 0.0213  0.0184  -0.0459 19  GLY C O    
770 H H    . GLY C 20 ? 0.0849 0.0831 0.0750 0.0205  0.0149  -0.0444 19  GLY C H    
771 H HA2  . GLY C 20 ? 0.1010 0.0836 0.0802 0.0255  0.0265  -0.0335 19  GLY C HA2  
772 H HA3  . GLY C 20 ? 0.0969 0.0902 0.0869 0.0177  0.0291  -0.0413 19  GLY C HA3  
773 N N    . PRO C 21 ? 0.1161 0.0993 0.0793 0.0322  0.0206  -0.0385 20  PRO C N    
774 C CA   . PRO C 21 ? 0.1228 0.1103 0.0775 0.0292  0.0165  -0.0412 20  PRO C CA   
775 C C    . PRO C 21 ? 0.1139 0.0969 0.0931 0.0204  0.0208  -0.0518 20  PRO C C    
776 O O    . PRO C 21 ? 0.1118 0.1164 0.1068 0.0149  0.0226  -0.0652 20  PRO C O    
777 C CB   . PRO C 21 ? 0.1689 0.1385 0.0829 0.0357  0.0339  -0.0265 20  PRO C CB   
778 C CG   . PRO C 21 ? 0.1746 0.1289 0.0966 0.0289  0.0293  -0.0212 20  PRO C CG   
779 C CD   . PRO C 21 ? 0.1417 0.1045 0.0936 0.0250  0.0385  -0.0296 20  PRO C CD   
780 H HA   . PRO C 21 ? 0.1217 0.1158 0.0792 0.0331  0.0076  -0.0454 20  PRO C HA   
781 H HB2  . PRO C 21 ? 0.1707 0.1294 0.0926 0.0321  0.0393  -0.0284 20  PRO C HB2  
782 H HB3  . PRO C 21 ? 0.1749 0.1438 0.0840 0.0511  0.0267  -0.0279 20  PRO C HB3  
783 H HG2  . PRO C 21 ? 0.1952 0.1291 0.1043 0.0371  0.0545  -0.0169 20  PRO C HG2  
784 H HG3  . PRO C 21 ? 0.1793 0.1353 0.0879 0.0456  0.0296  -0.0209 20  PRO C HG3  
785 H HD2  . PRO C 21 ? 0.1431 0.1046 0.1037 0.0170  0.0465  -0.0336 20  PRO C HD2  
786 H HD3  . PRO C 21 ? 0.1408 0.1027 0.0911 0.0255  0.0363  -0.0288 20  PRO C HD3  
787 N N    . HYP C 22 ? 0.1424 0.1019 0.1268 0.0292  0.0015  -0.0675 21  HYP C N    
788 C CA   . HYP C 22 ? 0.1680 0.1287 0.1505 0.0542  0.0091  -0.0630 21  HYP C CA   
789 C C    . HYP C 22 ? 0.1664 0.1613 0.1408 0.0541  0.0177  -0.0720 21  HYP C C    
790 O O    . HYP C 22 ? 0.1597 0.2085 0.1504 0.0488  0.0344  -0.0466 21  HYP C O    
791 C CB   . HYP C 22 ? 0.2200 0.1342 0.1975 0.0552  -0.0049 -0.0795 21  HYP C CB   
792 C CG   . HYP C 22 ? 0.2219 0.1434 0.1960 0.0109  -0.0295 -0.0913 21  HYP C CG   
793 C CD   . HYP C 22 ? 0.1657 0.1465 0.1398 0.0150  -0.0127 -0.0777 21  HYP C CD   
794 O OD1  . HYP C 22 ? 0.2716 0.1600 0.2886 -0.0045 -0.0075 -0.0355 21  HYP C OD1  
795 H HA   . HYP C 22 ? 0.1594 0.1264 0.1472 0.0412  0.0017  -0.0682 21  HYP C HA   
796 H HB2  . HYP C 22 ? 0.2031 0.1313 0.1859 0.0460  -0.0102 -0.0790 21  HYP C HB2  
797 H HB3  . HYP C 22 ? 0.2170 0.1445 0.1924 0.0571  -0.0073 -0.0788 21  HYP C HB3  
798 H HG   . HYP C 22 ? 0.2171 0.1633 0.1901 0.0251  -0.0311 -0.0920 21  HYP C HG   
799 H HD22 . HYP C 22 ? 0.1823 0.1455 0.1427 0.0353  -0.0108 -0.0766 21  HYP C HD22 
800 H HD23 . HYP C 22 ? 0.1621 0.1325 0.1406 0.0218  -0.0163 -0.0783 21  HYP C HD23 
801 H HD1  . HYP C 22 ? 0.2223 0.1574 0.2684 -0.0012 -0.0146 -0.0278 21  HYP C HD1  
802 N N    . NH2 C 23 ? 0.1561 0.2491 0.1620 0.0576  0.0086  -0.0920 22  NH2 C N    
803 H HN1  . NH2 C 23 ? 0.1461 0.2412 0.1661 0.0477  0.0142  -0.0969 22  NH2 C HN1  
804 H HN2  . NH2 C 23 ? 0.1564 0.2457 0.1584 0.0593  0.0076  -0.0884 22  NH2 C HN2  
805 O O    . HOH D .  ? 0.3839 0.2427 0.2418 -0.0118 -0.0378 -0.1249 101 HOH A O    
806 O O    . HOH D .  ? 0.2401 0.1423 0.2826 0.0667  0.0140  -0.0216 102 HOH A O    
807 O O    . HOH D .  ? 0.1091 0.1706 0.1123 -0.0120 0.0266  -0.0288 103 HOH A O    
808 O O    . HOH D .  ? 0.1107 0.1335 0.1244 0.0031  0.0044  -0.0167 104 HOH A O    
809 O O    . HOH D .  ? 0.2025 0.2046 0.3638 0.0225  0.0040  -0.0027 105 HOH A O    
810 O O    . HOH D .  ? 0.2173 0.1647 0.1490 0.0281  -0.0046 -0.0242 106 HOH A O    
811 O O    . HOH D .  ? 0.1035 0.1541 0.1147 -0.0112 0.0176  -0.0600 107 HOH A O    
812 O O    . HOH D .  ? 0.3109 0.1858 0.2492 0.0738  0.0818  0.0337  108 HOH A O    
813 O O    . HOH D .  ? 0.2043 0.2878 0.1813 -0.0069 0.0033  -0.0315 109 HOH A O    
814 O O    . HOH D .  ? 0.1887 0.2498 0.1868 0.0014  -0.0040 -0.0250 110 HOH A O    
815 O O    . HOH D .  ? 0.1303 0.1069 0.1186 0.0136  0.0200  -0.0319 111 HOH A O    
816 O O    . HOH D .  ? 0.1161 0.0807 0.1242 -0.0008 0.0344  -0.0518 112 HOH A O    
817 O O    . HOH D .  ? 0.1288 0.1344 0.1264 0.0121  -0.0023 -0.0307 113 HOH A O    
818 O O    . HOH D .  ? 0.2509 0.2755 0.1981 0.1026  0.0196  0.0172  114 HOH A O    
819 O O    . HOH D .  ? 0.2567 0.1975 0.2120 -0.0250 0.0088  0.0046  115 HOH A O    
820 O O    . HOH D .  ? 0.3070 0.1499 0.2101 0.0613  -0.0215 0.0200  116 HOH A O    
821 O O    . HOH D .  ? 0.0841 0.0687 0.1465 0.0068  0.0349  -0.0592 117 HOH A O    
822 O O    . HOH D .  ? 0.4100 0.2228 0.2617 -0.0269 0.0812  -0.0764 118 HOH A O    
823 O O    . HOH D .  ? 0.2312 0.2457 0.1779 0.0642  -0.0304 -0.0627 119 HOH A O    
824 O O    . HOH D .  ? 0.1317 0.1412 0.1406 0.0031  0.0240  -0.0534 120 HOH A O    
825 O O    . HOH D .  ? 0.3025 0.2095 0.2961 0.0323  0.0328  0.0176  121 HOH A O    
826 O O    . HOH D .  ? 0.2926 0.3007 0.4196 0.0534  0.0713  -0.0380 122 HOH A O    
827 O O    . HOH D .  ? 0.1552 0.1728 0.2309 0.0136  0.0113  -0.0327 123 HOH A O    
828 O O    . HOH D .  ? 0.1923 0.1918 0.1901 0.0000  0.0095  -0.0296 124 HOH A O    
829 O O    . HOH D .  ? 0.1362 0.2194 0.1871 0.0216  0.0021  -0.0452 125 HOH A O    
830 O O    . HOH D .  ? 0.1148 0.0869 0.1195 0.0308  0.0071  -0.0330 126 HOH A O    
831 O O    . HOH D .  ? 0.2698 0.2464 0.1766 0.0029  -0.0236 -0.0509 127 HOH A O    
832 O O    . HOH D .  ? 0.2267 0.1612 0.2042 0.0252  -0.0004 -0.0039 128 HOH A O    
833 O O    . HOH D .  ? 0.1380 0.0708 0.1090 0.0138  0.0163  -0.0505 129 HOH A O    
834 O O    . HOH D .  ? 0.1417 0.1939 0.1521 -0.0090 0.0107  -0.0414 130 HOH A O    
835 O O    . HOH D .  ? 0.2138 0.1635 0.3074 -0.0035 0.0087  -0.0840 131 HOH A O    
836 O O    . HOH D .  ? 0.2402 0.1756 0.2367 0.0209  -0.0188 0.0012  132 HOH A O    
837 O O    . HOH D .  ? 0.3192 0.2963 0.2936 0.1180  0.0375  0.0001  133 HOH A O    
838 O O    . HOH D .  ? 0.3074 0.1757 0.1921 0.0478  0.0267  -0.0025 134 HOH A O    
839 O O    . HOH D .  ? 0.3364 0.2698 0.2018 0.0526  -0.0312 -0.0861 135 HOH A O    
840 O O    . HOH D .  ? 0.3421 0.3729 0.2233 -0.0447 -0.0220 -0.0235 136 HOH A O    
841 O O    . HOH D .  ? 0.3948 0.2990 0.4641 0.1293  -0.0464 -0.0899 137 HOH A O    
842 O O    . HOH E .  ? 0.1543 0.1594 0.2326 -0.0063 0.0267  -0.0523 101 HOH B O    
843 O O    . HOH E .  ? 0.1905 0.1611 0.1755 0.0206  0.0271  -0.0329 102 HOH B O    
844 O O    . HOH E .  ? 0.1560 0.1447 0.1322 0.0342  0.0257  -0.0386 103 HOH B O    
845 O O    . HOH E .  ? 0.1317 0.1212 0.1089 0.0126  0.0052  -0.0482 104 HOH B O    
846 O O    . HOH E .  ? 0.1619 0.1016 0.1544 -0.0145 0.0262  -0.0302 105 HOH B O    
847 O O    . HOH E .  ? 0.1745 0.2384 0.2403 0.0422  -0.0006 0.0747  106 HOH B O    
848 O O    . HOH E .  ? 0.1688 0.1162 0.1318 0.0181  -0.0272 -0.0139 107 HOH B O    
849 O O    . HOH E .  ? 0.1838 0.1458 0.1292 0.0468  -0.0270 -0.0607 108 HOH B O    
850 O O    . HOH E .  ? 0.1613 0.1431 0.1217 0.0477  -0.0190 -0.0534 109 HOH B O    
851 O O    . HOH E .  ? 0.1455 0.1617 0.1650 0.0421  -0.0029 -0.0248 110 HOH B O    
852 O O    . HOH E .  ? 0.1565 0.1403 0.1385 0.0146  0.0328  -0.0300 111 HOH B O    
853 O O    . HOH E .  ? 0.1487 0.0989 0.1375 0.0090  0.0230  -0.0111 112 HOH B O    
854 O O    . HOH E .  ? 0.0935 0.1245 0.0917 0.0098  0.0172  -0.0422 113 HOH B O    
855 O O    . HOH E .  ? 0.1107 0.2223 0.2041 -0.0214 0.0700  -0.1063 114 HOH B O    
856 O O    . HOH E .  ? 0.1262 0.1245 0.0963 0.0295  -0.0039 -0.0405 115 HOH B O    
857 O O    . HOH E .  ? 0.2332 0.1617 0.1616 -0.0334 0.0598  -0.0325 116 HOH B O    
858 O O    . HOH E .  ? 0.1644 0.1433 0.2483 -0.0246 0.0275  -0.0603 117 HOH B O    
859 O O    . HOH E .  ? 0.2059 0.1001 0.1152 0.0185  -0.0063 -0.0158 118 HOH B O    
860 O O    . HOH E .  ? 0.1782 0.1246 0.1859 -0.0149 -0.0349 -0.0235 119 HOH B O    
861 O O    . HOH E .  ? 0.3016 0.3402 0.3713 0.0213  -0.0363 0.0198  120 HOH B O    
862 O O    . HOH E .  ? 0.1950 0.1720 0.1438 0.0097  0.0129  0.0060  121 HOH B O    
863 O O    . HOH E .  ? 0.1465 0.1723 0.1876 0.0058  0.0363  -0.0414 122 HOH B O    
864 O O    . HOH E .  ? 0.2027 0.2789 0.2212 0.0514  0.0278  0.0109  123 HOH B O    
865 O O    . HOH E .  ? 0.3572 0.1817 0.4093 0.0663  -0.0488 0.0201  124 HOH B O    
866 O O    . HOH E .  ? 0.1957 0.2228 0.2057 0.0041  0.0305  -0.0158 125 HOH B O    
867 O O    . HOH E .  ? 0.2264 0.3351 0.1872 0.0375  0.0315  -0.0640 126 HOH B O    
868 O O    . HOH E .  ? 0.2013 0.1720 0.1473 0.0021  0.0029  -0.0325 127 HOH B O    
869 O O    . HOH E .  ? 0.2181 0.1759 0.1779 0.0304  0.0210  -0.0009 128 HOH B O    
870 O O    . HOH E .  ? 0.2869 0.4542 0.3371 0.0245  -0.0075 0.0100  129 HOH B O    
871 O O    . HOH E .  ? 0.1503 0.1827 0.2142 0.0212  0.0439  0.0004  130 HOH B O    
872 O O    . HOH E .  ? 0.3273 0.2755 0.3168 0.1447  0.0188  -0.0262 131 HOH B O    
873 O O    . HOH E .  ? 0.2432 0.2242 0.1933 0.0049  0.0669  0.0022  132 HOH B O    
874 O O    . HOH E .  ? 0.2612 0.1771 0.2369 -0.0007 -0.0427 -0.0321 133 HOH B O    
875 O O    . HOH E .  ? 0.2902 0.2560 0.2436 0.0149  0.0416  -0.0392 134 HOH B O    
876 O O    . HOH E .  ? 0.3677 0.3469 0.2756 -0.0081 -0.0360 -0.0020 135 HOH B O    
877 O O    . HOH E .  ? 0.1720 0.3401 0.2376 0.0463  0.0310  0.0198  136 HOH B O    
878 O O    . HOH E .  ? 0.1637 0.1031 0.1299 0.0061  0.0269  -0.0439 137 HOH B O    
879 O O    . HOH E .  ? 0.3979 0.2764 0.3377 -0.0392 -0.1139 0.0213  138 HOH B O    
880 O O    . HOH E .  ? 0.2199 0.1351 0.1337 0.0213  -0.0044 -0.0343 139 HOH B O    
881 O O    . HOH E .  ? 0.1256 0.1119 0.1992 0.0231  0.0144  -0.0449 140 HOH B O    
882 O O    . HOH E .  ? 0.4906 0.5017 0.3318 0.0069  0.1279  -0.0721 141 HOH B O    
883 O O    . HOH F .  ? 0.2427 0.1777 0.2692 0.0342  0.0598  -0.0304 101 HOH C O    
884 O O    . HOH F .  ? 0.2265 0.2244 0.2262 0.0132  0.0188  0.0165  102 HOH C O    
885 O O    . HOH F .  ? 0.4178 0.4373 0.2827 -0.0155 0.0569  0.0423  103 HOH C O    
886 O O    . HOH F .  ? 0.1701 0.1794 0.1677 0.0513  0.0050  -0.0238 104 HOH C O    
887 O O    . HOH F .  ? 0.1731 0.2080 0.1941 0.0150  -0.0001 0.0082  105 HOH C O    
888 O O    . HOH F .  ? 0.2283 0.1869 0.1860 0.0024  -0.0014 -0.0340 106 HOH C O    
889 O O    . HOH F .  ? 0.1158 0.1153 0.1234 0.0255  0.0033  -0.0110 107 HOH C O    
890 O O    . HOH F .  ? 0.3149 0.2207 0.1563 -0.0709 0.0360  -0.0117 108 HOH C O    
891 O O    . HOH F .  ? 0.1758 0.1654 0.1848 -0.0052 0.0048  -0.0514 109 HOH C O    
892 O O    . HOH F .  ? 0.2722 0.1726 0.1153 0.0737  0.0625  0.0138  110 HOH C O    
893 O O    . HOH F .  ? 0.1842 0.1551 0.1568 -0.0006 0.0496  -0.0773 111 HOH C O    
894 O O    . HOH F .  ? 0.1421 0.0854 0.1160 0.0228  0.0250  -0.0030 112 HOH C O    
895 O O    . HOH F .  ? 0.1625 0.1993 0.3116 -0.0113 -0.0085 -0.0671 113 HOH C O    
896 O O    . HOH F .  ? 0.1547 0.1185 0.1199 0.0334  0.0237  -0.0178 114 HOH C O    
897 O O    . HOH F .  ? 0.1327 0.1286 0.1144 0.0240  0.0280  -0.0190 115 HOH C O    
898 O O    . HOH F .  ? 0.1546 0.3139 0.1746 0.0942  0.0087  0.0405  116 HOH C O    
899 O O    . HOH F .  ? 0.1429 0.1250 0.2403 -0.0026 -0.0526 0.0142  117 HOH C O    
900 O O    . HOH F .  ? 0.0946 0.0821 0.1013 -0.0109 0.0442  -0.0535 118 HOH C O    
901 O O    . HOH F .  ? 0.1984 0.2496 0.1934 0.0204  0.0314  -0.0400 119 HOH C O    
902 O O    . HOH F .  ? 0.1353 0.0843 0.1085 0.0172  0.0056  -0.0549 120 HOH C O    
903 O O    . HOH F .  ? 0.1821 0.1282 0.1782 0.0288  0.0110  -0.0372 121 HOH C O    
904 O O    . HOH F .  ? 0.1653 0.1225 0.1632 -0.0238 -0.0100 -0.0365 122 HOH C O    
905 O O    . HOH F .  ? 0.3475 0.2377 0.2706 0.0370  -0.0332 -0.1051 123 HOH C O    
906 O O    . HOH F .  ? 0.2955 0.3907 0.2550 0.0411  0.0185  0.0120  124 HOH C O    
907 O O    . HOH F .  ? 0.3703 0.2199 0.2505 0.0328  0.0222  -0.0423 125 HOH C O    
908 O O    . HOH F .  ? 0.3790 0.5114 0.3376 0.1821  -0.0195 -0.1454 126 HOH C O    
909 O O    . HOH F .  ? 0.2229 0.1715 0.1764 -0.0153 0.0433  -0.0214 127 HOH C O    
910 O O    . HOH F .  ? 0.2050 0.4126 0.3130 -0.0233 0.0100  0.0486  128 HOH C O    
911 O O    . HOH F .  ? 0.1869 0.0909 0.1517 -0.0096 0.0052  -0.0445 129 HOH C O    
912 O O    . HOH F .  ? 0.2694 0.2463 0.3547 0.0418  0.0267  -0.0075 130 HOH C O    
913 O O    . HOH F .  ? 0.3096 0.2441 0.2566 0.0706  0.0100  -0.0103 131 HOH C O    
914 O O    . HOH F .  ? 0.2905 0.2435 0.1874 0.0517  -0.0404 -0.0420 132 HOH C O    
915 O O    . HOH F .  ? 0.1675 0.1282 0.1630 0.0298  0.0549  -0.0499 133 HOH C O    
916 O O    . HOH F .  ? 0.4820 0.4983 0.2492 0.0946  0.0664  -0.1117 134 HOH C O    
917 O O    . HOH F .  ? 0.2244 0.2274 0.2608 0.0521  -0.0152 -0.0253 135 HOH C O    
918 O O    . HOH F .  ? 0.3845 0.3508 0.2554 -0.0055 0.0193  0.0028  136 HOH C O    
919 O O    . HOH F .  ? 0.1864 0.1537 0.1759 0.0571  0.0013  -0.0394 137 HOH C O    
# 
loop_
_pdbx_poly_seq_scheme.asym_id 
_pdbx_poly_seq_scheme.entity_id 
_pdbx_poly_seq_scheme.seq_id 
_pdbx_poly_seq_scheme.mon_id 
_pdbx_poly_seq_scheme.ndb_seq_num 
_pdbx_poly_seq_scheme.pdb_seq_num 
_pdbx_poly_seq_scheme.auth_seq_num 
_pdbx_poly_seq_scheme.pdb_mon_id 
_pdbx_poly_seq_scheme.auth_mon_id 
_pdbx_poly_seq_scheme.pdb_strand_id 
_pdbx_poly_seq_scheme.pdb_ins_code 
_pdbx_poly_seq_scheme.hetero 
A 1 1  ACE 1  0  0  ACE ACE A . n 
A 1 2  GLY 2  1  1  GLY GLY A . n 
A 1 3  PRO 3  2  2  PRO PRO A . n 
A 1 4  HYP 4  3  3  HYP HYP A . n 
A 1 5  GLY 5  4  4  GLY GLY A . n 
A 1 6  PRO 6  5  5  PRO PRO A . n 
A 1 7  HYP 7  6  6  HYP HYP A . n 
A 1 8  GLY 8  7  7  GLY GLY A . n 
A 1 9  PRO 9  8  8  PRO PRO A . n 
A 1 10 HYP 10 9  9  HYP HYP A . n 
A 1 11 GLY 11 10 10 GLY GLY A . n 
A 1 12 NLY 12 11 11 NLY NLY A . n 
A 1 13 HYP 13 12 12 HYP HYP A . n 
A 1 14 GLY 14 13 13 GLY GLY A . n 
A 1 15 PRO 15 14 14 PRO PRO A . n 
A 1 16 HYP 16 15 15 HYP HYP A . n 
A 1 17 GLY 17 16 16 GLY GLY A . n 
A 1 18 PRO 18 17 17 PRO PRO A . n 
A 1 19 HYP 19 18 18 HYP HYP A . n 
A 1 20 GLY 20 19 19 GLY GLY A . n 
A 1 21 PRO 21 20 20 PRO PRO A . n 
A 1 22 HYP 22 21 21 HYP HYP A . n 
A 1 23 NH2 23 22 22 NH2 NH2 A . n 
B 1 1  ACE 1  0  0  ACE ACE B . n 
B 1 2  GLY 2  1  1  GLY GLY B . n 
B 1 3  PRO 3  2  2  PRO PRO B . n 
B 1 4  HYP 4  3  3  HYP HYP B . n 
B 1 5  GLY 5  4  4  GLY GLY B . n 
B 1 6  PRO 6  5  5  PRO PRO B . n 
B 1 7  HYP 7  6  6  HYP HYP B . n 
B 1 8  GLY 8  7  7  GLY GLY B . n 
B 1 9  PRO 9  8  8  PRO PRO B . n 
B 1 10 HYP 10 9  9  HYP HYP B . n 
B 1 11 GLY 11 10 10 GLY GLY B . n 
B 1 12 NLY 12 11 11 NLY NLY B . n 
B 1 13 HYP 13 12 12 HYP HYP B . n 
B 1 14 GLY 14 13 13 GLY GLY B . n 
B 1 15 PRO 15 14 14 PRO PRO B . n 
B 1 16 HYP 16 15 15 HYP HYP B . n 
B 1 17 GLY 17 16 16 GLY GLY B . n 
B 1 18 PRO 18 17 17 PRO PRO B . n 
B 1 19 HYP 19 18 18 HYP HYP B . n 
B 1 20 GLY 20 19 19 GLY GLY B . n 
B 1 21 PRO 21 20 20 PRO PRO B . n 
B 1 22 HYP 22 21 21 HYP HYP B . n 
B 1 23 NH2 23 22 22 NH2 NH2 B . n 
C 1 1  ACE 1  0  0  ACE ACE C . n 
C 1 2  GLY 2  1  1  GLY GLY C . n 
C 1 3  PRO 3  2  2  PRO PRO C . n 
C 1 4  HYP 4  3  3  HYP HYP C . n 
C 1 5  GLY 5  4  4  GLY GLY C . n 
C 1 6  PRO 6  5  5  PRO PRO C . n 
C 1 7  HYP 7  6  6  HYP HYP C . n 
C 1 8  GLY 8  7  7  GLY GLY C . n 
C 1 9  PRO 9  8  8  PRO PRO C . n 
C 1 10 HYP 10 9  9  HYP HYP C . n 
C 1 11 GLY 11 10 10 GLY GLY C . n 
C 1 12 NLY 12 11 11 NLY NLY C . n 
C 1 13 HYP 13 12 12 HYP HYP C . n 
C 1 14 GLY 14 13 13 GLY GLY C . n 
C 1 15 PRO 15 14 14 PRO PRO C . n 
C 1 16 HYP 16 15 15 HYP HYP C . n 
C 1 17 GLY 17 16 16 GLY GLY C . n 
C 1 18 PRO 18 17 17 PRO PRO C . n 
C 1 19 HYP 19 18 18 HYP HYP C . n 
C 1 20 GLY 20 19 19 GLY GLY C . n 
C 1 21 PRO 21 20 20 PRO PRO C . n 
C 1 22 HYP 22 21 21 HYP HYP C . n 
C 1 23 NH2 23 22 22 NH2 NH2 C . n 
# 
loop_
_pdbx_nonpoly_scheme.asym_id 
_pdbx_nonpoly_scheme.entity_id 
_pdbx_nonpoly_scheme.mon_id 
_pdbx_nonpoly_scheme.ndb_seq_num 
_pdbx_nonpoly_scheme.pdb_seq_num 
_pdbx_nonpoly_scheme.auth_seq_num 
_pdbx_nonpoly_scheme.pdb_mon_id 
_pdbx_nonpoly_scheme.auth_mon_id 
_pdbx_nonpoly_scheme.pdb_strand_id 
_pdbx_nonpoly_scheme.pdb_ins_code 
D 2 HOH 1  101 98  HOH HOH A . 
D 2 HOH 2  102 68  HOH HOH A . 
D 2 HOH 3  103 3   HOH HOH A . 
D 2 HOH 4  104 5   HOH HOH A . 
D 2 HOH 5  105 91  HOH HOH A . 
D 2 HOH 6  106 28  HOH HOH A . 
D 2 HOH 7  107 26  HOH HOH A . 
D 2 HOH 8  108 12  HOH HOH A . 
D 2 HOH 9  109 103 HOH HOH A . 
D 2 HOH 10 110 48  HOH HOH A . 
D 2 HOH 11 111 8   HOH HOH A . 
D 2 HOH 12 112 7   HOH HOH A . 
D 2 HOH 13 113 13  HOH HOH A . 
D 2 HOH 14 114 56  HOH HOH A . 
D 2 HOH 15 115 50  HOH HOH A . 
D 2 HOH 16 116 64  HOH HOH A . 
D 2 HOH 17 117 4   HOH HOH A . 
D 2 HOH 18 118 41  HOH HOH A . 
D 2 HOH 19 119 95  HOH HOH A . 
D 2 HOH 20 120 11  HOH HOH A . 
D 2 HOH 21 121 113 HOH HOH A . 
D 2 HOH 22 122 70  HOH HOH A . 
D 2 HOH 23 123 40  HOH HOH A . 
D 2 HOH 24 124 63  HOH HOH A . 
D 2 HOH 25 125 87  HOH HOH A . 
D 2 HOH 26 126 86  HOH HOH A . 
D 2 HOH 27 127 101 HOH HOH A . 
D 2 HOH 28 128 61  HOH HOH A . 
D 2 HOH 29 129 31  HOH HOH A . 
D 2 HOH 30 130 79  HOH HOH A . 
D 2 HOH 31 131 80  HOH HOH A . 
D 2 HOH 32 132 83  HOH HOH A . 
D 2 HOH 33 133 71  HOH HOH A . 
D 2 HOH 34 134 107 HOH HOH A . 
D 2 HOH 35 135 93  HOH HOH A . 
D 2 HOH 36 136 114 HOH HOH A . 
D 2 HOH 37 137 115 HOH HOH A . 
E 2 HOH 1  101 52  HOH HOH B . 
E 2 HOH 2  102 92  HOH HOH B . 
E 2 HOH 3  103 62  HOH HOH B . 
E 2 HOH 4  104 75  HOH HOH B . 
E 2 HOH 5  105 2   HOH HOH B . 
E 2 HOH 6  106 16  HOH HOH B . 
E 2 HOH 7  107 46  HOH HOH B . 
E 2 HOH 8  108 24  HOH HOH B . 
E 2 HOH 9  109 19  HOH HOH B . 
E 2 HOH 10 110 20  HOH HOH B . 
E 2 HOH 11 111 33  HOH HOH B . 
E 2 HOH 12 112 9   HOH HOH B . 
E 2 HOH 13 113 14  HOH HOH B . 
E 2 HOH 14 114 54  HOH HOH B . 
E 2 HOH 15 115 18  HOH HOH B . 
E 2 HOH 16 116 88  HOH HOH B . 
E 2 HOH 17 117 36  HOH HOH B . 
E 2 HOH 18 118 17  HOH HOH B . 
E 2 HOH 19 119 22  HOH HOH B . 
E 2 HOH 20 120 109 HOH HOH B . 
E 2 HOH 21 121 37  HOH HOH B . 
E 2 HOH 22 122 45  HOH HOH B . 
E 2 HOH 23 123 47  HOH HOH B . 
E 2 HOH 24 124 104 HOH HOH B . 
E 2 HOH 25 125 72  HOH HOH B . 
E 2 HOH 26 126 43  HOH HOH B . 
E 2 HOH 27 127 35  HOH HOH B . 
E 2 HOH 28 128 55  HOH HOH B . 
E 2 HOH 29 129 106 HOH HOH B . 
E 2 HOH 30 130 82  HOH HOH B . 
E 2 HOH 31 131 89  HOH HOH B . 
E 2 HOH 32 132 49  HOH HOH B . 
E 2 HOH 33 133 42  HOH HOH B . 
E 2 HOH 34 134 65  HOH HOH B . 
E 2 HOH 35 135 69  HOH HOH B . 
E 2 HOH 36 136 102 HOH HOH B . 
E 2 HOH 37 137 76  HOH HOH B . 
E 2 HOH 38 138 60  HOH HOH B . 
E 2 HOH 39 139 78  HOH HOH B . 
E 2 HOH 40 140 27  HOH HOH B . 
E 2 HOH 41 141 112 HOH HOH B . 
F 2 HOH 1  101 44  HOH HOH C . 
F 2 HOH 2  102 29  HOH HOH C . 
F 2 HOH 3  103 96  HOH HOH C . 
F 2 HOH 4  104 38  HOH HOH C . 
F 2 HOH 5  105 15  HOH HOH C . 
F 2 HOH 6  106 53  HOH HOH C . 
F 2 HOH 7  107 39  HOH HOH C . 
F 2 HOH 8  108 67  HOH HOH C . 
F 2 HOH 9  109 77  HOH HOH C . 
F 2 HOH 10 110 32  HOH HOH C . 
F 2 HOH 11 111 59  HOH HOH C . 
F 2 HOH 12 112 99  HOH HOH C . 
F 2 HOH 13 113 34  HOH HOH C . 
F 2 HOH 14 114 57  HOH HOH C . 
F 2 HOH 15 115 21  HOH HOH C . 
F 2 HOH 16 116 25  HOH HOH C . 
F 2 HOH 17 117 10  HOH HOH C . 
F 2 HOH 18 118 1   HOH HOH C . 
F 2 HOH 19 119 51  HOH HOH C . 
F 2 HOH 20 120 6   HOH HOH C . 
F 2 HOH 21 121 100 HOH HOH C . 
F 2 HOH 22 122 23  HOH HOH C . 
F 2 HOH 23 123 97  HOH HOH C . 
F 2 HOH 24 124 94  HOH HOH C . 
F 2 HOH 25 125 90  HOH HOH C . 
F 2 HOH 26 126 110 HOH HOH C . 
F 2 HOH 27 127 66  HOH HOH C . 
F 2 HOH 28 128 73  HOH HOH C . 
F 2 HOH 29 129 85  HOH HOH C . 
F 2 HOH 30 130 74  HOH HOH C . 
F 2 HOH 31 131 84  HOH HOH C . 
F 2 HOH 32 132 111 HOH HOH C . 
F 2 HOH 33 133 30  HOH HOH C . 
F 2 HOH 34 134 108 HOH HOH C . 
F 2 HOH 35 135 58  HOH HOH C . 
F 2 HOH 36 136 105 HOH HOH C . 
F 2 HOH 37 137 81  HOH HOH C . 
# 
_pdbx_struct_assembly.id                   1 
_pdbx_struct_assembly.details              author_and_software_defined_assembly 
_pdbx_struct_assembly.method_details       PISA 
_pdbx_struct_assembly.oligomeric_details   trimeric 
_pdbx_struct_assembly.oligomeric_count     3 
# 
_pdbx_struct_assembly_gen.assembly_id       1 
_pdbx_struct_assembly_gen.oper_expression   1 
_pdbx_struct_assembly_gen.asym_id_list      A,B,C,D,E,F 
# 
loop_
_pdbx_struct_assembly_prop.biol_id 
_pdbx_struct_assembly_prop.type 
_pdbx_struct_assembly_prop.value 
_pdbx_struct_assembly_prop.details 
1 'ABSA (A^2)' 4740 ? 
1 MORE         -18  ? 
1 'SSA (A^2)'  3440 ? 
# 
_pdbx_struct_oper_list.id                   1 
_pdbx_struct_oper_list.type                 'identity operation' 
_pdbx_struct_oper_list.name                 1_555 
_pdbx_struct_oper_list.symmetry_operation   x,y,z 
_pdbx_struct_oper_list.matrix[1][1]         1.0000000000 
_pdbx_struct_oper_list.matrix[1][2]         0.0000000000 
_pdbx_struct_oper_list.matrix[1][3]         0.0000000000 
_pdbx_struct_oper_list.vector[1]            0.0000000000 
_pdbx_struct_oper_list.matrix[2][1]         0.0000000000 
_pdbx_struct_oper_list.matrix[2][2]         1.0000000000 
_pdbx_struct_oper_list.matrix[2][3]         0.0000000000 
_pdbx_struct_oper_list.vector[2]            0.0000000000 
_pdbx_struct_oper_list.matrix[3][1]         0.0000000000 
_pdbx_struct_oper_list.matrix[3][2]         0.0000000000 
_pdbx_struct_oper_list.matrix[3][3]         1.0000000000 
_pdbx_struct_oper_list.vector[3]            0.0000000000 
# 
loop_
_pdbx_audit_revision_history.ordinal 
_pdbx_audit_revision_history.data_content_type 
_pdbx_audit_revision_history.major_revision 
_pdbx_audit_revision_history.minor_revision 
_pdbx_audit_revision_history.revision_date 
1 'Structure model' 1 0 2021-07-21 
2 'Structure model' 1 1 2021-07-28 
3 'Structure model' 1 2 2021-08-11 
4 'Structure model' 1 3 2023-10-18 
5 'Structure model' 2 0 2023-11-15 
# 
_pdbx_audit_revision_details.ordinal             1 
_pdbx_audit_revision_details.revision_ordinal    1 
_pdbx_audit_revision_details.data_content_type   'Structure model' 
_pdbx_audit_revision_details.provider            repository 
_pdbx_audit_revision_details.type                'Initial release' 
_pdbx_audit_revision_details.description         ? 
_pdbx_audit_revision_details.details             ? 
# 
loop_
_pdbx_audit_revision_group.ordinal 
_pdbx_audit_revision_group.revision_ordinal 
_pdbx_audit_revision_group.data_content_type 
_pdbx_audit_revision_group.group 
1 2 'Structure model' 'Database references'    
2 3 'Structure model' 'Database references'    
3 4 'Structure model' 'Data collection'        
4 4 'Structure model' 'Refinement description' 
5 5 'Structure model' 'Atomic model'           
6 5 'Structure model' 'Data collection'        
7 5 'Structure model' 'Derived calculations'   
# 
loop_
_pdbx_audit_revision_category.ordinal 
_pdbx_audit_revision_category.revision_ordinal 
_pdbx_audit_revision_category.data_content_type 
_pdbx_audit_revision_category.category 
1  2 'Structure model' citation                      
2  2 'Structure model' citation_author               
3  3 'Structure model' citation                      
4  3 'Structure model' citation_author               
5  3 'Structure model' database_2                    
6  4 'Structure model' chem_comp_atom                
7  4 'Structure model' chem_comp_bond                
8  4 'Structure model' pdbx_initial_refinement_model 
9  5 'Structure model' atom_site                     
10 5 'Structure model' atom_site_anisotrop           
11 5 'Structure model' chem_comp_atom                
12 5 'Structure model' chem_comp_bond                
13 5 'Structure model' struct_conn                   
# 
loop_
_pdbx_audit_revision_item.ordinal 
_pdbx_audit_revision_item.revision_ordinal 
_pdbx_audit_revision_item.data_content_type 
_pdbx_audit_revision_item.item 
1  2 'Structure model' '_citation.pdbx_database_id_PubMed'       
2  2 'Structure model' '_citation.title'                         
3  2 'Structure model' '_citation_author.name'                   
4  3 'Structure model' '_citation.journal_volume'                
5  3 'Structure model' '_citation.page_first'                    
6  3 'Structure model' '_citation.page_last'                     
7  3 'Structure model' '_citation_author.name'                   
8  3 'Structure model' '_database_2.pdbx_DOI'                    
9  3 'Structure model' '_database_2.pdbx_database_accession'     
10 5 'Structure model' '_atom_site.auth_atom_id'                 
11 5 'Structure model' '_atom_site.label_atom_id'                
12 5 'Structure model' '_atom_site_anisotrop.pdbx_auth_atom_id'  
13 5 'Structure model' '_atom_site_anisotrop.pdbx_label_atom_id' 
14 5 'Structure model' '_chem_comp_atom.atom_id'                 
15 5 'Structure model' '_chem_comp_bond.atom_id_1'               
16 5 'Structure model' '_chem_comp_bond.atom_id_2'               
17 5 'Structure model' '_struct_conn.pdbx_leaving_atom_flag'     
18 5 'Structure model' '_struct_conn.ptnr1_label_atom_id'        
# 
loop_
_pdbx_refine_tls.id 
_pdbx_refine_tls.pdbx_refine_id 
_pdbx_refine_tls.details 
_pdbx_refine_tls.method 
_pdbx_refine_tls.origin_x 
_pdbx_refine_tls.origin_y 
_pdbx_refine_tls.origin_z 
_pdbx_refine_tls.T[1][1] 
_pdbx_refine_tls.T[1][1]_esd 
_pdbx_refine_tls.T[1][2] 
_pdbx_refine_tls.T[1][2]_esd 
_pdbx_refine_tls.T[1][3] 
_pdbx_refine_tls.T[1][3]_esd 
_pdbx_refine_tls.T[2][2] 
_pdbx_refine_tls.T[2][2]_esd 
_pdbx_refine_tls.T[2][3] 
_pdbx_refine_tls.T[2][3]_esd 
_pdbx_refine_tls.T[3][3] 
_pdbx_refine_tls.T[3][3]_esd 
_pdbx_refine_tls.L[1][1] 
_pdbx_refine_tls.L[1][1]_esd 
_pdbx_refine_tls.L[1][2] 
_pdbx_refine_tls.L[1][2]_esd 
_pdbx_refine_tls.L[1][3] 
_pdbx_refine_tls.L[1][3]_esd 
_pdbx_refine_tls.L[2][2] 
_pdbx_refine_tls.L[2][2]_esd 
_pdbx_refine_tls.L[2][3] 
_pdbx_refine_tls.L[2][3]_esd 
_pdbx_refine_tls.L[3][3] 
_pdbx_refine_tls.L[3][3]_esd 
_pdbx_refine_tls.S[1][1] 
_pdbx_refine_tls.S[1][1]_esd 
_pdbx_refine_tls.S[1][2] 
_pdbx_refine_tls.S[1][2]_esd 
_pdbx_refine_tls.S[1][3] 
_pdbx_refine_tls.S[1][3]_esd 
_pdbx_refine_tls.S[2][1] 
_pdbx_refine_tls.S[2][1]_esd 
_pdbx_refine_tls.S[2][2] 
_pdbx_refine_tls.S[2][2]_esd 
_pdbx_refine_tls.S[2][3] 
_pdbx_refine_tls.S[2][3]_esd 
_pdbx_refine_tls.S[3][1] 
_pdbx_refine_tls.S[3][1]_esd 
_pdbx_refine_tls.S[3][2] 
_pdbx_refine_tls.S[3][2]_esd 
_pdbx_refine_tls.S[3][3] 
_pdbx_refine_tls.S[3][3]_esd 
1 'X-RAY DIFFRACTION' ? refined -1.7197 1.4683  1.7254  0.0203 ? -0.0090 ? 0.0055 ? 0.0265 ? -0.0106 ? 0.0269 ? 5.3119 ? -3.2285 ? -4.5730 ? 2.1703 ? 2.6445 ? 4.3963 ? 0.1300  ? -0.0154 ? 0.0985  ? -0.0460 ? -0.0140 ? -0.0027 ? -0.1254 ? -0.0588 ? -0.1159 ? 
2 'X-RAY DIFFRACTION' ? refined 0.0050  0.0416  -0.2655 0.0191 ? -0.0030 ? 0.0065 ? 0.0086 ? -0.0097 ? 0.0242 ? 3.2579 ? -2.3901 ? -3.8525 ? 1.7589 ? 2.8700 ? 4.9746 ? -0.0476 ? 0.0977  ? -0.0748 ? 0.0379  ? -0.0768 ? 0.0624  ? 0.0579  ? -0.1617 ? 0.1244  ? 
3 'X-RAY DIFFRACTION' ? refined 1.7424  -1.5250 -1.7160 0.0204 ? -0.0110 ? 0.0122 ? 0.0098 ? -0.0057 ? 0.0240 ? 3.1762 ? -3.2235 ? -3.1969 ? 3.3137 ? 3.3957 ? 3.9039 ? -0.0566 ? -0.0750 ? -0.0148 ? 0.0498  ? 0.0834  ? 0.0096  ? 0.0582  ? 0.0790  ? -0.0269 ? 
# 
loop_
_pdbx_refine_tls_group.id 
_pdbx_refine_tls_group.pdbx_refine_id 
_pdbx_refine_tls_group.refine_tls_id 
_pdbx_refine_tls_group.beg_label_asym_id 
_pdbx_refine_tls_group.beg_label_seq_id 
_pdbx_refine_tls_group.beg_auth_asym_id 
_pdbx_refine_tls_group.beg_auth_seq_id 
_pdbx_refine_tls_group.beg_PDB_ins_code 
_pdbx_refine_tls_group.end_label_asym_id 
_pdbx_refine_tls_group.end_label_seq_id 
_pdbx_refine_tls_group.end_auth_asym_id 
_pdbx_refine_tls_group.end_auth_seq_id 
_pdbx_refine_tls_group.end_PDB_ins_code 
_pdbx_refine_tls_group.selection 
_pdbx_refine_tls_group.selection_details 
1 'X-RAY DIFFRACTION' 1 ? ? A 0 ? ? ? A 22 ? ? ? 
2 'X-RAY DIFFRACTION' 2 ? ? B 0 ? ? ? B 22 ? ? ? 
3 'X-RAY DIFFRACTION' 3 ? ? C 0 ? ? ? C 22 ? ? ? 
# 
_pdbx_phasing_MR.entry_id                     7JX4 
_pdbx_phasing_MR.method_rotation              ? 
_pdbx_phasing_MR.method_translation           ? 
_pdbx_phasing_MR.model_details                ? 
_pdbx_phasing_MR.R_factor                     ? 
_pdbx_phasing_MR.R_rigid_body                 ? 
_pdbx_phasing_MR.correlation_coeff_Fo_to_Fc   ? 
_pdbx_phasing_MR.correlation_coeff_Io_to_Ic   ? 
_pdbx_phasing_MR.d_res_high_rotation          2.580 
_pdbx_phasing_MR.d_res_low_rotation           35.780 
_pdbx_phasing_MR.d_res_high_translation       2.580 
_pdbx_phasing_MR.d_res_low_translation        35.780 
_pdbx_phasing_MR.packing                      ? 
_pdbx_phasing_MR.reflns_percent_rotation      ? 
_pdbx_phasing_MR.reflns_percent_translation   ? 
_pdbx_phasing_MR.sigma_F_rotation             ? 
_pdbx_phasing_MR.sigma_F_translation          ? 
_pdbx_phasing_MR.sigma_I_rotation             ? 
_pdbx_phasing_MR.sigma_I_translation          ? 
# 
_phasing.method   MR 
# 
loop_
_software.citation_id 
_software.classification 
_software.compiler_name 
_software.compiler_version 
_software.contact_author 
_software.contact_author_email 
_software.date 
_software.description 
_software.dependencies 
_software.hardware 
_software.language 
_software.location 
_software.mods 
_software.name 
_software.os 
_software.os_version 
_software.type 
_software.version 
_software.pdbx_ordinal 
? 'data reduction'  ? ? 'Zbyszek Otwinowski' hkl@hkl-xray.com            ? ? ? ? ?          http://www.hkl-xray.com/ ? HKL-2000    
? ? package .        1 
? 'data scaling'    ? ? 'Zbyszek Otwinowski' hkl@hkl-xray.com            ? ? ? ? ?          http://www.hkl-xray.com/ ? SCALEPACK   
? ? program .        2 
? phasing           ? ? 'Randy J. Read'      cimr-phaser@lists.cam.ac.uk 
'Sun Dec 24 00:47:06 2017 (svn 8297) (git 7323, 4bfedeb... )' ? ? ? ?          http://www-structmed.cimr.cam.ac.uk/phaser/  ? 
PHASER      ? ? program 2.8.1    3 
? refinement        ? ? 'Garib N. Murshudov' garib@ysbl.york.ac.uk       ? ? ? ? Fortran_77 
http://www.ccp4.ac.uk/dist/html/refmac5.html ? REFMAC      ? ? program 5.8.0258 4 
? 'data extraction' ? ? PDB                  deposit@deposit.rcsb.org    'Apr. 1, 2019' ? ? ? C++        
http://sw-tools.pdb.org/apps/PDB_EXTRACT/    ? PDB_EXTRACT ? ? package 3.25     5 
# 
_pdbx_entry_details.entry_id                 7JX4 
_pdbx_entry_details.has_ligand_of_interest   Y 
_pdbx_entry_details.compound_details         ? 
_pdbx_entry_details.source_details           ? 
_pdbx_entry_details.nonpolymer_details       ? 
_pdbx_entry_details.sequence_details         ? 
# 
loop_
_pdbx_validate_close_contact.id 
_pdbx_validate_close_contact.PDB_model_num 
_pdbx_validate_close_contact.auth_atom_id_1 
_pdbx_validate_close_contact.auth_asym_id_1 
_pdbx_validate_close_contact.auth_comp_id_1 
_pdbx_validate_close_contact.auth_seq_id_1 
_pdbx_validate_close_contact.PDB_ins_code_1 
_pdbx_validate_close_contact.label_alt_id_1 
_pdbx_validate_close_contact.auth_atom_id_2 
_pdbx_validate_close_contact.auth_asym_id_2 
_pdbx_validate_close_contact.auth_comp_id_2 
_pdbx_validate_close_contact.auth_seq_id_2 
_pdbx_validate_close_contact.PDB_ins_code_2 
_pdbx_validate_close_contact.label_alt_id_2 
_pdbx_validate_close_contact.dist 
1 1 C A HYP 21  ? ? HN1 A NH2 22  ? ? 1.60 
2 1 O B HOH 122 ? ? O   B HOH 125 ? ? 1.66 
3 1 O A ACE 0   ? ? O   A GLY 1   ? ? 1.78 
4 1 O B HOH 138 ? ? O   C HOH 132 ? ? 2.17 
# 
loop_
_pdbx_validate_symm_contact.id 
_pdbx_validate_symm_contact.PDB_model_num 
_pdbx_validate_symm_contact.auth_atom_id_1 
_pdbx_validate_symm_contact.auth_asym_id_1 
_pdbx_validate_symm_contact.auth_comp_id_1 
_pdbx_validate_symm_contact.auth_seq_id_1 
_pdbx_validate_symm_contact.PDB_ins_code_1 
_pdbx_validate_symm_contact.label_alt_id_1 
_pdbx_validate_symm_contact.site_symmetry_1 
_pdbx_validate_symm_contact.auth_atom_id_2 
_pdbx_validate_symm_contact.auth_asym_id_2 
_pdbx_validate_symm_contact.auth_comp_id_2 
_pdbx_validate_symm_contact.auth_seq_id_2 
_pdbx_validate_symm_contact.PDB_ins_code_2 
_pdbx_validate_symm_contact.label_alt_id_2 
_pdbx_validate_symm_contact.site_symmetry_2 
_pdbx_validate_symm_contact.dist 
1 1 O B HOH 102 ? ? 1_555 O B HOH 122 ? ? 2_556 1.44 
2 1 O A HOH 134 ? ? 1_555 O C HOH 125 ? ? 3_445 1.54 
3 1 O A HOH 127 ? ? 1_555 O C HOH 125 ? ? 2_556 1.68 
4 1 O B HOH 102 ? ? 1_555 O B HOH 102 ? ? 2_556 1.71 
5 1 O B HOH 108 ? ? 1_555 O C HOH 130 ? ? 4_545 2.06 
# 
loop_
_pdbx_distant_solvent_atoms.id 
_pdbx_distant_solvent_atoms.PDB_model_num 
_pdbx_distant_solvent_atoms.auth_atom_id 
_pdbx_distant_solvent_atoms.label_alt_id 
_pdbx_distant_solvent_atoms.auth_asym_id 
_pdbx_distant_solvent_atoms.auth_comp_id 
_pdbx_distant_solvent_atoms.auth_seq_id 
_pdbx_distant_solvent_atoms.PDB_ins_code 
_pdbx_distant_solvent_atoms.neighbor_macromolecule_distance 
_pdbx_distant_solvent_atoms.neighbor_ligand_distance 
1 1 O ? A HOH 136 ? 6.89 . 
2 1 O ? A HOH 137 ? 8.26 . 
3 1 O ? B HOH 141 ? 6.69 . 
# 
loop_
_chem_comp_atom.comp_id 
_chem_comp_atom.atom_id 
_chem_comp_atom.type_symbol 
_chem_comp_atom.pdbx_aromatic_flag 
_chem_comp_atom.pdbx_stereo_config 
_chem_comp_atom.pdbx_ordinal 
ACE C    C N N 1  
ACE O    O N N 2  
ACE CH3  C N N 3  
ACE H    H N N 4  
ACE H1   H N N 5  
ACE H2   H N N 6  
ACE H3   H N N 7  
GLY N    N N N 8  
GLY CA   C N N 9  
GLY C    C N N 10 
GLY O    O N N 11 
GLY OXT  O N N 12 
GLY H    H N N 13 
GLY H2   H N N 14 
GLY HA2  H N N 15 
GLY HA3  H N N 16 
GLY HXT  H N N 17 
HOH O    O N N 18 
HOH H1   H N N 19 
HOH H2   H N N 20 
HYP N    N N N 21 
HYP CA   C N S 22 
HYP C    C N N 23 
HYP O    O N N 24 
HYP CB   C N N 25 
HYP CG   C N R 26 
HYP CD   C N N 27 
HYP OD1  O N N 28 
HYP OXT  O N N 29 
HYP H    H N N 30 
HYP HA   H N N 31 
HYP HB2  H N N 32 
HYP HB3  H N N 33 
HYP HG   H N N 34 
HYP HD22 H N N 35 
HYP HD23 H N N 36 
HYP HD1  H N N 37 
HYP HXT  H N N 38 
NH2 N    N N N 39 
NH2 HN1  H N N 40 
NH2 HN2  H N N 41 
NLY N    N N N 42 
NLY CB   C N N 43 
NLY CG   C N N 44 
NLY CD   C N N 45 
NLY CE   C N N 46 
NLY NZ   N N N 47 
NLY CA   C N N 48 
NLY C    C N N 49 
NLY O    O N N 50 
NLY H    H N N 51 
NLY H3   H N N 52 
NLY H4   H N N 53 
NLY H5   H N N 54 
NLY H6   H N N 55 
NLY H7   H N N 56 
NLY H8   H N N 57 
NLY H9   H N N 58 
NLY H10  H N N 59 
NLY H11  H N N 60 
NLY H12  H N N 61 
NLY HA2  H N N 62 
NLY HA3  H N N 63 
NLY OXT  O N N 64 
NLY HXT  H N N 65 
PRO N    N N N 66 
PRO CA   C N S 67 
PRO C    C N N 68 
PRO O    O N N 69 
PRO CB   C N N 70 
PRO CG   C N N 71 
PRO CD   C N N 72 
PRO OXT  O N N 73 
PRO H    H N N 74 
PRO HA   H N N 75 
PRO HB2  H N N 76 
PRO HB3  H N N 77 
PRO HG2  H N N 78 
PRO HG3  H N N 79 
PRO HD2  H N N 80 
PRO HD3  H N N 81 
PRO HXT  H N N 82 
# 
loop_
_chem_comp_bond.comp_id 
_chem_comp_bond.atom_id_1 
_chem_comp_bond.atom_id_2 
_chem_comp_bond.value_order 
_chem_comp_bond.pdbx_aromatic_flag 
_chem_comp_bond.pdbx_stereo_config 
_chem_comp_bond.pdbx_ordinal 
ACE C   O    doub N N 1  
ACE C   CH3  sing N N 2  
ACE C   H    sing N N 3  
ACE CH3 H1   sing N N 4  
ACE CH3 H2   sing N N 5  
ACE CH3 H3   sing N N 6  
GLY N   CA   sing N N 7  
GLY N   H    sing N N 8  
GLY N   H2   sing N N 9  
GLY CA  C    sing N N 10 
GLY CA  HA2  sing N N 11 
GLY CA  HA3  sing N N 12 
GLY C   O    doub N N 13 
GLY C   OXT  sing N N 14 
GLY OXT HXT  sing N N 15 
HOH O   H1   sing N N 16 
HOH O   H2   sing N N 17 
HYP N   CA   sing N N 18 
HYP N   CD   sing N N 19 
HYP N   H    sing N N 20 
HYP CA  C    sing N N 21 
HYP CA  CB   sing N N 22 
HYP CA  HA   sing N N 23 
HYP C   O    doub N N 24 
HYP C   OXT  sing N N 25 
HYP CB  CG   sing N N 26 
HYP CB  HB2  sing N N 27 
HYP CB  HB3  sing N N 28 
HYP CG  CD   sing N N 29 
HYP CG  OD1  sing N N 30 
HYP CG  HG   sing N N 31 
HYP CD  HD22 sing N N 32 
HYP CD  HD23 sing N N 33 
HYP OD1 HD1  sing N N 34 
HYP OXT HXT  sing N N 35 
NH2 N   HN1  sing N N 36 
NH2 N   HN2  sing N N 37 
NLY NZ  CE   sing N N 38 
NLY CE  CD   sing N N 39 
NLY CD  CG   sing N N 40 
NLY CG  CB   sing N N 41 
NLY CB  N    sing N N 42 
NLY N   CA   sing N N 43 
NLY CA  C    sing N N 44 
NLY O   C    doub N N 45 
NLY N   H    sing N N 46 
NLY CB  H3   sing N N 47 
NLY CB  H4   sing N N 48 
NLY CG  H5   sing N N 49 
NLY CG  H6   sing N N 50 
NLY CD  H7   sing N N 51 
NLY CD  H8   sing N N 52 
NLY CE  H9   sing N N 53 
NLY CE  H10  sing N N 54 
NLY NZ  H11  sing N N 55 
NLY NZ  H12  sing N N 56 
NLY CA  HA2  sing N N 57 
NLY CA  HA3  sing N N 58 
NLY C   OXT  sing N N 59 
NLY OXT HXT  sing N N 60 
PRO N   CA   sing N N 61 
PRO N   CD   sing N N 62 
PRO N   H    sing N N 63 
PRO CA  C    sing N N 64 
PRO CA  CB   sing N N 65 
PRO CA  HA   sing N N 66 
PRO C   O    doub N N 67 
PRO C   OXT  sing N N 68 
PRO CB  CG   sing N N 69 
PRO CB  HB2  sing N N 70 
PRO CB  HB3  sing N N 71 
PRO CG  CD   sing N N 72 
PRO CG  HG2  sing N N 73 
PRO CG  HG3  sing N N 74 
PRO CD  HD2  sing N N 75 
PRO CD  HD3  sing N N 76 
PRO OXT HXT  sing N N 77 
# 
_pdbx_audit_support.funding_organization   
'National Institutes of Health/National Institute of General Medical Sciences (NIH/NIGMS)' 
_pdbx_audit_support.country                'United States' 
_pdbx_audit_support.grant_number           R01AR071358 
_pdbx_audit_support.ordinal                1 
# 
loop_
_pdbx_entity_instance_feature.ordinal 
_pdbx_entity_instance_feature.comp_id 
_pdbx_entity_instance_feature.asym_id 
_pdbx_entity_instance_feature.seq_num 
_pdbx_entity_instance_feature.auth_comp_id 
_pdbx_entity_instance_feature.auth_asym_id 
_pdbx_entity_instance_feature.auth_seq_num 
_pdbx_entity_instance_feature.feature_type 
_pdbx_entity_instance_feature.details 
1 ACE ? ? ACE ? ? 'SUBJECT OF INVESTIGATION' ? 
2 HYP ? ? HYP ? ? 'SUBJECT OF INVESTIGATION' ? 
3 NH2 ? ? NH2 ? ? 'SUBJECT OF INVESTIGATION' ? 
4 NLY ? ? NLY ? ? 'SUBJECT OF INVESTIGATION' ? 
# 
_pdbx_entity_nonpoly.entity_id   2 
_pdbx_entity_nonpoly.name        water 
_pdbx_entity_nonpoly.comp_id     HOH 
# 
_pdbx_initial_refinement_model.id               1 
_pdbx_initial_refinement_model.entity_id_list   ? 
_pdbx_initial_refinement_model.type             'experimental model' 
_pdbx_initial_refinement_model.source_name      PDB 
_pdbx_initial_refinement_model.accession_code   1V4F 
_pdbx_initial_refinement_model.details          ? 
# 
_pdbx_struct_assembly_auth_evidence.id                     1 
_pdbx_struct_assembly_auth_evidence.assembly_id            1 
_pdbx_struct_assembly_auth_evidence.experimental_support   none 
_pdbx_struct_assembly_auth_evidence.details                ? 
# 
